data_3DN2
# 
_entry.id   3DN2 
# 
_audit_conform.dict_name       mmcif_pdbx.dic 
_audit_conform.dict_version    5.377 
_audit_conform.dict_location   http://mmcif.pdb.org/dictionaries/ascii/mmcif_pdbx.dic 
# 
loop_
_database_2.database_id 
_database_2.database_code 
_database_2.pdbx_database_accession 
_database_2.pdbx_DOI 
PDB   3DN2         pdb_00003dn2 10.2210/pdb3dn2/pdb 
RCSB  RCSB048242   ?            ?                   
WWPDB D_1000048242 ?            ?                   
# 
loop_
_pdbx_database_related.db_name 
_pdbx_database_related.db_id 
_pdbx_database_related.details 
_pdbx_database_related.content_type 
PDB 181L 'T4 lysozyme L99A bound with benzene at room temperature' unspecified 
PDB 3DKE .                                                         unspecified 
PDB 3DMV .                                                         unspecified 
PDB 3DMX .                                                         unspecified 
PDB 3DMZ .                                                         unspecified 
PDB 3DN0 .                                                         unspecified 
PDB 3DN1 .                                                         unspecified 
PDB 3DN3 .                                                         unspecified 
PDB 3DN4 .                                                         unspecified 
PDB 3DN6 .                                                         unspecified 
PDB 3DN8 .                                                         unspecified 
PDB 3DNA .                                                         unspecified 
# 
_pdbx_database_status.status_code                     REL 
_pdbx_database_status.entry_id                        3DN2 
_pdbx_database_status.recvd_initial_deposition_date   2008-07-01 
_pdbx_database_status.deposit_site                    RCSB 
_pdbx_database_status.process_site                    RCSB 
_pdbx_database_status.status_code_sf                  REL 
_pdbx_database_status.status_code_mr                  ? 
_pdbx_database_status.SG_entry                        ? 
_pdbx_database_status.pdb_format_compatible           Y 
_pdbx_database_status.status_code_cs                  ? 
_pdbx_database_status.status_code_nmr_data            ? 
_pdbx_database_status.methods_development_category    ? 
# 
loop_
_audit_author.name 
_audit_author.pdbx_ordinal 
'Liu, L.'        1 
'Matthews, B.W.' 2 
# 
_citation.id                        primary 
_citation.title                     
'Halogenated benzenes bound within a non-polar cavity in T4 lysozyme provide examples of I...S and I...Se halogen-bonding.' 
_citation.journal_abbrev            J.Mol.Biol. 
_citation.journal_volume            385 
_citation.page_first                595 
_citation.page_last                 605 
_citation.year                      2009 
_citation.journal_id_ASTM           JMOBAK 
_citation.country                   UK 
_citation.journal_id_ISSN           0022-2836 
_citation.journal_id_CSD            0070 
_citation.book_publisher            ? 
_citation.pdbx_database_id_PubMed   19014950 
_citation.pdbx_database_id_DOI      10.1016/j.jmb.2008.10.086 
# 
loop_
_citation_author.citation_id 
_citation_author.name 
_citation_author.ordinal 
_citation_author.identifier_ORCID 
primary 'Liu, L.'        1 ? 
primary 'Baase, W.A.'    2 ? 
primary 'Matthews, B.W.' 3 ? 
# 
_cell.entry_id           3DN2 
_cell.length_a           59.787 
_cell.length_b           59.787 
_cell.length_c           95.399 
_cell.angle_alpha        90.00 
_cell.angle_beta         90.00 
_cell.angle_gamma        120.00 
_cell.Z_PDB              6 
_cell.pdbx_unique_axis   ? 
_cell.length_a_esd       ? 
_cell.length_b_esd       ? 
_cell.length_c_esd       ? 
_cell.angle_alpha_esd    ? 
_cell.angle_beta_esd     ? 
_cell.angle_gamma_esd    ? 
# 
_symmetry.entry_id                         3DN2 
_symmetry.space_group_name_H-M             'P 32 2 1' 
_symmetry.pdbx_full_space_group_name_H-M   ? 
_symmetry.cell_setting                     ? 
_symmetry.Int_Tables_number                154 
_symmetry.space_group_name_Hall            ? 
# 
loop_
_entity.id 
_entity.type 
_entity.src_method 
_entity.pdbx_description 
_entity.formula_weight 
_entity.pdbx_number_of_molecules 
_entity.pdbx_ec 
_entity.pdbx_mutation 
_entity.pdbx_fragment 
_entity.details 
1 polymer     man Lysozyme                             18586.283 1   3.2.1.17 'C54T, C97A, L99A' ? ? 
2 non-polymer syn 'PHOSPHATE ION'                      94.971    2   ?        ?                  ? ? 
3 non-polymer syn 1-bromo-2,3,4,5,6-pentafluorobenzene 246.960   1   ?        ?                  ? ? 
4 non-polymer syn '2-HYDROXYETHYL DISULFIDE'           154.251   2   ?        ?                  ? ? 
5 water       nat water                                18.015    242 ?        ?                  ? ? 
# 
_entity_name_com.entity_id   1 
_entity_name_com.name        'Lysis protein, Muramidase, Endolysin' 
# 
_entity_poly.entity_id                      1 
_entity_poly.type                           'polypeptide(L)' 
_entity_poly.nstd_linkage                   no 
_entity_poly.nstd_monomer                   no 
_entity_poly.pdbx_seq_one_letter_code       
;MNIFEMLRIDEGLRLKIYKDTEGYYTIGIGHLLTKSPSLNAAKSELDKAIGRNTNGVITKDEAEKLFNQDVDAAVRGILR
NAKLKPVYDSLDAVRRAAAINMVFQMGETGVAGFTNSLRMLQQKRWDEAAVNLAKSRWYNQTPNRAKRVITTFRTGTWDA
YKNL
;
_entity_poly.pdbx_seq_one_letter_code_can   
;MNIFEMLRIDEGLRLKIYKDTEGYYTIGIGHLLTKSPSLNAAKSELDKAIGRNTNGVITKDEAEKLFNQDVDAAVRGILR
NAKLKPVYDSLDAVRRAAAINMVFQMGETGVAGFTNSLRMLQQKRWDEAAVNLAKSRWYNQTPNRAKRVITTFRTGTWDA
YKNL
;
_entity_poly.pdbx_strand_id                 A 
_entity_poly.pdbx_target_identifier         ? 
# 
loop_
_entity_poly_seq.entity_id 
_entity_poly_seq.num 
_entity_poly_seq.mon_id 
_entity_poly_seq.hetero 
1 1   MET n 
1 2   ASN n 
1 3   ILE n 
1 4   PHE n 
1 5   GLU n 
1 6   MET n 
1 7   LEU n 
1 8   ARG n 
1 9   ILE n 
1 10  ASP n 
1 11  GLU n 
1 12  GLY n 
1 13  LEU n 
1 14  ARG n 
1 15  LEU n 
1 16  LYS n 
1 17  ILE n 
1 18  TYR n 
1 19  LYS n 
1 20  ASP n 
1 21  THR n 
1 22  GLU n 
1 23  GLY n 
1 24  TYR n 
1 25  TYR n 
1 26  THR n 
1 27  ILE n 
1 28  GLY n 
1 29  ILE n 
1 30  GLY n 
1 31  HIS n 
1 32  LEU n 
1 33  LEU n 
1 34  THR n 
1 35  LYS n 
1 36  SER n 
1 37  PRO n 
1 38  SER n 
1 39  LEU n 
1 40  ASN n 
1 41  ALA n 
1 42  ALA n 
1 43  LYS n 
1 44  SER n 
1 45  GLU n 
1 46  LEU n 
1 47  ASP n 
1 48  LYS n 
1 49  ALA n 
1 50  ILE n 
1 51  GLY n 
1 52  ARG n 
1 53  ASN n 
1 54  THR n 
1 55  ASN n 
1 56  GLY n 
1 57  VAL n 
1 58  ILE n 
1 59  THR n 
1 60  LYS n 
1 61  ASP n 
1 62  GLU n 
1 63  ALA n 
1 64  GLU n 
1 65  LYS n 
1 66  LEU n 
1 67  PHE n 
1 68  ASN n 
1 69  GLN n 
1 70  ASP n 
1 71  VAL n 
1 72  ASP n 
1 73  ALA n 
1 74  ALA n 
1 75  VAL n 
1 76  ARG n 
1 77  GLY n 
1 78  ILE n 
1 79  LEU n 
1 80  ARG n 
1 81  ASN n 
1 82  ALA n 
1 83  LYS n 
1 84  LEU n 
1 85  LYS n 
1 86  PRO n 
1 87  VAL n 
1 88  TYR n 
1 89  ASP n 
1 90  SER n 
1 91  LEU n 
1 92  ASP n 
1 93  ALA n 
1 94  VAL n 
1 95  ARG n 
1 96  ARG n 
1 97  ALA n 
1 98  ALA n 
1 99  ALA n 
1 100 ILE n 
1 101 ASN n 
1 102 MET n 
1 103 VAL n 
1 104 PHE n 
1 105 GLN n 
1 106 MET n 
1 107 GLY n 
1 108 GLU n 
1 109 THR n 
1 110 GLY n 
1 111 VAL n 
1 112 ALA n 
1 113 GLY n 
1 114 PHE n 
1 115 THR n 
1 116 ASN n 
1 117 SER n 
1 118 LEU n 
1 119 ARG n 
1 120 MET n 
1 121 LEU n 
1 122 GLN n 
1 123 GLN n 
1 124 LYS n 
1 125 ARG n 
1 126 TRP n 
1 127 ASP n 
1 128 GLU n 
1 129 ALA n 
1 130 ALA n 
1 131 VAL n 
1 132 ASN n 
1 133 LEU n 
1 134 ALA n 
1 135 LYS n 
1 136 SER n 
1 137 ARG n 
1 138 TRP n 
1 139 TYR n 
1 140 ASN n 
1 141 GLN n 
1 142 THR n 
1 143 PRO n 
1 144 ASN n 
1 145 ARG n 
1 146 ALA n 
1 147 LYS n 
1 148 ARG n 
1 149 VAL n 
1 150 ILE n 
1 151 THR n 
1 152 THR n 
1 153 PHE n 
1 154 ARG n 
1 155 THR n 
1 156 GLY n 
1 157 THR n 
1 158 TRP n 
1 159 ASP n 
1 160 ALA n 
1 161 TYR n 
1 162 LYS n 
1 163 ASN n 
1 164 LEU n 
# 
_entity_src_gen.entity_id                          1 
_entity_src_gen.pdbx_src_id                        1 
_entity_src_gen.pdbx_alt_source_flag               sample 
_entity_src_gen.pdbx_seq_type                      ? 
_entity_src_gen.pdbx_beg_seq_num                   ? 
_entity_src_gen.pdbx_end_seq_num                   ? 
_entity_src_gen.gene_src_common_name               ? 
_entity_src_gen.gene_src_genus                     ? 
_entity_src_gen.pdbx_gene_src_gene                 E 
_entity_src_gen.gene_src_species                   ? 
_entity_src_gen.gene_src_strain                    ? 
_entity_src_gen.gene_src_tissue                    ? 
_entity_src_gen.gene_src_tissue_fraction           ? 
_entity_src_gen.gene_src_details                   ? 
_entity_src_gen.pdbx_gene_src_fragment             ? 
_entity_src_gen.pdbx_gene_src_scientific_name      'Bacteriophage T4' 
_entity_src_gen.pdbx_gene_src_ncbi_taxonomy_id     10665 
_entity_src_gen.pdbx_gene_src_variant              ? 
_entity_src_gen.pdbx_gene_src_cell_line            ? 
_entity_src_gen.pdbx_gene_src_atcc                 ? 
_entity_src_gen.pdbx_gene_src_organ                ? 
_entity_src_gen.pdbx_gene_src_organelle            ? 
_entity_src_gen.pdbx_gene_src_cell                 ? 
_entity_src_gen.pdbx_gene_src_cellular_location    ? 
_entity_src_gen.host_org_common_name               ? 
_entity_src_gen.pdbx_host_org_scientific_name      'Escherichia coli' 
_entity_src_gen.pdbx_host_org_ncbi_taxonomy_id     562 
_entity_src_gen.host_org_genus                     ? 
_entity_src_gen.pdbx_host_org_gene                 ? 
_entity_src_gen.pdbx_host_org_organ                ? 
_entity_src_gen.host_org_species                   ? 
_entity_src_gen.pdbx_host_org_tissue               ? 
_entity_src_gen.pdbx_host_org_tissue_fraction      ? 
_entity_src_gen.pdbx_host_org_strain               ? 
_entity_src_gen.pdbx_host_org_variant              ? 
_entity_src_gen.pdbx_host_org_cell_line            ? 
_entity_src_gen.pdbx_host_org_atcc                 ? 
_entity_src_gen.pdbx_host_org_culture_collection   ? 
_entity_src_gen.pdbx_host_org_cell                 ? 
_entity_src_gen.pdbx_host_org_organelle            ? 
_entity_src_gen.pdbx_host_org_cellular_location    ? 
_entity_src_gen.pdbx_host_org_vector_type          ? 
_entity_src_gen.pdbx_host_org_vector               ? 
_entity_src_gen.host_org_details                   ? 
_entity_src_gen.expression_system_id               ? 
_entity_src_gen.plasmid_name                       ? 
_entity_src_gen.plasmid_details                    ? 
_entity_src_gen.pdbx_description                   ? 
# 
_struct_ref.id                         1 
_struct_ref.db_name                    UNP 
_struct_ref.db_code                    LYS_BPT4 
_struct_ref.pdbx_db_accession          P00720 
_struct_ref.entity_id                  1 
_struct_ref.pdbx_seq_one_letter_code   
;MNIFEMLRIDEGLRLKIYKDTEGYYTIGIGHLLTKSPSLNAAKSELDKAIGRNCNGVITKDEAEKLFNQDVDAAVRGILR
NAKLKPVYDSLDAVRRCALINMVFQMGETGVAGFTNSLRMLQQKRWDEAAVNLAKSRWYNQTPNRAKRVITTFRTGTWDA
YKNL
;
_struct_ref.pdbx_align_begin           1 
_struct_ref.pdbx_db_isoform            ? 
# 
_struct_ref_seq.align_id                      1 
_struct_ref_seq.ref_id                        1 
_struct_ref_seq.pdbx_PDB_id_code              3DN2 
_struct_ref_seq.pdbx_strand_id                A 
_struct_ref_seq.seq_align_beg                 1 
_struct_ref_seq.pdbx_seq_align_beg_ins_code   ? 
_struct_ref_seq.seq_align_end                 164 
_struct_ref_seq.pdbx_seq_align_end_ins_code   ? 
_struct_ref_seq.pdbx_db_accession             P00720 
_struct_ref_seq.db_align_beg                  1 
_struct_ref_seq.pdbx_db_align_beg_ins_code    ? 
_struct_ref_seq.db_align_end                  164 
_struct_ref_seq.pdbx_db_align_end_ins_code    ? 
_struct_ref_seq.pdbx_auth_seq_align_beg       1 
_struct_ref_seq.pdbx_auth_seq_align_end       164 
# 
loop_
_struct_ref_seq_dif.align_id 
_struct_ref_seq_dif.pdbx_pdb_id_code 
_struct_ref_seq_dif.mon_id 
_struct_ref_seq_dif.pdbx_pdb_strand_id 
_struct_ref_seq_dif.seq_num 
_struct_ref_seq_dif.pdbx_pdb_ins_code 
_struct_ref_seq_dif.pdbx_seq_db_name 
_struct_ref_seq_dif.pdbx_seq_db_accession_code 
_struct_ref_seq_dif.db_mon_id 
_struct_ref_seq_dif.pdbx_seq_db_seq_num 
_struct_ref_seq_dif.details 
_struct_ref_seq_dif.pdbx_auth_seq_num 
_struct_ref_seq_dif.pdbx_ordinal 
1 3DN2 THR A 54 ? UNP P00720 CYS 54 'engineered mutation' 54 1 
1 3DN2 ALA A 97 ? UNP P00720 CYS 97 'engineered mutation' 97 2 
1 3DN2 ALA A 99 ? UNP P00720 LEU 99 'engineered mutation' 99 3 
# 
loop_
_chem_comp.id 
_chem_comp.type 
_chem_comp.mon_nstd_flag 
_chem_comp.name 
_chem_comp.pdbx_synonyms 
_chem_comp.formula 
_chem_comp.formula_weight 
ALA 'L-peptide linking' y ALANINE                              ? 'C3 H7 N O2'     89.093  
ARG 'L-peptide linking' y ARGININE                             ? 'C6 H15 N4 O2 1' 175.209 
ASN 'L-peptide linking' y ASPARAGINE                           ? 'C4 H8 N2 O3'    132.118 
ASP 'L-peptide linking' y 'ASPARTIC ACID'                      ? 'C4 H7 N O4'     133.103 
BBF non-polymer         . 1-bromo-2,3,4,5,6-pentafluorobenzene ? 'C6 Br F5'       246.960 
CYS 'L-peptide linking' y CYSTEINE                             ? 'C3 H7 N O2 S'   121.158 
GLN 'L-peptide linking' y GLUTAMINE                            ? 'C5 H10 N2 O3'   146.144 
GLU 'L-peptide linking' y 'GLUTAMIC ACID'                      ? 'C5 H9 N O4'     147.129 
GLY 'peptide linking'   y GLYCINE                              ? 'C2 H5 N O2'     75.067  
HED non-polymer         . '2-HYDROXYETHYL DISULFIDE'           ? 'C4 H10 O2 S2'   154.251 
HIS 'L-peptide linking' y HISTIDINE                            ? 'C6 H10 N3 O2 1' 156.162 
HOH non-polymer         . WATER                                ? 'H2 O'           18.015  
ILE 'L-peptide linking' y ISOLEUCINE                           ? 'C6 H13 N O2'    131.173 
LEU 'L-peptide linking' y LEUCINE                              ? 'C6 H13 N O2'    131.173 
LYS 'L-peptide linking' y LYSINE                               ? 'C6 H15 N2 O2 1' 147.195 
MET 'L-peptide linking' y METHIONINE                           ? 'C5 H11 N O2 S'  149.211 
PHE 'L-peptide linking' y PHENYLALANINE                        ? 'C9 H11 N O2'    165.189 
PO4 non-polymer         . 'PHOSPHATE ION'                      ? 'O4 P -3'        94.971  
PRO 'L-peptide linking' y PROLINE                              ? 'C5 H9 N O2'     115.130 
SER 'L-peptide linking' y SERINE                               ? 'C3 H7 N O3'     105.093 
THR 'L-peptide linking' y THREONINE                            ? 'C4 H9 N O3'     119.119 
TRP 'L-peptide linking' y TRYPTOPHAN                           ? 'C11 H12 N2 O2'  204.225 
TYR 'L-peptide linking' y TYROSINE                             ? 'C9 H11 N O3'    181.189 
VAL 'L-peptide linking' y VALINE                               ? 'C5 H11 N O2'    117.146 
# 
_exptl.entry_id          3DN2 
_exptl.method            'X-RAY DIFFRACTION' 
_exptl.crystals_number   1 
# 
_exptl_crystal.id                    1 
_exptl_crystal.density_meas          ? 
_exptl_crystal.density_Matthews      2.65 
_exptl_crystal.density_percent_sol   53.55 
_exptl_crystal.description           ? 
_exptl_crystal.F_000                 ? 
_exptl_crystal.preparation           ? 
# 
_exptl_crystal_grow.crystal_id      1 
_exptl_crystal_grow.method          'VAPOR DIFFUSION, HANGING DROP' 
_exptl_crystal_grow.temp            277 
_exptl_crystal_grow.temp_details    ? 
_exptl_crystal_grow.pH              6.9 
_exptl_crystal_grow.pdbx_details    
;2.0-2.2 M K/Na phosphate, pH 6.9, 5mM BME and 5mM oxidized BME. Complexes were prepared by soaking or vapor diffusion methods, VAPOR DIFFUSION, HANGING DROP, temperature 277K
;
_exptl_crystal_grow.pdbx_pH_range   . 
# 
_diffrn.id                     1 
_diffrn.ambient_temp           100 
_diffrn.ambient_temp_details   ? 
_diffrn.crystal_id             1 
# 
_diffrn_detector.diffrn_id              1 
_diffrn_detector.detector               'IMAGE PLATE' 
_diffrn_detector.type                   'RIGAKU RAXIS IV' 
_diffrn_detector.pdbx_collection_date   2005-03-25 
_diffrn_detector.details                ? 
# 
_diffrn_radiation.diffrn_id                        1 
_diffrn_radiation.wavelength_id                    1 
_diffrn_radiation.pdbx_monochromatic_or_laue_m_l   M 
_diffrn_radiation.monochromator                    Graphite 
_diffrn_radiation.pdbx_diffrn_protocol             'SINGLE WAVELENGTH' 
_diffrn_radiation.pdbx_scattering_type             x-ray 
# 
_diffrn_radiation_wavelength.id           1 
_diffrn_radiation_wavelength.wavelength   1.542 
_diffrn_radiation_wavelength.wt           1.0 
# 
_diffrn_source.diffrn_id                   1 
_diffrn_source.source                      'ROTATING ANODE' 
_diffrn_source.type                        'RIGAKU RUH3R' 
_diffrn_source.pdbx_synchrotron_site       ? 
_diffrn_source.pdbx_synchrotron_beamline   ? 
_diffrn_source.pdbx_wavelength             ? 
_diffrn_source.pdbx_wavelength_list        1.542 
# 
_reflns.entry_id                     3DN2 
_reflns.observed_criterion_sigma_F   2.0 
_reflns.observed_criterion_sigma_I   2.0 
_reflns.d_resolution_high            1.80 
_reflns.d_resolution_low             53 
_reflns.number_all                   ? 
_reflns.number_obs                   18813 
_reflns.percent_possible_obs         99.7 
_reflns.pdbx_Rmerge_I_obs            ? 
_reflns.pdbx_Rsym_value              ? 
_reflns.pdbx_netI_over_sigmaI        ? 
_reflns.B_iso_Wilson_estimate        ? 
_reflns.pdbx_redundancy              ? 
_reflns.R_free_details               ? 
_reflns.limit_h_max                  ? 
_reflns.limit_h_min                  ? 
_reflns.limit_k_max                  ? 
_reflns.limit_k_min                  ? 
_reflns.limit_l_max                  ? 
_reflns.limit_l_min                  ? 
_reflns.observed_criterion_F_max     ? 
_reflns.observed_criterion_F_min     ? 
_reflns.pdbx_chi_squared             ? 
_reflns.pdbx_scaling_rejects         ? 
_reflns.pdbx_diffrn_id               1 
_reflns.pdbx_ordinal                 1 
# 
_reflns_shell.d_res_high             1.80 
_reflns_shell.d_res_low              1.86 
_reflns_shell.percent_possible_all   98.4 
_reflns_shell.Rmerge_I_obs           ? 
_reflns_shell.pdbx_Rsym_value        ? 
_reflns_shell.meanI_over_sigI_obs    ? 
_reflns_shell.pdbx_redundancy        ? 
_reflns_shell.percent_possible_obs   ? 
_reflns_shell.number_unique_all      ? 
_reflns_shell.number_measured_all    ? 
_reflns_shell.number_measured_obs    ? 
_reflns_shell.number_unique_obs      ? 
_reflns_shell.pdbx_chi_squared       ? 
_reflns_shell.pdbx_diffrn_id         ? 
_reflns_shell.pdbx_ordinal           1 
# 
_refine.entry_id                                 3DN2 
_refine.ls_number_reflns_obs                     17816 
_refine.ls_number_reflns_all                     ? 
_refine.pdbx_ls_sigma_I                          ? 
_refine.pdbx_ls_sigma_F                          ? 
_refine.pdbx_data_cutoff_high_absF               ? 
_refine.pdbx_data_cutoff_low_absF                ? 
_refine.pdbx_data_cutoff_high_rms_absF           ? 
_refine.ls_d_res_low                             45.50 
_refine.ls_d_res_high                            1.80 
_refine.ls_percent_reflns_obs                    99.75 
_refine.ls_R_factor_obs                          0.18148 
_refine.ls_R_factor_all                          ? 
_refine.ls_R_factor_R_work                       0.17965 
_refine.ls_R_factor_R_free                       0.21471 
_refine.ls_R_factor_R_free_error                 ? 
_refine.ls_R_factor_R_free_error_details         ? 
_refine.ls_percent_reflns_R_free                 5.1 
_refine.ls_number_reflns_R_free                  962 
_refine.ls_number_parameters                     ? 
_refine.ls_number_restraints                     ? 
_refine.occupancy_min                            ? 
_refine.occupancy_max                            ? 
_refine.correlation_coeff_Fo_to_Fc               0.951 
_refine.correlation_coeff_Fo_to_Fc_free          0.932 
_refine.B_iso_mean                               16.461 
_refine.aniso_B[1][1]                            0.21 
_refine.aniso_B[2][2]                            0.21 
_refine.aniso_B[3][3]                            -0.31 
_refine.aniso_B[1][2]                            0.10 
_refine.aniso_B[1][3]                            0.00 
_refine.aniso_B[2][3]                            0.00 
_refine.solvent_model_details                    MASK 
_refine.solvent_model_param_ksol                 ? 
_refine.solvent_model_param_bsol                 ? 
_refine.pdbx_solvent_vdw_probe_radii             1.20 
_refine.pdbx_solvent_ion_probe_radii             0.80 
_refine.pdbx_solvent_shrinkage_radii             0.80 
_refine.pdbx_ls_cross_valid_method               THROUGHOUT 
_refine.details                                  'HYDROGENS HAVE BEEN ADDED IN THE RIDING POSITIONS' 
_refine.pdbx_starting_model                      'PDB entry 3DMV' 
_refine.pdbx_method_to_determine_struct          'MOLECULAR REPLACEMENT' 
_refine.pdbx_isotropic_thermal_model             ? 
_refine.pdbx_stereochemistry_target_values       'MAXIMUM LIKELIHOOD' 
_refine.pdbx_stereochem_target_val_spec_case     ? 
_refine.pdbx_R_Free_selection_details            RANDOM 
_refine.pdbx_overall_ESU_R                       0.126 
_refine.pdbx_overall_ESU_R_Free                  0.120 
_refine.overall_SU_ML                            0.074 
_refine.overall_SU_B                             2.332 
_refine.ls_redundancy_reflns_obs                 ? 
_refine.B_iso_min                                ? 
_refine.B_iso_max                                ? 
_refine.overall_SU_R_Cruickshank_DPI             ? 
_refine.overall_SU_R_free                        ? 
_refine.ls_wR_factor_R_free                      ? 
_refine.ls_wR_factor_R_work                      ? 
_refine.overall_FOM_free_R_set                   ? 
_refine.overall_FOM_work_R_set                   ? 
_refine.pdbx_overall_phase_error                 ? 
_refine.pdbx_refine_id                           'X-RAY DIFFRACTION' 
_refine.pdbx_diffrn_id                           1 
_refine.pdbx_TLS_residual_ADP_flag               ? 
_refine.pdbx_overall_SU_R_free_Cruickshank_DPI   ? 
_refine.pdbx_overall_SU_R_Blow_DPI               ? 
_refine.pdbx_overall_SU_R_free_Blow_DPI          ? 
# 
_refine_hist.pdbx_refine_id                   'X-RAY DIFFRACTION' 
_refine_hist.cycle_id                         LAST 
_refine_hist.pdbx_number_atoms_protein        1344 
_refine_hist.pdbx_number_atoms_nucleic_acid   0 
_refine_hist.pdbx_number_atoms_ligand         62 
_refine_hist.number_atoms_solvent             243 
_refine_hist.number_atoms_total               1649 
_refine_hist.d_res_high                       1.80 
_refine_hist.d_res_low                        45.50 
# 
loop_
_refine_ls_restr.type 
_refine_ls_restr.dev_ideal 
_refine_ls_restr.dev_ideal_target 
_refine_ls_restr.weight 
_refine_ls_restr.number 
_refine_ls_restr.pdbx_refine_id 
_refine_ls_restr.pdbx_restraint_function 
r_bond_refined_d             0.008  0.022  ? 1429 'X-RAY DIFFRACTION' ? 
r_bond_other_d               ?      ?      ? ?    'X-RAY DIFFRACTION' ? 
r_angle_refined_deg          0.944  1.994  ? 1934 'X-RAY DIFFRACTION' ? 
r_angle_other_deg            ?      ?      ? ?    'X-RAY DIFFRACTION' ? 
r_dihedral_angle_1_deg       4.710  5.000  ? 176  'X-RAY DIFFRACTION' ? 
r_dihedral_angle_2_deg       32.938 23.485 ? 66   'X-RAY DIFFRACTION' ? 
r_dihedral_angle_3_deg       12.620 15.000 ? 260  'X-RAY DIFFRACTION' ? 
r_dihedral_angle_4_deg       14.277 15.000 ? 14   'X-RAY DIFFRACTION' ? 
r_chiral_restr               0.061  0.200  ? 207  'X-RAY DIFFRACTION' ? 
r_gen_planes_refined         0.003  0.020  ? 1069 'X-RAY DIFFRACTION' ? 
r_gen_planes_other           ?      ?      ? ?    'X-RAY DIFFRACTION' ? 
r_nbd_refined                0.192  0.200  ? 750  'X-RAY DIFFRACTION' ? 
r_nbd_other                  ?      ?      ? ?    'X-RAY DIFFRACTION' ? 
r_nbtor_refined              0.294  0.200  ? 973  'X-RAY DIFFRACTION' ? 
r_nbtor_other                ?      ?      ? ?    'X-RAY DIFFRACTION' ? 
r_xyhbond_nbd_refined        0.126  0.200  ? 206  'X-RAY DIFFRACTION' ? 
r_xyhbond_nbd_other          ?      ?      ? ?    'X-RAY DIFFRACTION' ? 
r_metal_ion_refined          ?      ?      ? ?    'X-RAY DIFFRACTION' ? 
r_metal_ion_other            ?      ?      ? ?    'X-RAY DIFFRACTION' ? 
r_symmetry_vdw_refined       0.185  0.200  ? 53   'X-RAY DIFFRACTION' ? 
r_symmetry_vdw_other         ?      ?      ? ?    'X-RAY DIFFRACTION' ? 
r_symmetry_hbond_refined     0.163  0.200  ? 27   'X-RAY DIFFRACTION' ? 
r_symmetry_hbond_other       ?      ?      ? ?    'X-RAY DIFFRACTION' ? 
r_symmetry_metal_ion_refined ?      ?      ? ?    'X-RAY DIFFRACTION' ? 
r_symmetry_metal_ion_other   ?      ?      ? ?    'X-RAY DIFFRACTION' ? 
r_mcbond_it                  0.505  1.500  ? 867  'X-RAY DIFFRACTION' ? 
r_mcbond_other               ?      ?      ? ?    'X-RAY DIFFRACTION' ? 
r_mcangle_it                 0.824  2.000  ? 1346 'X-RAY DIFFRACTION' ? 
r_scbond_it                  1.227  3.000  ? 691  'X-RAY DIFFRACTION' ? 
r_scangle_it                 1.988  4.500  ? 582  'X-RAY DIFFRACTION' ? 
r_rigid_bond_restr           ?      ?      ? ?    'X-RAY DIFFRACTION' ? 
r_sphericity_free            ?      ?      ? ?    'X-RAY DIFFRACTION' ? 
r_sphericity_bonded          ?      ?      ? ?    'X-RAY DIFFRACTION' ? 
# 
_refine_ls_shell.pdbx_total_number_of_bins_used   20 
_refine_ls_shell.d_res_high                       1.80 
_refine_ls_shell.d_res_low                        1.848 
_refine_ls_shell.number_reflns_R_work             1279 
_refine_ls_shell.R_factor_R_work                  0.275 
_refine_ls_shell.percent_reflns_obs               98.32 
_refine_ls_shell.R_factor_R_free                  0.359 
_refine_ls_shell.R_factor_R_free_error            ? 
_refine_ls_shell.percent_reflns_R_free            ? 
_refine_ls_shell.number_reflns_R_free             71 
_refine_ls_shell.number_reflns_all                ? 
_refine_ls_shell.R_factor_all                     ? 
_refine_ls_shell.number_reflns_obs                ? 
_refine_ls_shell.redundancy_reflns_obs            ? 
_refine_ls_shell.pdbx_refine_id                   'X-RAY DIFFRACTION' 
# 
_struct.entry_id                  3DN2 
_struct.title                     'Bromopentafluorobenzene binding in the hydrophobic cavity of T4 lysozyme L99A mutant' 
_struct.pdbx_model_details        ? 
_struct.pdbx_CASP_flag            ? 
_struct.pdbx_model_type_details   ? 
# 
_struct_keywords.entry_id        3DN2 
_struct_keywords.pdbx_keywords   HYDROLASE 
_struct_keywords.text            
'T4 lysozyme, halogen bond, hydrophobic cavity, halogenated benzene, Antimicrobial, Bacteriolytic enzyme, Glycosidase, Hydrolase' 
# 
loop_
_struct_asym.id 
_struct_asym.pdbx_blank_PDB_chainid_flag 
_struct_asym.pdbx_modified 
_struct_asym.entity_id 
_struct_asym.details 
A N N 1 ? 
B N N 2 ? 
C N N 2 ? 
D N N 3 ? 
E N N 4 ? 
F N N 4 ? 
G N N 5 ? 
# 
_struct_biol.id        1 
_struct_biol.details   ? 
# 
loop_
_struct_conf.conf_type_id 
_struct_conf.id 
_struct_conf.pdbx_PDB_helix_id 
_struct_conf.beg_label_comp_id 
_struct_conf.beg_label_asym_id 
_struct_conf.beg_label_seq_id 
_struct_conf.pdbx_beg_PDB_ins_code 
_struct_conf.end_label_comp_id 
_struct_conf.end_label_asym_id 
_struct_conf.end_label_seq_id 
_struct_conf.pdbx_end_PDB_ins_code 
_struct_conf.beg_auth_comp_id 
_struct_conf.beg_auth_asym_id 
_struct_conf.beg_auth_seq_id 
_struct_conf.end_auth_comp_id 
_struct_conf.end_auth_asym_id 
_struct_conf.end_auth_seq_id 
_struct_conf.pdbx_PDB_helix_class 
_struct_conf.details 
_struct_conf.pdbx_PDB_helix_length 
HELX_P HELX_P1 1 ASN A 2   ? GLY A 12  ? ASN A 2   GLY A 12  1 ? 11 
HELX_P HELX_P2 2 SER A 38  ? GLY A 51  ? SER A 38  GLY A 51  1 ? 14 
HELX_P HELX_P3 3 THR A 59  ? ASN A 81  ? THR A 59  ASN A 81  1 ? 23 
HELX_P HELX_P4 4 LEU A 84  ? LEU A 91  ? LEU A 84  LEU A 91  1 ? 8  
HELX_P HELX_P5 5 ASP A 92  ? ALA A 112 ? ASP A 92  ALA A 112 1 ? 21 
HELX_P HELX_P6 6 PHE A 114 ? GLN A 123 ? PHE A 114 GLN A 123 1 ? 10 
HELX_P HELX_P7 7 ARG A 125 ? LYS A 135 ? ARG A 125 LYS A 135 1 ? 11 
HELX_P HELX_P8 8 SER A 136 ? THR A 142 ? SER A 136 THR A 142 1 ? 7  
HELX_P HELX_P9 9 THR A 142 ? GLY A 156 ? THR A 142 GLY A 156 1 ? 15 
# 
_struct_conf_type.id          HELX_P 
_struct_conf_type.criteria    ? 
_struct_conf_type.reference   ? 
# 
_struct_sheet.id               A 
_struct_sheet.type             ? 
_struct_sheet.number_strands   3 
_struct_sheet.details          ? 
# 
loop_
_struct_sheet_order.sheet_id 
_struct_sheet_order.range_id_1 
_struct_sheet_order.range_id_2 
_struct_sheet_order.offset 
_struct_sheet_order.sense 
A 1 2 ? anti-parallel 
A 2 3 ? anti-parallel 
# 
loop_
_struct_sheet_range.sheet_id 
_struct_sheet_range.id 
_struct_sheet_range.beg_label_comp_id 
_struct_sheet_range.beg_label_asym_id 
_struct_sheet_range.beg_label_seq_id 
_struct_sheet_range.pdbx_beg_PDB_ins_code 
_struct_sheet_range.end_label_comp_id 
_struct_sheet_range.end_label_asym_id 
_struct_sheet_range.end_label_seq_id 
_struct_sheet_range.pdbx_end_PDB_ins_code 
_struct_sheet_range.beg_auth_comp_id 
_struct_sheet_range.beg_auth_asym_id 
_struct_sheet_range.beg_auth_seq_id 
_struct_sheet_range.end_auth_comp_id 
_struct_sheet_range.end_auth_asym_id 
_struct_sheet_range.end_auth_seq_id 
A 1 ARG A 14 ? LYS A 19 ? ARG A 14 LYS A 19 
A 2 TYR A 25 ? GLY A 28 ? TYR A 25 GLY A 28 
A 3 HIS A 31 ? LEU A 32 ? HIS A 31 LEU A 32 
# 
loop_
_pdbx_struct_sheet_hbond.sheet_id 
_pdbx_struct_sheet_hbond.range_id_1 
_pdbx_struct_sheet_hbond.range_id_2 
_pdbx_struct_sheet_hbond.range_1_label_atom_id 
_pdbx_struct_sheet_hbond.range_1_label_comp_id 
_pdbx_struct_sheet_hbond.range_1_label_asym_id 
_pdbx_struct_sheet_hbond.range_1_label_seq_id 
_pdbx_struct_sheet_hbond.range_1_PDB_ins_code 
_pdbx_struct_sheet_hbond.range_1_auth_atom_id 
_pdbx_struct_sheet_hbond.range_1_auth_comp_id 
_pdbx_struct_sheet_hbond.range_1_auth_asym_id 
_pdbx_struct_sheet_hbond.range_1_auth_seq_id 
_pdbx_struct_sheet_hbond.range_2_label_atom_id 
_pdbx_struct_sheet_hbond.range_2_label_comp_id 
_pdbx_struct_sheet_hbond.range_2_label_asym_id 
_pdbx_struct_sheet_hbond.range_2_label_seq_id 
_pdbx_struct_sheet_hbond.range_2_PDB_ins_code 
_pdbx_struct_sheet_hbond.range_2_auth_atom_id 
_pdbx_struct_sheet_hbond.range_2_auth_comp_id 
_pdbx_struct_sheet_hbond.range_2_auth_asym_id 
_pdbx_struct_sheet_hbond.range_2_auth_seq_id 
A 1 2 N TYR A 18 ? N TYR A 18 O THR A 26 ? O THR A 26 
A 2 3 N ILE A 27 ? N ILE A 27 O HIS A 31 ? O HIS A 31 
# 
loop_
_struct_site.id 
_struct_site.pdbx_evidence_code 
_struct_site.pdbx_auth_asym_id 
_struct_site.pdbx_auth_comp_id 
_struct_site.pdbx_auth_seq_id 
_struct_site.pdbx_auth_ins_code 
_struct_site.pdbx_num_residues 
_struct_site.details 
AC1 Software A PO4 901 ? 9 'BINDING SITE FOR RESIDUE PO4 A 901' 
AC2 Software A PO4 902 ? 7 'BINDING SITE FOR RESIDUE PO4 A 902' 
AC3 Software A BBF 900 ? 9 'BINDING SITE FOR RESIDUE BBF A 900' 
AC4 Software A HED 904 ? 5 'BINDING SITE FOR RESIDUE HED A 904' 
AC5 Software A HED 905 ? 8 'BINDING SITE FOR RESIDUE HED A 905' 
# 
loop_
_struct_site_gen.id 
_struct_site_gen.site_id 
_struct_site_gen.pdbx_num_res 
_struct_site_gen.label_comp_id 
_struct_site_gen.label_asym_id 
_struct_site_gen.label_seq_id 
_struct_site_gen.pdbx_auth_ins_code 
_struct_site_gen.auth_comp_id 
_struct_site_gen.auth_asym_id 
_struct_site_gen.auth_seq_id 
_struct_site_gen.label_atom_id 
_struct_site_gen.label_alt_id 
_struct_site_gen.symmetry 
_struct_site_gen.details 
1  AC1 9 ARG A 14  ? ARG A 14   . ? 4_545 ? 
2  AC1 9 LYS A 19  ? LYS A 19   . ? 4_545 ? 
3  AC1 9 ARG A 125 ? ARG A 125  . ? 1_555 ? 
4  AC1 9 TRP A 126 ? TRP A 126  . ? 1_555 ? 
5  AC1 9 ASP A 127 ? ASP A 127  . ? 1_555 ? 
6  AC1 9 GLU A 128 ? GLU A 128  . ? 1_555 ? 
7  AC1 9 HOH G .   ? HOH A 908  . ? 4_545 ? 
8  AC1 9 HOH G .   ? HOH A 1119 . ? 1_555 ? 
9  AC1 9 HOH G .   ? HOH A 1128 . ? 4_545 ? 
10 AC2 7 GLN A 122 ? GLN A 122  . ? 4_655 ? 
11 AC2 7 ASN A 144 ? ASN A 144  . ? 1_555 ? 
12 AC2 7 ARG A 148 ? ARG A 148  . ? 1_555 ? 
13 AC2 7 HOH G .   ? HOH A 923  . ? 1_555 ? 
14 AC2 7 HOH G .   ? HOH A 1046 . ? 1_555 ? 
15 AC2 7 HOH G .   ? HOH A 1049 . ? 1_555 ? 
16 AC2 7 HOH G .   ? HOH A 1060 . ? 1_555 ? 
17 AC3 9 ILE A 78  ? ILE A 78   . ? 1_555 ? 
18 AC3 9 LEU A 84  ? LEU A 84   . ? 1_555 ? 
19 AC3 9 TYR A 88  ? TYR A 88   . ? 1_555 ? 
20 AC3 9 LEU A 91  ? LEU A 91   . ? 1_555 ? 
21 AC3 9 ALA A 99  ? ALA A 99   . ? 1_555 ? 
22 AC3 9 MET A 102 ? MET A 102  . ? 1_555 ? 
23 AC3 9 LEU A 118 ? LEU A 118  . ? 1_555 ? 
24 AC3 9 LEU A 121 ? LEU A 121  . ? 1_555 ? 
25 AC3 9 PHE A 153 ? PHE A 153  . ? 1_555 ? 
26 AC4 5 ASN A 68  ? ASN A 68   . ? 5_555 ? 
27 AC4 5 ASP A 72  ? ASP A 72   . ? 5_555 ? 
28 AC4 5 ALA A 93  ? ALA A 93   . ? 1_555 ? 
29 AC4 5 ARG A 96  ? ARG A 96   . ? 1_555 ? 
30 AC4 5 ILE A 100 ? ILE A 100  . ? 1_555 ? 
31 AC5 8 GLY A 30  ? GLY A 30   . ? 1_555 ? 
32 AC5 8 HIS A 31  ? HIS A 31   . ? 1_555 ? 
33 AC5 8 LEU A 32  ? LEU A 32   . ? 1_555 ? 
34 AC5 8 ASP A 70  ? ASP A 70   . ? 1_555 ? 
35 AC5 8 PHE A 104 ? PHE A 104  . ? 1_555 ? 
36 AC5 8 HOH G .   ? HOH A 1045 . ? 1_555 ? 
37 AC5 8 HOH G .   ? HOH A 1058 . ? 1_555 ? 
38 AC5 8 HOH G .   ? HOH A 1112 . ? 1_555 ? 
# 
_atom_sites.entry_id                    3DN2 
_atom_sites.fract_transf_matrix[1][1]   -0.01921638 
_atom_sites.fract_transf_matrix[1][2]   -0.00019369 
_atom_sites.fract_transf_matrix[1][3]   0.00192617 
_atom_sites.fract_transf_matrix[2][1]   -0.00942729 
_atom_sites.fract_transf_matrix[2][2]   -0.01682170 
_atom_sites.fract_transf_matrix[2][3]   0.00108967 
_atom_sites.fract_transf_matrix[3][1]   0.00104450 
_atom_sites.fract_transf_matrix[3][2]   0.00009023 
_atom_sites.fract_transf_matrix[3][3]   0.01042944 
_atom_sites.fract_transf_vector[1]      0.688759 
_atom_sites.fract_transf_vector[2]      0.225887 
_atom_sites.fract_transf_vector[3]      0.104906 
# 
loop_
_atom_type.symbol 
BR 
C  
F  
N  
O  
P  
S  
# 
loop_
_atom_site.group_PDB 
_atom_site.id 
_atom_site.type_symbol 
_atom_site.label_atom_id 
_atom_site.label_alt_id 
_atom_site.label_comp_id 
_atom_site.label_asym_id 
_atom_site.label_entity_id 
_atom_site.label_seq_id 
_atom_site.pdbx_PDB_ins_code 
_atom_site.Cartn_x 
_atom_site.Cartn_y 
_atom_site.Cartn_z 
_atom_site.occupancy 
_atom_site.B_iso_or_equiv 
_atom_site.pdbx_formal_charge 
_atom_site.auth_seq_id 
_atom_site.auth_comp_id 
_atom_site.auth_asym_id 
_atom_site.auth_atom_id 
_atom_site.pdbx_PDB_model_num 
ATOM   1    N  N   . MET A 1 1   ? -1.213  17.271  -1.119  1.00 13.56 ? 1    MET A N   1 
ATOM   2    C  CA  . MET A 1 1   ? -1.161  15.784  -1.222  1.00 13.46 ? 1    MET A CA  1 
ATOM   3    C  C   . MET A 1 1   ? 0.207   15.242  -0.801  1.00 12.84 ? 1    MET A C   1 
ATOM   4    O  O   . MET A 1 1   ? 1.227   15.907  -0.976  1.00 12.64 ? 1    MET A O   1 
ATOM   5    C  CB  . MET A 1 1   ? -1.502  15.349  -2.655  1.00 13.87 ? 1    MET A CB  1 
ATOM   6    C  CG  . MET A 1 1   ? -1.811  13.864  -2.838  1.00 15.56 ? 1    MET A CG  1 
ATOM   7    S  SD  . MET A 1 1   ? -3.081  13.128  -1.782  1.00 18.37 ? 1    MET A SD  1 
ATOM   8    C  CE  . MET A 1 1   ? -4.464  14.200  -2.112  1.00 14.78 ? 1    MET A CE  1 
ATOM   9    N  N   . ASN A 1 2   ? 0.201   14.034  -0.234  1.00 11.99 ? 2    ASN A N   1 
ATOM   10   C  CA  . ASN A 1 2   ? 1.407   13.310  0.177   1.00 11.24 ? 2    ASN A CA  1 
ATOM   11   C  C   . ASN A 1 2   ? 1.047   11.834  0.374   1.00 10.93 ? 2    ASN A C   1 
ATOM   12   O  O   . ASN A 1 2   ? -0.128  11.470  0.227   1.00 10.13 ? 2    ASN A O   1 
ATOM   13   C  CB  . ASN A 1 2   ? 2.028   13.925  1.446   1.00 11.80 ? 2    ASN A CB  1 
ATOM   14   C  CG  . ASN A 1 2   ? 1.088   13.903  2.637   1.00 11.41 ? 2    ASN A CG  1 
ATOM   15   O  OD1 . ASN A 1 2   ? 0.561   12.857  3.005   1.00 11.36 ? 2    ASN A OD1 1 
ATOM   16   N  ND2 . ASN A 1 2   ? 0.898   15.061  3.263   1.00 10.63 ? 2    ASN A ND2 1 
ATOM   17   N  N   . ILE A 1 3   ? 2.034   10.994  0.699   1.00 10.52 ? 3    ILE A N   1 
ATOM   18   C  CA  . ILE A 1 3   ? 1.809   9.537   0.806   1.00 10.43 ? 3    ILE A CA  1 
ATOM   19   C  C   . ILE A 1 3   ? 0.708   9.177   1.824   1.00 10.39 ? 3    ILE A C   1 
ATOM   20   O  O   . ILE A 1 3   ? -0.085  8.259   1.593   1.00 10.00 ? 3    ILE A O   1 
ATOM   21   C  CB  . ILE A 1 3   ? 3.131   8.741   1.080   1.00 10.51 ? 3    ILE A CB  1 
ATOM   22   C  CG1 . ILE A 1 3   ? 2.896   7.222   1.081   1.00 10.38 ? 3    ILE A CG1 1 
ATOM   23   C  CG2 . ILE A 1 3   ? 3.793   9.185   2.401   1.00 9.96  ? 3    ILE A CG2 1 
ATOM   24   C  CD1 . ILE A 1 3   ? 2.219   6.656   -0.175  1.00 10.27 ? 3    ILE A CD1 1 
ATOM   25   N  N   . PHE A 1 4   ? 0.660   9.911   2.938   1.00 10.36 ? 4    PHE A N   1 
ATOM   26   C  CA  . PHE A 1 4   ? -0.365  9.683   3.960   1.00 10.45 ? 4    PHE A CA  1 
ATOM   27   C  C   . PHE A 1 4   ? -1.773  9.986   3.446   1.00 10.28 ? 4    PHE A C   1 
ATOM   28   O  O   . PHE A 1 4   ? -2.670  9.155   3.582   1.00 9.99  ? 4    PHE A O   1 
ATOM   29   C  CB  . PHE A 1 4   ? -0.049  10.462  5.243   1.00 10.77 ? 4    PHE A CB  1 
ATOM   30   C  CG  . PHE A 1 4   ? 1.161   9.954   5.966   1.00 11.20 ? 4    PHE A CG  1 
ATOM   31   C  CD1 . PHE A 1 4   ? 1.045   8.964   6.935   1.00 12.71 ? 4    PHE A CD1 1 
ATOM   32   C  CD2 . PHE A 1 4   ? 2.428   10.442  5.660   1.00 12.03 ? 4    PHE A CD2 1 
ATOM   33   C  CE1 . PHE A 1 4   ? 2.177   8.469   7.596   1.00 13.11 ? 4    PHE A CE1 1 
ATOM   34   C  CE2 . PHE A 1 4   ? 3.564   9.960   6.317   1.00 12.67 ? 4    PHE A CE2 1 
ATOM   35   C  CZ  . PHE A 1 4   ? 3.435   8.976   7.293   1.00 13.00 ? 4    PHE A CZ  1 
ATOM   36   N  N   . GLU A 1 5   ? -1.959  11.159  2.841   1.00 10.26 ? 5    GLU A N   1 
ATOM   37   C  CA  . GLU A 1 5   ? -3.267  11.545  2.287   1.00 10.30 ? 5    GLU A CA  1 
ATOM   38   C  C   . GLU A 1 5   ? -3.676  10.616  1.141   1.00 10.17 ? 5    GLU A C   1 
ATOM   39   O  O   . GLU A 1 5   ? -4.850  10.262  0.995   1.00 9.79  ? 5    GLU A O   1 
ATOM   40   C  CB  . GLU A 1 5   ? -3.237  12.986  1.780   1.00 10.36 ? 5    GLU A CB  1 
ATOM   41   C  CG  . GLU A 1 5   ? -3.024  14.037  2.858   1.00 10.83 ? 5    GLU A CG  1 
ATOM   42   C  CD  . GLU A 1 5   ? -3.063  15.466  2.317   1.00 11.55 ? 5    GLU A CD  1 
ATOM   43   O  OE1 . GLU A 1 5   ? -3.607  15.699  1.212   1.00 14.13 ? 5    GLU A OE1 1 
ATOM   44   O  OE2 . GLU A 1 5   ? -2.565  16.362  3.016   1.00 13.79 ? 5    GLU A OE2 1 
ATOM   45   N  N   . MET A 1 6   ? -2.686  10.232  0.342   1.00 9.64  ? 6    MET A N   1 
ATOM   46   C  CA  . MET A 1 6   ? -2.881  9.359   -0.817  1.00 9.83  ? 6    MET A CA  1 
ATOM   47   C  C   . MET A 1 6   ? -3.415  7.998   -0.373  1.00 9.70  ? 6    MET A C   1 
ATOM   48   O  O   . MET A 1 6   ? -4.441  7.530   -0.870  1.00 9.62  ? 6    MET A O   1 
ATOM   49   C  CB  . MET A 1 6   ? -1.555  9.188   -1.558  1.00 9.50  ? 6    MET A CB  1 
ATOM   50   C  CG  . MET A 1 6   ? -1.634  8.373   -2.850  1.00 9.69  ? 6    MET A CG  1 
ATOM   51   S  SD  . MET A 1 6   ? 0.010   7.800   -3.297  1.00 9.73  ? 6    MET A SD  1 
ATOM   52   C  CE  . MET A 1 6   ? -0.173  7.527   -5.065  1.00 9.63  ? 6    MET A CE  1 
ATOM   53   N  N   . LEU A 1 7   ? -2.724  7.379   0.582   1.00 9.72  ? 7    LEU A N   1 
ATOM   54   C  CA  . LEU A 1 7   ? -3.133  6.068   1.068   1.00 9.85  ? 7    LEU A CA  1 
ATOM   55   C  C   . LEU A 1 7   ? -4.445  6.135   1.851   1.00 10.09 ? 7    LEU A C   1 
ATOM   56   O  O   . LEU A 1 7   ? -5.237  5.200   1.812   1.00 10.04 ? 7    LEU A O   1 
ATOM   57   C  CB  . LEU A 1 7   ? -2.018  5.415   1.891   1.00 10.07 ? 7    LEU A CB  1 
ATOM   58   C  CG  . LEU A 1 7   ? -0.983  4.684   1.035   1.00 10.02 ? 7    LEU A CG  1 
ATOM   59   C  CD1 . LEU A 1 7   ? 0.248   4.302   1.849   1.00 10.59 ? 7    LEU A CD1 1 
ATOM   60   C  CD2 . LEU A 1 7   ? -1.617  3.446   0.379   1.00 10.42 ? 7    LEU A CD2 1 
ATOM   61   N  N   . ARG A 1 8   ? -4.677  7.250   2.538   1.00 9.98  ? 8    ARG A N   1 
ATOM   62   C  CA  . ARG A 1 8   ? -5.955  7.471   3.224   1.00 10.32 ? 8    ARG A CA  1 
ATOM   63   C  C   . ARG A 1 8   ? -7.129  7.441   2.231   1.00 10.14 ? 8    ARG A C   1 
ATOM   64   O  O   . ARG A 1 8   ? -8.169  6.848   2.512   1.00 9.88  ? 8    ARG A O   1 
ATOM   65   C  CB  . ARG A 1 8   ? -5.928  8.783   4.020   1.00 10.67 ? 8    ARG A CB  1 
ATOM   66   C  CG  . ARG A 1 8   ? -7.256  9.196   4.644   1.00 11.40 ? 8    ARG A CG  1 
ATOM   67   C  CD  . ARG A 1 8   ? -7.837  8.145   5.601   1.00 13.73 ? 8    ARG A CD  1 
ATOM   68   N  NE  . ARG A 1 8   ? -9.129  8.576   6.127   1.00 15.52 ? 8    ARG A NE  1 
ATOM   69   C  CZ  . ARG A 1 8   ? -10.293 8.423   5.502   1.00 16.51 ? 8    ARG A CZ  1 
ATOM   70   N  NH1 . ARG A 1 8   ? -10.356 7.838   4.309   1.00 16.71 ? 8    ARG A NH1 1 
ATOM   71   N  NH2 . ARG A 1 8   ? -11.403 8.863   6.070   1.00 17.89 ? 8    ARG A NH2 1 
ATOM   72   N  N   . ILE A 1 9   ? -6.944  8.056   1.066   1.00 10.08 ? 9    ILE A N   1 
ATOM   73   C  CA  . ILE A 1 9   ? -7.944  8.000   -0.002  1.00 10.16 ? 9    ILE A CA  1 
ATOM   74   C  C   . ILE A 1 9   ? -8.150  6.563   -0.507  1.00 10.17 ? 9    ILE A C   1 
ATOM   75   O  O   . ILE A 1 9   ? -9.286  6.091   -0.618  1.00 10.56 ? 9    ILE A O   1 
ATOM   76   C  CB  . ILE A 1 9   ? -7.578  8.967   -1.170  1.00 10.21 ? 9    ILE A CB  1 
ATOM   77   C  CG1 . ILE A 1 9   ? -7.832  10.426  -0.761  1.00 10.10 ? 9    ILE A CG1 1 
ATOM   78   C  CG2 . ILE A 1 9   ? -8.349  8.620   -2.443  1.00 10.86 ? 9    ILE A CG2 1 
ATOM   79   C  CD1 . ILE A 1 9   ? -7.189  11.461  -1.699  1.00 9.79  ? 9    ILE A CD1 1 
ATOM   80   N  N   . ASP A 1 10  ? -7.050  5.877   -0.799  1.00 10.29 ? 10   ASP A N   1 
ATOM   81   C  CA  . ASP A 1 10  ? -7.095  4.545   -1.408  1.00 10.74 ? 10   ASP A CA  1 
ATOM   82   C  C   . ASP A 1 10  ? -7.580  3.451   -0.465  1.00 10.68 ? 10   ASP A C   1 
ATOM   83   O  O   . ASP A 1 10  ? -8.238  2.510   -0.904  1.00 11.25 ? 10   ASP A O   1 
ATOM   84   C  CB  . ASP A 1 10  ? -5.727  4.170   -1.986  1.00 10.76 ? 10   ASP A CB  1 
ATOM   85   C  CG  . ASP A 1 10  ? -5.418  4.914   -3.282  1.00 11.23 ? 10   ASP A CG  1 
ATOM   86   O  OD1 . ASP A 1 10  ? -6.373  5.367   -3.956  1.00 11.77 ? 10   ASP A OD1 1 
ATOM   87   O  OD2 . ASP A 1 10  ? -4.223  5.044   -3.620  1.00 11.11 ? 10   ASP A OD2 1 
ATOM   88   N  N   . GLU A 1 11  ? -7.265  3.583   0.823   1.00 10.41 ? 11   GLU A N   1 
ATOM   89   C  CA  . GLU A 1 11  ? -7.573  2.535   1.805   1.00 10.91 ? 11   GLU A CA  1 
ATOM   90   C  C   . GLU A 1 11  ? -8.826  2.802   2.634   1.00 11.16 ? 11   GLU A C   1 
ATOM   91   O  O   . GLU A 1 11  ? -9.435  1.865   3.166   1.00 11.51 ? 11   GLU A O   1 
ATOM   92   C  CB  . GLU A 1 11  ? -6.376  2.298   2.741   1.00 10.79 ? 11   GLU A CB  1 
ATOM   93   C  CG  . GLU A 1 11  ? -5.102  1.812   2.055   1.00 12.05 ? 11   GLU A CG  1 
ATOM   94   C  CD  . GLU A 1 11  ? -5.222  0.408   1.468   1.00 13.02 ? 11   GLU A CD  1 
ATOM   95   O  OE1 . GLU A 1 11  ? -6.243  -0.277  1.712   1.00 12.49 ? 11   GLU A OE1 1 
ATOM   96   O  OE2 . GLU A 1 11  ? -4.280  -0.012  0.773   1.00 13.55 ? 11   GLU A OE2 1 
ATOM   97   N  N   . GLY A 1 12  ? -9.202  4.073   2.750   1.00 11.25 ? 12   GLY A N   1 
ATOM   98   C  CA  . GLY A 1 12  ? -10.313 4.483   3.612   1.00 11.70 ? 12   GLY A CA  1 
ATOM   99   C  C   . GLY A 1 12  ? -9.932  4.437   5.085   1.00 11.87 ? 12   GLY A C   1 
ATOM   100  O  O   . GLY A 1 12  ? -8.763  4.240   5.426   1.00 11.61 ? 12   GLY A O   1 
ATOM   101  N  N   . LEU A 1 13  ? -10.916 4.640   5.959   1.00 12.28 ? 13   LEU A N   1 
ATOM   102  C  CA  . LEU A 1 13  ? -10.706 4.489   7.399   1.00 12.53 ? 13   LEU A CA  1 
ATOM   103  C  C   . LEU A 1 13  ? -11.910 3.811   8.039   1.00 12.67 ? 13   LEU A C   1 
ATOM   104  O  O   . LEU A 1 13  ? -13.033 4.317   7.958   1.00 12.29 ? 13   LEU A O   1 
ATOM   105  C  CB  . LEU A 1 13  ? -10.432 5.847   8.064   1.00 12.27 ? 13   LEU A CB  1 
ATOM   106  C  CG  . LEU A 1 13  ? -10.461 5.934   9.600   1.00 13.15 ? 13   LEU A CG  1 
ATOM   107  C  CD1 . LEU A 1 13  ? -9.297  5.176   10.207  1.00 13.34 ? 13   LEU A CD1 1 
ATOM   108  C  CD2 . LEU A 1 13  ? -10.448 7.380   10.073  1.00 13.29 ? 13   LEU A CD2 1 
ATOM   109  N  N   . ARG A 1 14  ? -11.666 2.658   8.660   1.00 12.64 ? 14   ARG A N   1 
ATOM   110  C  CA  . ARG A 1 14  ? -12.709 1.903   9.355   1.00 13.27 ? 14   ARG A CA  1 
ATOM   111  C  C   . ARG A 1 14  ? -12.178 1.425   10.708  1.00 12.84 ? 14   ARG A C   1 
ATOM   112  O  O   . ARG A 1 14  ? -11.089 0.861   10.788  1.00 12.74 ? 14   ARG A O   1 
ATOM   113  C  CB  . ARG A 1 14  ? -13.189 0.726   8.498   1.00 13.11 ? 14   ARG A CB  1 
ATOM   114  C  CG  . ARG A 1 14  ? -13.781 1.151   7.146   1.00 14.16 ? 14   ARG A CG  1 
ATOM   115  C  CD  . ARG A 1 14  ? -14.305 -0.028  6.327   1.00 15.00 ? 14   ARG A CD  1 
ATOM   116  N  NE  . ARG A 1 14  ? -15.540 -0.578  6.882   1.00 18.04 ? 14   ARG A NE  1 
ATOM   117  C  CZ  . ARG A 1 14  ? -16.224 -1.596  6.354   1.00 19.35 ? 14   ARG A CZ  1 
ATOM   118  N  NH1 . ARG A 1 14  ? -15.808 -2.193  5.243   1.00 19.34 ? 14   ARG A NH1 1 
ATOM   119  N  NH2 . ARG A 1 14  ? -17.330 -2.023  6.949   1.00 20.39 ? 14   ARG A NH2 1 
ATOM   120  N  N   . LEU A 1 15  ? -12.955 1.643   11.763  1.00 12.40 ? 15   LEU A N   1 
ATOM   121  C  CA  . LEU A 1 15  ? -12.472 1.423   13.127  1.00 12.23 ? 15   LEU A CA  1 
ATOM   122  C  C   . LEU A 1 15  ? -12.815 0.052   13.710  1.00 12.43 ? 15   LEU A C   1 
ATOM   123  O  O   . LEU A 1 15  ? -12.409 -0.278  14.829  1.00 12.16 ? 15   LEU A O   1 
ATOM   124  C  CB  . LEU A 1 15  ? -12.960 2.551   14.043  1.00 12.12 ? 15   LEU A CB  1 
ATOM   125  C  CG  . LEU A 1 15  ? -12.545 3.977   13.660  1.00 12.25 ? 15   LEU A CG  1 
ATOM   126  C  CD1 . LEU A 1 15  ? -13.154 4.968   14.653  1.00 13.18 ? 15   LEU A CD1 1 
ATOM   127  C  CD2 . LEU A 1 15  ? -11.022 4.130   13.585  1.00 11.17 ? 15   LEU A CD2 1 
ATOM   128  N  N   . LYS A 1 16  ? -13.551 -0.744  12.942  1.00 12.55 ? 16   LYS A N   1 
ATOM   129  C  CA  . LYS A 1 16  ? -13.889 -2.107  13.329  1.00 13.01 ? 16   LYS A CA  1 
ATOM   130  C  C   . LYS A 1 16  ? -13.318 -3.056  12.284  1.00 12.52 ? 16   LYS A C   1 
ATOM   131  O  O   . LYS A 1 16  ? -13.198 -2.684  11.110  1.00 12.35 ? 16   LYS A O   1 
ATOM   132  C  CB  . LYS A 1 16  ? -15.409 -2.285  13.404  1.00 13.46 ? 16   LYS A CB  1 
ATOM   133  C  CG  . LYS A 1 16  ? -16.140 -1.208  14.196  1.00 16.71 ? 16   LYS A CG  1 
ATOM   134  C  CD  . LYS A 1 16  ? -17.630 -1.213  13.857  1.00 21.04 ? 16   LYS A CD  1 
ATOM   135  C  CE  . LYS A 1 16  ? -18.372 -0.109  14.591  1.00 23.15 ? 16   LYS A CE  1 
ATOM   136  N  NZ  . LYS A 1 16  ? -19.809 -0.061  14.167  1.00 25.53 ? 16   LYS A NZ  1 
ATOM   137  N  N   . ILE A 1 17  ? -12.975 -4.273  12.707  1.00 12.19 ? 17   ILE A N   1 
ATOM   138  C  CA  . ILE A 1 17  ? -12.438 -5.284  11.794  1.00 12.06 ? 17   ILE A CA  1 
ATOM   139  C  C   . ILE A 1 17  ? -13.360 -5.464  10.586  1.00 12.26 ? 17   ILE A C   1 
ATOM   140  O  O   . ILE A 1 17  ? -14.578 -5.639  10.737  1.00 12.13 ? 17   ILE A O   1 
ATOM   141  C  CB  . ILE A 1 17  ? -12.175 -6.641  12.501  1.00 11.81 ? 17   ILE A CB  1 
ATOM   142  C  CG1 . ILE A 1 17  ? -11.003 -6.510  13.488  1.00 12.19 ? 17   ILE A CG1 1 
ATOM   143  C  CG2 . ILE A 1 17  ? -11.915 -7.761  11.472  1.00 11.43 ? 17   ILE A CG2 1 
ATOM   144  C  CD1 . ILE A 1 17  ? -10.804 -7.717  14.403  1.00 12.53 ? 17   ILE A CD1 1 
ATOM   145  N  N   . TYR A 1 18  ? -12.763 -5.379  9.397   1.00 12.11 ? 18   TYR A N   1 
ATOM   146  C  CA  . TYR A 1 18  ? -13.461 -5.589  8.130   1.00 12.41 ? 18   TYR A CA  1 
ATOM   147  C  C   . TYR A 1 18  ? -12.596 -6.456  7.215   1.00 12.43 ? 18   TYR A C   1 
ATOM   148  O  O   . TYR A 1 18  ? -11.421 -6.701  7.509   1.00 12.24 ? 18   TYR A O   1 
ATOM   149  C  CB  . TYR A 1 18  ? -13.786 -4.241  7.458   1.00 12.83 ? 18   TYR A CB  1 
ATOM   150  C  CG  . TYR A 1 18  ? -12.581 -3.455  6.971   1.00 13.18 ? 18   TYR A CG  1 
ATOM   151  C  CD1 . TYR A 1 18  ? -11.843 -2.653  7.846   1.00 13.22 ? 18   TYR A CD1 1 
ATOM   152  C  CD2 . TYR A 1 18  ? -12.179 -3.503  5.627   1.00 13.09 ? 18   TYR A CD2 1 
ATOM   153  C  CE1 . TYR A 1 18  ? -10.730 -1.923  7.399   1.00 14.18 ? 18   TYR A CE1 1 
ATOM   154  C  CE2 . TYR A 1 18  ? -11.065 -2.777  5.175   1.00 13.91 ? 18   TYR A CE2 1 
ATOM   155  C  CZ  . TYR A 1 18  ? -10.350 -1.987  6.067   1.00 14.52 ? 18   TYR A CZ  1 
ATOM   156  O  OH  . TYR A 1 18  ? -9.248  -1.260  5.641   1.00 14.45 ? 18   TYR A OH  1 
ATOM   157  N  N   . LYS A 1 19  ? -13.172 -6.923  6.110   1.00 12.17 ? 19   LYS A N   1 
ATOM   158  C  CA  . LYS A 1 19  ? -12.408 -7.693  5.129   1.00 12.02 ? 19   LYS A CA  1 
ATOM   159  C  C   . LYS A 1 19  ? -11.991 -6.800  3.972   1.00 11.96 ? 19   LYS A C   1 
ATOM   160  O  O   . LYS A 1 19  ? -12.804 -6.044  3.431   1.00 11.90 ? 19   LYS A O   1 
ATOM   161  C  CB  . LYS A 1 19  ? -13.204 -8.895  4.611   1.00 12.06 ? 19   LYS A CB  1 
ATOM   162  C  CG  . LYS A 1 19  ? -13.408 -10.000 5.635   1.00 12.15 ? 19   LYS A CG  1 
ATOM   163  C  CD  . LYS A 1 19  ? -14.199 -11.137 5.030   1.00 13.52 ? 19   LYS A CD  1 
ATOM   164  C  CE  . LYS A 1 19  ? -14.427 -12.253 6.034   1.00 14.55 ? 19   LYS A CE  1 
ATOM   165  N  NZ  . LYS A 1 19  ? -15.310 -13.298 5.437   1.00 15.09 ? 19   LYS A NZ  1 
ATOM   166  N  N   . ASP A 1 20  ? -10.716 -6.883  3.601   1.00 11.98 ? 20   ASP A N   1 
ATOM   167  C  CA  . ASP A 1 20  ? -10.188 -6.068  2.508   1.00 11.93 ? 20   ASP A CA  1 
ATOM   168  C  C   . ASP A 1 20  ? -10.663 -6.583  1.143   1.00 12.21 ? 20   ASP A C   1 
ATOM   169  O  O   . ASP A 1 20  ? -11.541 -7.456  1.070   1.00 12.06 ? 20   ASP A O   1 
ATOM   170  C  CB  . ASP A 1 20  ? -8.654  -5.958  2.587   1.00 12.00 ? 20   ASP A CB  1 
ATOM   171  C  CG  . ASP A 1 20  ? -7.924  -7.263  2.242   1.00 11.90 ? 20   ASP A CG  1 
ATOM   172  O  OD1 . ASP A 1 20  ? -8.530  -8.226  1.729   1.00 11.52 ? 20   ASP A OD1 1 
ATOM   173  O  OD2 . ASP A 1 20  ? -6.706  -7.319  2.495   1.00 13.31 ? 20   ASP A OD2 1 
ATOM   174  N  N   . THR A 1 21  ? -10.089 -6.041  0.070   1.00 12.11 ? 21   THR A N   1 
ATOM   175  C  CA  . THR A 1 21  ? -10.515 -6.399  -1.284  1.00 12.42 ? 21   THR A CA  1 
ATOM   176  C  C   . THR A 1 21  ? -10.266 -7.873  -1.623  1.00 12.60 ? 21   THR A C   1 
ATOM   177  O  O   . THR A 1 21  ? -10.933 -8.426  -2.498  1.00 12.31 ? 21   THR A O   1 
ATOM   178  C  CB  . THR A 1 21  ? -9.855  -5.505  -2.357  1.00 12.60 ? 21   THR A CB  1 
ATOM   179  O  OG1 . THR A 1 21  ? -8.436  -5.692  -2.337  1.00 13.29 ? 21   THR A OG1 1 
ATOM   180  C  CG2 . THR A 1 21  ? -10.171 -4.038  -2.104  1.00 12.66 ? 21   THR A CG2 1 
ATOM   181  N  N   . GLU A 1 22  ? -9.305  -8.492  -0.930  1.00 12.66 ? 22   GLU A N   1 
ATOM   182  C  CA  . GLU A 1 22  ? -8.966  -9.906  -1.129  1.00 13.13 ? 22   GLU A CA  1 
ATOM   183  C  C   . GLU A 1 22  ? -9.692  -10.844 -0.153  1.00 13.04 ? 22   GLU A C   1 
ATOM   184  O  O   . GLU A 1 22  ? -9.501  -12.068 -0.189  1.00 12.76 ? 22   GLU A O   1 
ATOM   185  C  CB  . GLU A 1 22  ? -7.447  -10.111 -1.028  1.00 13.33 ? 22   GLU A CB  1 
ATOM   186  C  CG  . GLU A 1 22  ? -6.629  -9.378  -2.097  1.00 15.47 ? 22   GLU A CG  1 
ATOM   187  C  CD  . GLU A 1 22  ? -6.834  -9.942  -3.501  1.00 19.23 ? 22   GLU A CD  1 
ATOM   188  O  OE1 . GLU A 1 22  ? -7.291  -11.098 -3.632  1.00 19.52 ? 22   GLU A OE1 1 
ATOM   189  O  OE2 . GLU A 1 22  ? -6.529  -9.231  -4.482  1.00 21.86 ? 22   GLU A OE2 1 
ATOM   190  N  N   . GLY A 1 23  ? -10.516 -10.265 0.718   1.00 12.67 ? 23   GLY A N   1 
ATOM   191  C  CA  . GLY A 1 23  ? -11.293 -11.039 1.687   1.00 12.49 ? 23   GLY A CA  1 
ATOM   192  C  C   . GLY A 1 23  ? -10.573 -11.263 3.004   1.00 12.43 ? 23   GLY A C   1 
ATOM   193  O  O   . GLY A 1 23  ? -10.995 -12.093 3.812   1.00 12.46 ? 23   GLY A O   1 
ATOM   194  N  N   . TYR A 1 24  ? -9.503  -10.504 3.237   1.00 12.33 ? 24   TYR A N   1 
ATOM   195  C  CA  . TYR A 1 24  ? -8.670  -10.679 4.429   1.00 12.30 ? 24   TYR A CA  1 
ATOM   196  C  C   . TYR A 1 24  ? -9.001  -9.686  5.527   1.00 11.88 ? 24   TYR A C   1 
ATOM   197  O  O   . TYR A 1 24  ? -9.195  -8.491  5.263   1.00 11.74 ? 24   TYR A O   1 
ATOM   198  C  CB  . TYR A 1 24  ? -7.185  -10.546 4.083   1.00 13.12 ? 24   TYR A CB  1 
ATOM   199  C  CG  . TYR A 1 24  ? -6.683  -11.575 3.100   1.00 14.06 ? 24   TYR A CG  1 
ATOM   200  C  CD1 . TYR A 1 24  ? -7.063  -12.917 3.208   1.00 14.63 ? 24   TYR A CD1 1 
ATOM   201  C  CD2 . TYR A 1 24  ? -5.828  -11.212 2.062   1.00 14.90 ? 24   TYR A CD2 1 
ATOM   202  C  CE1 . TYR A 1 24  ? -6.601  -13.873 2.303   1.00 16.04 ? 24   TYR A CE1 1 
ATOM   203  C  CE2 . TYR A 1 24  ? -5.363  -12.160 1.153   1.00 15.57 ? 24   TYR A CE2 1 
ATOM   204  C  CZ  . TYR A 1 24  ? -5.756  -13.486 1.281   1.00 16.25 ? 24   TYR A CZ  1 
ATOM   205  O  OH  . TYR A 1 24  ? -5.297  -14.437 0.390   1.00 17.30 ? 24   TYR A OH  1 
ATOM   206  N  N   . TYR A 1 25  ? -9.018  -10.180 6.765   1.00 11.78 ? 25   TYR A N   1 
ATOM   207  C  CA  . TYR A 1 25  ? -9.303  -9.335  7.920   1.00 11.55 ? 25   TYR A CA  1 
ATOM   208  C  C   . TYR A 1 25  ? -8.298  -8.195  8.042   1.00 11.14 ? 25   TYR A C   1 
ATOM   209  O  O   . TYR A 1 25  ? -7.079  -8.408  7.998   1.00 11.24 ? 25   TYR A O   1 
ATOM   210  C  CB  . TYR A 1 25  ? -9.342  -10.156 9.204   1.00 11.95 ? 25   TYR A CB  1 
ATOM   211  C  CG  . TYR A 1 25  ? -10.532 -11.085 9.280   1.00 12.21 ? 25   TYR A CG  1 
ATOM   212  C  CD1 . TYR A 1 25  ? -11.835 -10.580 9.272   1.00 12.22 ? 25   TYR A CD1 1 
ATOM   213  C  CD2 . TYR A 1 25  ? -10.357 -12.464 9.364   1.00 12.48 ? 25   TYR A CD2 1 
ATOM   214  C  CE1 . TYR A 1 25  ? -12.932 -11.433 9.335   1.00 13.36 ? 25   TYR A CE1 1 
ATOM   215  C  CE2 . TYR A 1 25  ? -11.449 -13.325 9.433   1.00 12.91 ? 25   TYR A CE2 1 
ATOM   216  C  CZ  . TYR A 1 25  ? -12.727 -12.802 9.422   1.00 13.07 ? 25   TYR A CZ  1 
ATOM   217  O  OH  . TYR A 1 25  ? -13.813 -13.640 9.489   1.00 14.77 ? 25   TYR A OH  1 
ATOM   218  N  N   . THR A 1 26  ? -8.852  -6.996  8.202   1.00 10.61 ? 26   THR A N   1 
ATOM   219  C  CA  . THR A 1 26  ? -8.134  -5.728  8.129   1.00 10.23 ? 26   THR A CA  1 
ATOM   220  C  C   . THR A 1 26  ? -8.794  -4.747  9.108   1.00 10.15 ? 26   THR A C   1 
ATOM   221  O  O   . THR A 1 26  ? -9.942  -4.945  9.520   1.00 9.98  ? 26   THR A O   1 
ATOM   222  C  CB  . THR A 1 26  ? -8.183  -5.180  6.670   1.00 10.39 ? 26   THR A CB  1 
ATOM   223  O  OG1 . THR A 1 26  ? -7.630  -6.153  5.777   1.00 9.60  ? 26   THR A OG1 1 
ATOM   224  C  CG2 . THR A 1 26  ? -7.400  -3.881  6.508   1.00 9.78  ? 26   THR A CG2 1 
ATOM   225  N  N   . ILE A 1 27  ? -8.071  -3.700  9.492   1.00 9.75  ? 27   ILE A N   1 
ATOM   226  C  CA  . ILE A 1 27  ? -8.642  -2.642  10.334  1.00 9.72  ? 27   ILE A CA  1 
ATOM   227  C  C   . ILE A 1 27  ? -7.969  -1.307  10.019  1.00 9.82  ? 27   ILE A C   1 
ATOM   228  O  O   . ILE A 1 27  ? -6.890  -1.277  9.422   1.00 9.48  ? 27   ILE A O   1 
ATOM   229  C  CB  . ILE A 1 27  ? -8.546  -2.971  11.854  1.00 9.80  ? 27   ILE A CB  1 
ATOM   230  C  CG1 . ILE A 1 27  ? -9.589  -2.153  12.649  1.00 10.20 ? 27   ILE A CG1 1 
ATOM   231  C  CG2 . ILE A 1 27  ? -7.123  -2.734  12.373  1.00 9.72  ? 27   ILE A CG2 1 
ATOM   232  C  CD1 . ILE A 1 27  ? -9.972  -2.740  14.008  1.00 10.04 ? 27   ILE A CD1 1 
ATOM   233  N  N   . GLY A 1 28  ? -8.614  -0.214  10.424  1.00 9.74  ? 28   GLY A N   1 
ATOM   234  C  CA  . GLY A 1 28  ? -8.026  1.121   10.319  1.00 10.02 ? 28   GLY A CA  1 
ATOM   235  C  C   . GLY A 1 28  ? -7.878  1.582   8.882   1.00 9.88  ? 28   GLY A C   1 
ATOM   236  O  O   . GLY A 1 28  ? -8.828  1.528   8.103   1.00 9.80  ? 28   GLY A O   1 
ATOM   237  N  N   . ILE A 1 29  ? -6.675  2.028   8.540   1.00 9.74  ? 29   ILE A N   1 
ATOM   238  C  CA  . ILE A 1 29  ? -6.385  2.506   7.195   1.00 9.94  ? 29   ILE A CA  1 
ATOM   239  C  C   . ILE A 1 29  ? -5.620  1.411   6.444   1.00 9.91  ? 29   ILE A C   1 
ATOM   240  O  O   . ILE A 1 29  ? -4.401  1.482   6.254   1.00 10.48 ? 29   ILE A O   1 
ATOM   241  C  CB  . ILE A 1 29  ? -5.636  3.868   7.217   1.00 10.10 ? 29   ILE A CB  1 
ATOM   242  C  CG1 . ILE A 1 29  ? -6.438  4.885   8.041   1.00 10.86 ? 29   ILE A CG1 1 
ATOM   243  C  CG2 . ILE A 1 29  ? -5.422  4.398   5.794   1.00 9.93  ? 29   ILE A CG2 1 
ATOM   244  C  CD1 . ILE A 1 29  ? -5.661  6.102   8.488   1.00 11.46 ? 29   ILE A CD1 1 
ATOM   245  N  N   . GLY A 1 30  ? -6.356  0.375   6.053   1.00 9.95  ? 30   GLY A N   1 
ATOM   246  C  CA  . GLY A 1 30  ? -5.770  -0.748  5.324   1.00 9.79  ? 30   GLY A CA  1 
ATOM   247  C  C   . GLY A 1 30  ? -4.687  -1.506  6.081   1.00 9.93  ? 30   GLY A C   1 
ATOM   248  O  O   . GLY A 1 30  ? -3.726  -1.976  5.475   1.00 9.79  ? 30   GLY A O   1 
ATOM   249  N  N   . HIS A 1 31  ? -4.822  -1.611  7.403   1.00 9.88  ? 31   HIS A N   1 
ATOM   250  C  CA  . HIS A 1 31  ? -3.886  -2.440  8.171   1.00 10.30 ? 31   HIS A CA  1 
ATOM   251  C  C   . HIS A 1 31  ? -4.299  -3.910  8.143   1.00 10.55 ? 31   HIS A C   1 
ATOM   252  O  O   . HIS A 1 31  ? -5.205  -4.335  8.872   1.00 10.10 ? 31   HIS A O   1 
ATOM   253  C  CB  . HIS A 1 31  ? -3.713  -1.964  9.623   1.00 10.13 ? 31   HIS A CB  1 
ATOM   254  C  CG  . HIS A 1 31  ? -2.767  -2.822  10.407  1.00 10.74 ? 31   HIS A CG  1 
ATOM   255  N  ND1 . HIS A 1 31  ? -1.404  -2.620  10.403  1.00 12.07 ? 31   HIS A ND1 1 
ATOM   256  C  CD2 . HIS A 1 31  ? -2.984  -3.912  11.181  1.00 12.02 ? 31   HIS A CD2 1 
ATOM   257  C  CE1 . HIS A 1 31  ? -0.822  -3.540  11.153  1.00 12.06 ? 31   HIS A CE1 1 
ATOM   258  N  NE2 . HIS A 1 31  ? -1.758  -4.342  11.631  1.00 11.77 ? 31   HIS A NE2 1 
ATOM   259  N  N   . LEU A 1 32  ? -3.628  -4.682  7.292   1.00 11.10 ? 32   LEU A N   1 
ATOM   260  C  CA  . LEU A 1 32  ? -3.869  -6.119  7.202   1.00 11.99 ? 32   LEU A CA  1 
ATOM   261  C  C   . LEU A 1 32  ? -3.521  -6.799  8.526   1.00 12.05 ? 32   LEU A C   1 
ATOM   262  O  O   . LEU A 1 32  ? -2.417  -6.627  9.055   1.00 12.06 ? 32   LEU A O   1 
ATOM   263  C  CB  . LEU A 1 32  ? -3.061  -6.722  6.044   1.00 11.79 ? 32   LEU A CB  1 
ATOM   264  C  CG  . LEU A 1 32  ? -3.149  -8.234  5.811   1.00 12.63 ? 32   LEU A CG  1 
ATOM   265  C  CD1 . LEU A 1 32  ? -4.583  -8.654  5.488   1.00 12.48 ? 32   LEU A CD1 1 
ATOM   266  C  CD2 . LEU A 1 32  ? -2.198  -8.673  4.704   1.00 12.93 ? 32   LEU A CD2 1 
ATOM   267  N  N   . LEU A 1 33  ? -4.476  -7.552  9.065   1.00 12.28 ? 33   LEU A N   1 
ATOM   268  C  CA  . LEU A 1 33  ? -4.273  -8.266  10.319  1.00 12.97 ? 33   LEU A CA  1 
ATOM   269  C  C   . LEU A 1 33  ? -3.728  -9.678  10.086  1.00 13.79 ? 33   LEU A C   1 
ATOM   270  O  O   . LEU A 1 33  ? -2.791  -10.108 10.765  1.00 13.66 ? 33   LEU A O   1 
ATOM   271  C  CB  . LEU A 1 33  ? -5.576  -8.311  11.127  1.00 12.85 ? 33   LEU A CB  1 
ATOM   272  C  CG  . LEU A 1 33  ? -6.058  -6.964  11.677  1.00 12.55 ? 33   LEU A CG  1 
ATOM   273  C  CD1 . LEU A 1 33  ? -7.518  -7.034  12.115  1.00 12.97 ? 33   LEU A CD1 1 
ATOM   274  C  CD2 . LEU A 1 33  ? -5.154  -6.485  12.816  1.00 12.44 ? 33   LEU A CD2 1 
ATOM   275  N  N   . THR A 1 34  ? -4.312  -10.380 9.116   1.00 14.35 ? 34   THR A N   1 
ATOM   276  C  CA  . THR A 1 34  ? -4.005  -11.788 8.859   1.00 15.03 ? 34   THR A CA  1 
ATOM   277  C  C   . THR A 1 34  ? -4.695  -12.270 7.586   1.00 15.73 ? 34   THR A C   1 
ATOM   278  O  O   . THR A 1 34  ? -5.735  -11.737 7.196   1.00 15.72 ? 34   THR A O   1 
ATOM   279  C  CB  . THR A 1 34  ? -4.430  -12.702 10.050  1.00 15.04 ? 34   THR A CB  1 
ATOM   280  O  OG1 . THR A 1 34  ? -4.047  -14.057 9.785   1.00 14.85 ? 34   THR A OG1 1 
ATOM   281  C  CG2 . THR A 1 34  ? -5.946  -12.637 10.294  1.00 15.41 ? 34   THR A CG2 1 
ATOM   282  N  N   . LYS A 1 35  ? -4.103  -13.277 6.945   1.00 16.60 ? 35   LYS A N   1 
ATOM   283  C  CA  . LYS A 1 35  ? -4.727  -13.935 5.796   1.00 17.43 ? 35   LYS A CA  1 
ATOM   284  C  C   . LYS A 1 35  ? -5.569  -15.133 6.240   1.00 17.67 ? 35   LYS A C   1 
ATOM   285  O  O   . LYS A 1 35  ? -6.254  -15.763 5.423   1.00 17.58 ? 35   LYS A O   1 
ATOM   286  C  CB  . LYS A 1 35  ? -3.669  -14.340 4.761   1.00 17.79 ? 35   LYS A CB  1 
ATOM   287  C  CG  . LYS A 1 35  ? -3.045  -13.144 4.062   1.00 18.82 ? 35   LYS A CG  1 
ATOM   288  C  CD  . LYS A 1 35  ? -2.176  -13.525 2.877   1.00 21.94 ? 35   LYS A CD  1 
ATOM   289  C  CE  . LYS A 1 35  ? -1.442  -12.300 2.356   1.00 23.52 ? 35   LYS A CE  1 
ATOM   290  N  NZ  . LYS A 1 35  ? -0.569  -12.608 1.182   1.00 25.83 ? 35   LYS A NZ  1 
ATOM   291  N  N   . SER A 1 36  ? -5.525  -15.424 7.542   1.00 17.73 ? 36   SER A N   1 
ATOM   292  C  CA  . SER A 1 36  ? -6.313  -16.502 8.149   1.00 17.79 ? 36   SER A CA  1 
ATOM   293  C  C   . SER A 1 36  ? -7.813  -16.220 8.106   1.00 17.63 ? 36   SER A C   1 
ATOM   294  O  O   . SER A 1 36  ? -8.242  -15.087 8.359   1.00 17.31 ? 36   SER A O   1 
ATOM   295  C  CB  . SER A 1 36  ? -5.874  -16.728 9.599   1.00 17.91 ? 36   SER A CB  1 
ATOM   296  O  OG  . SER A 1 36  ? -6.819  -17.522 10.302  1.00 18.21 ? 36   SER A OG  1 
ATOM   297  N  N   . PRO A 1 37  ? -8.626  -17.251 7.797   1.00 17.74 ? 37   PRO A N   1 
ATOM   298  C  CA  . PRO A 1 37  ? -10.077 -17.059 7.768   1.00 17.49 ? 37   PRO A CA  1 
ATOM   299  C  C   . PRO A 1 37  ? -10.707 -17.011 9.163   1.00 17.16 ? 37   PRO A C   1 
ATOM   300  O  O   . PRO A 1 37  ? -11.919 -16.827 9.288   1.00 17.10 ? 37   PRO A O   1 
ATOM   301  C  CB  . PRO A 1 37  ? -10.571 -18.283 6.989   1.00 17.83 ? 37   PRO A CB  1 
ATOM   302  C  CG  . PRO A 1 37  ? -9.575  -19.339 7.309   1.00 17.92 ? 37   PRO A CG  1 
ATOM   303  C  CD  . PRO A 1 37  ? -8.248  -18.637 7.447   1.00 17.82 ? 37   PRO A CD  1 
ATOM   304  N  N   . SER A 1 38  ? -9.888  -17.164 10.201  1.00 16.64 ? 38   SER A N   1 
ATOM   305  C  CA  . SER A 1 38  ? -10.371 -17.138 11.575  1.00 16.29 ? 38   SER A CA  1 
ATOM   306  C  C   . SER A 1 38  ? -10.454 -15.712 12.114  1.00 16.03 ? 38   SER A C   1 
ATOM   307  O  O   . SER A 1 38  ? -9.434  -15.027 12.228  1.00 15.58 ? 38   SER A O   1 
ATOM   308  C  CB  . SER A 1 38  ? -9.461  -17.978 12.475  1.00 16.20 ? 38   SER A CB  1 
ATOM   309  O  OG  . SER A 1 38  ? -9.689  -17.674 13.840  1.00 16.20 ? 38   SER A OG  1 
ATOM   310  N  N   . LEU A 1 39  ? -11.663 -15.277 12.453  1.00 15.96 ? 39   LEU A N   1 
ATOM   311  C  CA  . LEU A 1 39  ? -11.857 -13.955 13.064  1.00 16.10 ? 39   LEU A CA  1 
ATOM   312  C  C   . LEU A 1 39  ? -11.119 -13.833 14.397  1.00 15.71 ? 39   LEU A C   1 
ATOM   313  O  O   . LEU A 1 39  ? -10.584 -12.765 14.726  1.00 15.43 ? 39   LEU A O   1 
ATOM   314  C  CB  . LEU A 1 39  ? -13.347 -13.643 13.246  1.00 16.06 ? 39   LEU A CB  1 
ATOM   315  C  CG  . LEU A 1 39  ? -13.730 -12.318 13.926  1.00 16.23 ? 39   LEU A CG  1 
ATOM   316  C  CD1 . LEU A 1 39  ? -13.195 -11.101 13.161  1.00 17.02 ? 39   LEU A CD1 1 
ATOM   317  C  CD2 . LEU A 1 39  ? -15.235 -12.227 14.090  1.00 16.91 ? 39   LEU A CD2 1 
ATOM   318  N  N   . ASN A 1 40  ? -11.099 -14.920 15.166  1.00 15.56 ? 40   ASN A N   1 
ATOM   319  C  CA  . ASN A 1 40  ? -10.368 -14.929 16.432  1.00 15.36 ? 40   ASN A CA  1 
ATOM   320  C  C   . ASN A 1 40  ? -8.870  -14.714 16.252  1.00 14.82 ? 40   ASN A C   1 
ATOM   321  O  O   . ASN A 1 40  ? -8.243  -14.024 17.062  1.00 14.30 ? 40   ASN A O   1 
ATOM   322  C  CB  . ASN A 1 40  ? -10.637 -16.216 17.217  1.00 16.21 ? 40   ASN A CB  1 
ATOM   323  C  CG  . ASN A 1 40  ? -12.003 -16.218 17.870  1.00 17.21 ? 40   ASN A CG  1 
ATOM   324  O  OD1 . ASN A 1 40  ? -12.458 -15.199 18.394  1.00 20.53 ? 40   ASN A OD1 1 
ATOM   325  N  ND2 . ASN A 1 40  ? -12.664 -17.365 17.845  1.00 20.38 ? 40   ASN A ND2 1 
ATOM   326  N  N   . ALA A 1 41  ? -8.314  -15.301 15.189  1.00 13.93 ? 41   ALA A N   1 
ATOM   327  C  CA  . ALA A 1 41  ? -6.913  -15.106 14.830  1.00 13.43 ? 41   ALA A CA  1 
ATOM   328  C  C   . ALA A 1 41  ? -6.655  -13.640 14.497  1.00 13.18 ? 41   ALA A C   1 
ATOM   329  O  O   . ALA A 1 41  ? -5.644  -13.078 14.916  1.00 12.63 ? 41   ALA A O   1 
ATOM   330  C  CB  . ALA A 1 41  ? -6.519  -16.001 13.654  1.00 13.66 ? 41   ALA A CB  1 
ATOM   331  N  N   . ALA A 1 42  ? -7.585  -13.038 13.754  1.00 12.22 ? 42   ALA A N   1 
ATOM   332  C  CA  . ALA A 1 42  ? -7.511  -11.617 13.397  1.00 12.41 ? 42   ALA A CA  1 
ATOM   333  C  C   . ALA A 1 42  ? -7.565  -10.718 14.628  1.00 12.15 ? 42   ALA A C   1 
ATOM   334  O  O   . ALA A 1 42  ? -6.794  -9.756  14.735  1.00 11.99 ? 42   ALA A O   1 
ATOM   335  C  CB  . ALA A 1 42  ? -8.629  -11.252 12.422  1.00 12.26 ? 42   ALA A CB  1 
ATOM   336  N  N   A LYS A 1 43  ? -8.476  -11.030 15.550  0.70 12.23 ? 43   LYS A N   1 
ATOM   337  N  N   B LYS A 1 43  ? -8.469  -11.044 15.550  0.30 12.09 ? 43   LYS A N   1 
ATOM   338  C  CA  A LYS A 1 43  ? -8.625  -10.260 16.792  0.70 12.65 ? 43   LYS A CA  1 
ATOM   339  C  CA  B LYS A 1 43  ? -8.632  -10.284 16.784  0.30 12.15 ? 43   LYS A CA  1 
ATOM   340  C  C   A LYS A 1 43  ? -7.345  -10.323 17.629  0.70 12.33 ? 43   LYS A C   1 
ATOM   341  C  C   B LYS A 1 43  ? -7.360  -10.333 17.633  0.30 12.09 ? 43   LYS A C   1 
ATOM   342  O  O   A LYS A 1 43  ? -6.937  -9.318  18.219  0.70 12.43 ? 43   LYS A O   1 
ATOM   343  O  O   B LYS A 1 43  ? -6.974  -9.336  18.244  0.30 12.16 ? 43   LYS A O   1 
ATOM   344  C  CB  A LYS A 1 43  ? -9.832  -10.748 17.605  0.70 12.50 ? 43   LYS A CB  1 
ATOM   345  C  CB  B LYS A 1 43  ? -9.822  -10.815 17.584  0.30 12.09 ? 43   LYS A CB  1 
ATOM   346  C  CG  A LYS A 1 43  ? -11.183 -10.275 17.075  0.70 13.34 ? 43   LYS A CG  1 
ATOM   347  C  CG  B LYS A 1 43  ? -10.373 -9.806  18.557  0.30 12.10 ? 43   LYS A CG  1 
ATOM   348  C  CD  A LYS A 1 43  ? -12.345 -10.929 17.817  0.70 13.47 ? 43   LYS A CD  1 
ATOM   349  C  CD  B LYS A 1 43  ? -10.470 -10.386 19.947  0.30 12.33 ? 43   LYS A CD  1 
ATOM   350  C  CE  A LYS A 1 43  ? -13.682 -10.336 17.388  0.70 14.87 ? 43   LYS A CE  1 
ATOM   351  C  CE  B LYS A 1 43  ? -9.853  -9.413  20.924  0.30 12.14 ? 43   LYS A CE  1 
ATOM   352  N  NZ  A LYS A 1 43  ? -14.806 -10.909 18.184  0.70 16.07 ? 43   LYS A NZ  1 
ATOM   353  N  NZ  B LYS A 1 43  ? -10.172 -9.665  22.341  0.30 12.15 ? 43   LYS A NZ  1 
ATOM   354  N  N   . SER A 1 44  ? -6.717  -11.498 17.660  1.00 12.16 ? 44   SER A N   1 
ATOM   355  C  CA  A SER A 1 44  ? -5.446  -11.691 18.359  0.70 12.40 ? 44   SER A CA  1 
ATOM   356  C  CA  B SER A 1 44  ? -5.449  -11.674 18.366  0.30 12.01 ? 44   SER A CA  1 
ATOM   357  C  C   . SER A 1 44  ? -4.351  -10.808 17.759  1.00 12.07 ? 44   SER A C   1 
ATOM   358  O  O   . SER A 1 44  ? -3.606  -10.145 18.487  1.00 12.08 ? 44   SER A O   1 
ATOM   359  C  CB  A SER A 1 44  ? -5.027  -13.162 18.308  0.70 12.46 ? 44   SER A CB  1 
ATOM   360  C  CB  B SER A 1 44  ? -5.022  -13.145 18.359  0.30 12.02 ? 44   SER A CB  1 
ATOM   361  O  OG  A SER A 1 44  ? -3.850  -13.382 19.059  0.70 14.18 ? 44   SER A OG  1 
ATOM   362  O  OG  B SER A 1 44  ? -5.823  -13.915 19.238  0.30 11.61 ? 44   SER A OG  1 
ATOM   363  N  N   . GLU A 1 45  ? -4.260  -10.809 16.428  1.00 11.78 ? 45   GLU A N   1 
ATOM   364  C  CA  . GLU A 1 45  ? -3.298  -9.960  15.718  1.00 11.72 ? 45   GLU A CA  1 
ATOM   365  C  C   . GLU A 1 45  ? -3.537  -8.489  16.037  1.00 11.74 ? 45   GLU A C   1 
ATOM   366  O  O   . GLU A 1 45  ? -2.583  -7.741  16.243  1.00 11.77 ? 45   GLU A O   1 
ATOM   367  C  CB  . GLU A 1 45  ? -3.344  -10.190 14.204  1.00 11.77 ? 45   GLU A CB  1 
ATOM   368  C  CG  . GLU A 1 45  ? -2.777  -11.538 13.752  1.00 12.56 ? 45   GLU A CG  1 
ATOM   369  C  CD  . GLU A 1 45  ? -1.316  -11.741 14.133  1.00 14.63 ? 45   GLU A CD  1 
ATOM   370  O  OE1 . GLU A 1 45  ? -0.491  -10.832 13.902  1.00 15.92 ? 45   GLU A OE1 1 
ATOM   371  O  OE2 . GLU A 1 45  ? -0.989  -12.822 14.656  1.00 15.58 ? 45   GLU A OE2 1 
ATOM   372  N  N   . LEU A 1 46  ? -4.807  -8.089  16.093  1.00 11.33 ? 46   LEU A N   1 
ATOM   373  C  CA  . LEU A 1 46  ? -5.170  -6.717  16.440  1.00 11.12 ? 46   LEU A CA  1 
ATOM   374  C  C   . LEU A 1 46  ? -4.684  -6.348  17.841  1.00 11.15 ? 46   LEU A C   1 
ATOM   375  O  O   . LEU A 1 46  ? -4.000  -5.341  18.017  1.00 10.35 ? 46   LEU A O   1 
ATOM   376  C  CB  . LEU A 1 46  ? -6.681  -6.495  16.315  1.00 11.13 ? 46   LEU A CB  1 
ATOM   377  C  CG  . LEU A 1 46  ? -7.202  -5.095  16.664  1.00 11.79 ? 46   LEU A CG  1 
ATOM   378  C  CD1 . LEU A 1 46  ? -6.492  -4.007  15.859  1.00 11.98 ? 46   LEU A CD1 1 
ATOM   379  C  CD2 . LEU A 1 46  ? -8.701  -5.038  16.441  1.00 10.84 ? 46   LEU A CD2 1 
ATOM   380  N  N   . ASP A 1 47  ? -5.035  -7.176  18.822  1.00 11.17 ? 47   ASP A N   1 
ATOM   381  C  CA  . ASP A 1 47  ? -4.607  -6.980  20.209  1.00 11.45 ? 47   ASP A CA  1 
ATOM   382  C  C   . ASP A 1 47  ? -3.090  -6.833  20.328  1.00 11.43 ? 47   ASP A C   1 
ATOM   383  O  O   . ASP A 1 47  ? -2.598  -5.941  21.030  1.00 11.44 ? 47   ASP A O   1 
ATOM   384  C  CB  . ASP A 1 47  ? -5.102  -8.136  21.089  1.00 11.62 ? 47   ASP A CB  1 
ATOM   385  C  CG  . ASP A 1 47  ? -6.618  -8.151  21.252  1.00 12.41 ? 47   ASP A CG  1 
ATOM   386  O  OD1 . ASP A 1 47  ? -7.294  -7.176  20.865  1.00 11.19 ? 47   ASP A OD1 1 
ATOM   387  O  OD2 . ASP A 1 47  ? -7.135  -9.157  21.783  1.00 12.84 ? 47   ASP A OD2 1 
ATOM   388  N  N   . LYS A 1 48  ? -2.361  -7.702  19.624  1.00 11.62 ? 48   LYS A N   1 
ATOM   389  C  CA  . LYS A 1 48  ? -0.894  -7.692  19.599  1.00 11.74 ? 48   LYS A CA  1 
ATOM   390  C  C   . LYS A 1 48  ? -0.358  -6.389  18.989  1.00 11.59 ? 48   LYS A C   1 
ATOM   391  O  O   . LYS A 1 48  ? 0.620   -5.817  19.484  1.00 11.02 ? 48   LYS A O   1 
ATOM   392  C  CB  . LYS A 1 48  ? -0.379  -8.923  18.836  1.00 11.67 ? 48   LYS A CB  1 
ATOM   393  C  CG  . LYS A 1 48  ? 1.121   -8.956  18.545  1.00 12.03 ? 48   LYS A CG  1 
ATOM   394  C  CD  . LYS A 1 48  ? 1.617   -10.344 18.107  1.00 12.50 ? 48   LYS A CD  1 
ATOM   395  C  CE  . LYS A 1 48  ? 0.959   -10.859 16.830  1.00 13.52 ? 48   LYS A CE  1 
ATOM   396  N  NZ  . LYS A 1 48  ? 1.631   -10.413 15.582  1.00 13.21 ? 48   LYS A NZ  1 
ATOM   397  N  N   . ALA A 1 49  ? -1.017  -5.921  17.928  1.00 11.66 ? 49   ALA A N   1 
ATOM   398  C  CA  . ALA A 1 49  ? -0.605  -4.690  17.240  1.00 12.02 ? 49   ALA A CA  1 
ATOM   399  C  C   . ALA A 1 49  ? -0.837  -3.437  18.085  1.00 12.46 ? 49   ALA A C   1 
ATOM   400  O  O   . ALA A 1 49  ? 0.008   -2.537  18.108  1.00 12.63 ? 49   ALA A O   1 
ATOM   401  C  CB  . ALA A 1 49  ? -1.302  -4.562  15.884  1.00 12.01 ? 49   ALA A CB  1 
ATOM   402  N  N   . ILE A 1 50  ? -1.975  -3.396  18.781  1.00 12.92 ? 50   ILE A N   1 
ATOM   403  C  CA  . ILE A 1 50  ? -2.394  -2.230  19.568  1.00 13.90 ? 50   ILE A CA  1 
ATOM   404  C  C   . ILE A 1 50  ? -1.803  -2.233  20.984  1.00 14.03 ? 50   ILE A C   1 
ATOM   405  O  O   . ILE A 1 50  ? -1.574  -1.171  21.574  1.00 14.18 ? 50   ILE A O   1 
ATOM   406  C  CB  . ILE A 1 50  ? -3.955  -2.142  19.649  1.00 13.88 ? 50   ILE A CB  1 
ATOM   407  C  CG1 . ILE A 1 50  ? -4.566  -1.995  18.245  1.00 15.35 ? 50   ILE A CG1 1 
ATOM   408  C  CG2 . ILE A 1 50  ? -4.423  -1.011  20.588  1.00 15.31 ? 50   ILE A CG2 1 
ATOM   409  C  CD1 . ILE A 1 50  ? -4.204  -0.703  17.506  1.00 17.49 ? 50   ILE A CD1 1 
ATOM   410  N  N   . GLY A 1 51  ? -1.577  -3.426  21.524  1.00 14.05 ? 51   GLY A N   1 
ATOM   411  C  CA  . GLY A 1 51  ? -1.049  -3.571  22.879  1.00 15.04 ? 51   GLY A CA  1 
ATOM   412  C  C   . GLY A 1 51  ? -2.109  -3.547  23.964  1.00 15.54 ? 51   GLY A C   1 
ATOM   413  O  O   . GLY A 1 51  ? -1.828  -3.163  25.105  1.00 15.60 ? 51   GLY A O   1 
ATOM   414  N  N   . ARG A 1 52  ? -3.329  -3.949  23.612  1.00 15.94 ? 52   ARG A N   1 
ATOM   415  C  CA  . ARG A 1 52  ? -4.433  -4.047  24.572  1.00 16.44 ? 52   ARG A CA  1 
ATOM   416  C  C   . ARG A 1 52  ? -5.519  -4.988  24.054  1.00 16.94 ? 52   ARG A C   1 
ATOM   417  O  O   . ARG A 1 52  ? -5.569  -5.300  22.862  1.00 16.55 ? 52   ARG A O   1 
ATOM   418  C  CB  . ARG A 1 52  ? -5.024  -2.667  24.899  1.00 16.49 ? 52   ARG A CB  1 
ATOM   419  C  CG  . ARG A 1 52  ? -5.811  -2.040  23.759  1.00 16.47 ? 52   ARG A CG  1 
ATOM   420  C  CD  . ARG A 1 52  ? -6.422  -0.679  24.119  1.00 16.31 ? 52   ARG A CD  1 
ATOM   421  N  NE  . ARG A 1 52  ? -7.145  -0.144  22.964  1.00 15.47 ? 52   ARG A NE  1 
ATOM   422  C  CZ  . ARG A 1 52  ? -8.405  -0.445  22.656  1.00 15.77 ? 52   ARG A CZ  1 
ATOM   423  N  NH1 . ARG A 1 52  ? -9.117  -1.263  23.430  1.00 15.75 ? 52   ARG A NH1 1 
ATOM   424  N  NH2 . ARG A 1 52  ? -8.963  0.081   21.569  1.00 15.44 ? 52   ARG A NH2 1 
ATOM   425  N  N   . ASN A 1 53  ? -6.388  -5.425  24.961  1.00 17.52 ? 53   ASN A N   1 
ATOM   426  C  CA  . ASN A 1 53  ? -7.484  -6.329  24.619  1.00 18.31 ? 53   ASN A CA  1 
ATOM   427  C  C   . ASN A 1 53  ? -8.647  -5.537  24.006  1.00 18.24 ? 53   ASN A C   1 
ATOM   428  O  O   . ASN A 1 53  ? -9.426  -4.917  24.730  1.00 18.43 ? 53   ASN A O   1 
ATOM   429  C  CB  . ASN A 1 53  ? -7.930  -7.090  25.878  1.00 18.60 ? 53   ASN A CB  1 
ATOM   430  C  CG  . ASN A 1 53  ? -8.690  -8.370  25.568  1.00 20.51 ? 53   ASN A CG  1 
ATOM   431  O  OD1 . ASN A 1 53  ? -9.118  -8.609  24.439  1.00 23.11 ? 53   ASN A OD1 1 
ATOM   432  N  ND2 . ASN A 1 53  ? -8.860  -9.206  26.585  1.00 21.97 ? 53   ASN A ND2 1 
ATOM   433  N  N   . THR A 1 54  ? -8.755  -5.570  22.676  1.00 18.37 ? 54   THR A N   1 
ATOM   434  C  CA  . THR A 1 54  ? -9.657  -4.676  21.928  1.00 18.53 ? 54   THR A CA  1 
ATOM   435  C  C   . THR A 1 54  ? -11.036 -5.251  21.590  1.00 18.81 ? 54   THR A C   1 
ATOM   436  O  O   . THR A 1 54  ? -12.003 -4.505  21.469  1.00 18.75 ? 54   THR A O   1 
ATOM   437  C  CB  . THR A 1 54  ? -9.048  -4.242  20.562  1.00 18.53 ? 54   THR A CB  1 
ATOM   438  O  OG1 . THR A 1 54  ? -9.010  -5.372  19.677  1.00 18.59 ? 54   THR A OG1 1 
ATOM   439  C  CG2 . THR A 1 54  ? -7.649  -3.660  20.721  1.00 17.82 ? 54   THR A CG2 1 
ATOM   440  N  N   . ASN A 1 55  ? -11.109 -6.564  21.386  1.00 19.18 ? 55   ASN A N   1 
ATOM   441  C  CA  . ASN A 1 55  ? -12.274 -7.205  20.745  1.00 19.27 ? 55   ASN A CA  1 
ATOM   442  C  C   . ASN A 1 55  ? -12.811 -6.476  19.496  1.00 19.09 ? 55   ASN A C   1 
ATOM   443  O  O   . ASN A 1 55  ? -14.011 -6.163  19.394  1.00 19.44 ? 55   ASN A O   1 
ATOM   444  C  CB  . ASN A 1 55  ? -13.394 -7.480  21.753  1.00 20.02 ? 55   ASN A CB  1 
ATOM   445  C  CG  . ASN A 1 55  ? -14.346 -8.572  21.295  1.00 20.52 ? 55   ASN A CG  1 
ATOM   446  O  OD1 . ASN A 1 55  ? -13.945 -9.532  20.629  1.00 21.87 ? 55   ASN A OD1 1 
ATOM   447  N  ND2 . ASN A 1 55  ? -15.613 -8.436  21.660  1.00 22.54 ? 55   ASN A ND2 1 
ATOM   448  N  N   . GLY A 1 56  ? -11.901 -6.190  18.568  1.00 18.06 ? 56   GLY A N   1 
ATOM   449  C  CA  . GLY A 1 56  ? -12.268 -5.819  17.204  1.00 16.86 ? 56   GLY A CA  1 
ATOM   450  C  C   . GLY A 1 56  ? -12.516 -4.359  16.864  1.00 15.93 ? 56   GLY A C   1 
ATOM   451  O  O   . GLY A 1 56  ? -12.803 -4.054  15.710  1.00 15.36 ? 56   GLY A O   1 
ATOM   452  N  N   . VAL A 1 57  ? -12.427 -3.462  17.848  1.00 15.16 ? 57   VAL A N   1 
ATOM   453  C  CA  . VAL A 1 57  ? -12.655 -2.032  17.609  1.00 14.61 ? 57   VAL A CA  1 
ATOM   454  C  C   . VAL A 1 57  ? -11.497 -1.198  18.147  1.00 14.23 ? 57   VAL A C   1 
ATOM   455  O  O   . VAL A 1 57  ? -11.010 -1.443  19.255  1.00 14.09 ? 57   VAL A O   1 
ATOM   456  C  CB  . VAL A 1 57  ? -13.984 -1.521  18.233  1.00 14.85 ? 57   VAL A CB  1 
ATOM   457  C  CG1 . VAL A 1 57  ? -14.266 -0.074  17.800  1.00 15.11 ? 57   VAL A CG1 1 
ATOM   458  C  CG2 . VAL A 1 57  ? -15.157 -2.422  17.845  1.00 15.38 ? 57   VAL A CG2 1 
ATOM   459  N  N   . ILE A 1 58  ? -11.065 -0.220  17.350  1.00 13.41 ? 58   ILE A N   1 
ATOM   460  C  CA  . ILE A 1 58  ? -9.997  0.705   17.750  1.00 13.04 ? 58   ILE A CA  1 
ATOM   461  C  C   . ILE A 1 58  ? -10.440 2.163   17.587  1.00 12.98 ? 58   ILE A C   1 
ATOM   462  O  O   . ILE A 1 58  ? -11.472 2.441   16.963  1.00 12.65 ? 58   ILE A O   1 
ATOM   463  C  CB  . ILE A 1 58  ? -8.661  0.440   16.981  1.00 13.03 ? 58   ILE A CB  1 
ATOM   464  C  CG1 . ILE A 1 58  ? -8.835  0.621   15.463  1.00 12.93 ? 58   ILE A CG1 1 
ATOM   465  C  CG2 . ILE A 1 58  ? -8.096  -0.948  17.334  1.00 13.31 ? 58   ILE A CG2 1 
ATOM   466  C  CD1 . ILE A 1 58  ? -7.527  0.482   14.664  1.00 12.69 ? 58   ILE A CD1 1 
ATOM   467  N  N   . THR A 1 59  ? -9.668  3.086   18.162  1.00 12.78 ? 59   THR A N   1 
ATOM   468  C  CA  . THR A 1 59  ? -9.936  4.520   18.032  1.00 12.69 ? 59   THR A CA  1 
ATOM   469  C  C   . THR A 1 59  ? -9.258  5.061   16.771  1.00 12.61 ? 59   THR A C   1 
ATOM   470  O  O   . THR A 1 59  ? -8.406  4.388   16.193  1.00 11.93 ? 59   THR A O   1 
ATOM   471  C  CB  . THR A 1 59  ? -9.407  5.317   19.245  1.00 12.76 ? 59   THR A CB  1 
ATOM   472  O  OG1 . THR A 1 59  ? -7.973  5.288   19.247  1.00 11.91 ? 59   THR A OG1 1 
ATOM   473  C  CG2 . THR A 1 59  ? -9.939  4.735   20.562  1.00 13.26 ? 59   THR A CG2 1 
ATOM   474  N  N   . LYS A 1 60  ? -9.634  6.271   16.356  1.00 12.48 ? 60   LYS A N   1 
ATOM   475  C  CA  . LYS A 1 60  ? -8.987  6.919   15.209  1.00 12.86 ? 60   LYS A CA  1 
ATOM   476  C  C   . LYS A 1 60  ? -7.495  7.132   15.452  1.00 12.44 ? 60   LYS A C   1 
ATOM   477  O  O   . LYS A 1 60  ? -6.682  6.926   14.544  1.00 12.12 ? 60   LYS A O   1 
ATOM   478  C  CB  . LYS A 1 60  ? -9.666  8.248   14.856  1.00 12.93 ? 60   LYS A CB  1 
ATOM   479  C  CG  . LYS A 1 60  ? -9.144  8.874   13.566  1.00 14.81 ? 60   LYS A CG  1 
ATOM   480  C  CD  . LYS A 1 60  ? -9.909  10.150  13.235  1.00 16.63 ? 60   LYS A CD  1 
ATOM   481  C  CE  . LYS A 1 60  ? -9.532  10.671  11.866  1.00 18.81 ? 60   LYS A CE  1 
ATOM   482  N  NZ  . LYS A 1 60  ? -10.091 12.028  11.631  1.00 20.76 ? 60   LYS A NZ  1 
ATOM   483  N  N   . ASP A 1 61  ? -7.144  7.537   16.674  1.00 12.37 ? 61   ASP A N   1 
ATOM   484  C  CA  . ASP A 1 61  ? -5.742  7.731   17.053  1.00 12.44 ? 61   ASP A CA  1 
ATOM   485  C  C   . ASP A 1 61  ? -4.958  6.435   16.883  1.00 11.72 ? 61   ASP A C   1 
ATOM   486  O  O   . ASP A 1 61  ? -3.863  6.438   16.323  1.00 11.39 ? 61   ASP A O   1 
ATOM   487  C  CB  . ASP A 1 61  ? -5.624  8.245   18.495  1.00 12.91 ? 61   ASP A CB  1 
ATOM   488  C  CG  . ASP A 1 61  ? -5.925  9.737   18.626  1.00 14.95 ? 61   ASP A CG  1 
ATOM   489  O  OD1 . ASP A 1 61  ? -6.307  10.388  17.626  1.00 16.99 ? 61   ASP A OD1 1 
ATOM   490  O  OD2 . ASP A 1 61  ? -5.766  10.260  19.749  1.00 17.67 ? 61   ASP A OD2 1 
ATOM   491  N  N   . GLU A 1 62  ? -5.535  5.328   17.348  1.00 11.43 ? 62   GLU A N   1 
ATOM   492  C  CA  . GLU A 1 62  ? -4.897  4.019   17.225  1.00 11.16 ? 62   GLU A CA  1 
ATOM   493  C  C   . GLU A 1 62  ? -4.747  3.615   15.755  1.00 10.59 ? 62   GLU A C   1 
ATOM   494  O  O   . GLU A 1 62  ? -3.691  3.136   15.353  1.00 10.39 ? 62   GLU A O   1 
ATOM   495  C  CB  . GLU A 1 62  ? -5.666  2.960   18.023  1.00 11.27 ? 62   GLU A CB  1 
ATOM   496  C  CG  . GLU A 1 62  ? -5.526  3.137   19.529  1.00 11.12 ? 62   GLU A CG  1 
ATOM   497  C  CD  . GLU A 1 62  ? -6.495  2.290   20.346  1.00 11.59 ? 62   GLU A CD  1 
ATOM   498  O  OE1 . GLU A 1 62  ? -7.541  1.853   19.813  1.00 11.04 ? 62   GLU A OE1 1 
ATOM   499  O  OE2 . GLU A 1 62  ? -6.196  2.067   21.542  1.00 11.41 ? 62   GLU A OE2 1 
ATOM   500  N  N   . ALA A 1 63  ? -5.796  3.828   14.961  1.00 10.58 ? 63   ALA A N   1 
ATOM   501  C  CA  . ALA A 1 63  ? -5.739  3.566   13.521  1.00 10.35 ? 63   ALA A CA  1 
ATOM   502  C  C   . ALA A 1 63  ? -4.602  4.346   12.854  1.00 10.36 ? 63   ALA A C   1 
ATOM   503  O  O   . ALA A 1 63  ? -3.827  3.779   12.083  1.00 10.12 ? 63   ALA A O   1 
ATOM   504  C  CB  . ALA A 1 63  ? -7.087  3.869   12.852  1.00 10.72 ? 63   ALA A CB  1 
ATOM   505  N  N   . GLU A 1 64  ? -4.489  5.634   13.175  1.00 10.38 ? 64   GLU A N   1 
ATOM   506  C  CA  . GLU A 1 64  ? -3.436  6.477   12.606  1.00 10.75 ? 64   GLU A CA  1 
ATOM   507  C  C   . GLU A 1 64  ? -2.038  6.050   13.058  1.00 10.38 ? 64   GLU A C   1 
ATOM   508  O  O   . GLU A 1 64  ? -1.074  6.153   12.294  1.00 10.41 ? 64   GLU A O   1 
ATOM   509  C  CB  . GLU A 1 64  ? -3.710  7.957   12.894  1.00 10.41 ? 64   GLU A CB  1 
ATOM   510  C  CG  . GLU A 1 64  ? -4.904  8.481   12.093  1.00 10.81 ? 64   GLU A CG  1 
ATOM   511  C  CD  . GLU A 1 64  ? -5.348  9.879   12.478  1.00 12.73 ? 64   GLU A CD  1 
ATOM   512  O  OE1 . GLU A 1 64  ? -6.133  10.460  11.698  1.00 15.36 ? 64   GLU A OE1 1 
ATOM   513  O  OE2 . GLU A 1 64  ? -4.933  10.387  13.547  1.00 14.05 ? 64   GLU A OE2 1 
ATOM   514  N  N   . LYS A 1 65  ? -1.935  5.553   14.288  1.00 10.33 ? 65   LYS A N   1 
ATOM   515  C  CA  . LYS A 1 65  ? -0.661  5.041   14.803  1.00 10.34 ? 65   LYS A CA  1 
ATOM   516  C  C   . LYS A 1 65  ? -0.165  3.837   13.987  1.00 10.11 ? 65   LYS A C   1 
ATOM   517  O  O   . LYS A 1 65  ? 0.986   3.819   13.532  1.00 9.98  ? 65   LYS A O   1 
ATOM   518  C  CB  . LYS A 1 65  ? -0.769  4.679   16.287  1.00 10.30 ? 65   LYS A CB  1 
ATOM   519  C  CG  . LYS A 1 65  ? 0.570   4.266   16.914  1.00 11.60 ? 65   LYS A CG  1 
ATOM   520  C  CD  . LYS A 1 65  ? 0.409   3.997   18.401  1.00 13.43 ? 65   LYS A CD  1 
ATOM   521  C  CE  . LYS A 1 65  ? 1.651   3.349   18.999  1.00 15.09 ? 65   LYS A CE  1 
ATOM   522  N  NZ  . LYS A 1 65  ? 2.775   4.307   19.156  1.00 16.62 ? 65   LYS A NZ  1 
ATOM   523  N  N   . LEU A 1 66  ? -1.038  2.847   13.797  1.00 9.76  ? 66   LEU A N   1 
ATOM   524  C  CA  . LEU A 1 66  ? -0.734  1.697   12.940  1.00 9.92  ? 66   LEU A CA  1 
ATOM   525  C  C   . LEU A 1 66  ? -0.414  2.124   11.505  1.00 9.88  ? 66   LEU A C   1 
ATOM   526  O  O   . LEU A 1 66  ? 0.485   1.573   10.877  1.00 9.19  ? 66   LEU A O   1 
ATOM   527  C  CB  . LEU A 1 66  ? -1.895  0.700   12.929  1.00 10.27 ? 66   LEU A CB  1 
ATOM   528  C  CG  . LEU A 1 66  ? -2.281  0.018   14.245  1.00 10.46 ? 66   LEU A CG  1 
ATOM   529  C  CD1 . LEU A 1 66  ? -3.391  -0.992  13.987  1.00 11.41 ? 66   LEU A CD1 1 
ATOM   530  C  CD2 . LEU A 1 66  ? -1.078  -0.654  14.911  1.00 11.37 ? 66   LEU A CD2 1 
ATOM   531  N  N   . PHE A 1 67  ? -1.158  3.108   11.004  1.00 10.00 ? 67   PHE A N   1 
ATOM   532  C  CA  . PHE A 1 67  ? -0.964  3.625   9.640   1.00 10.44 ? 67   PHE A CA  1 
ATOM   533  C  C   . PHE A 1 67  ? 0.450   4.197   9.451   1.00 10.66 ? 67   PHE A C   1 
ATOM   534  O  O   . PHE A 1 67  ? 1.149   3.843   8.485   1.00 10.38 ? 67   PHE A O   1 
ATOM   535  C  CB  . PHE A 1 67  ? -2.049  4.660   9.324   1.00 10.44 ? 67   PHE A CB  1 
ATOM   536  C  CG  . PHE A 1 67  ? -1.989  5.224   7.920   1.00 10.72 ? 67   PHE A CG  1 
ATOM   537  C  CD1 . PHE A 1 67  ? -1.774  4.397   6.813   1.00 10.70 ? 67   PHE A CD1 1 
ATOM   538  C  CD2 . PHE A 1 67  ? -2.201  6.585   7.712   1.00 11.04 ? 67   PHE A CD2 1 
ATOM   539  C  CE1 . PHE A 1 67  ? -1.743  4.937   5.518   1.00 10.88 ? 67   PHE A CE1 1 
ATOM   540  C  CE2 . PHE A 1 67  ? -2.184  7.129   6.434   1.00 11.21 ? 67   PHE A CE2 1 
ATOM   541  C  CZ  . PHE A 1 67  ? -1.949  6.302   5.337   1.00 10.50 ? 67   PHE A CZ  1 
ATOM   542  N  N   . ASN A 1 68  ? 0.869   5.054   10.384  1.00 10.76 ? 68   ASN A N   1 
ATOM   543  C  CA  A ASN A 1 68  ? 2.221   5.619   10.350  0.70 11.22 ? 68   ASN A CA  1 
ATOM   544  C  CA  B ASN A 1 68  ? 2.223   5.615   10.366  0.30 11.12 ? 68   ASN A CA  1 
ATOM   545  C  C   . ASN A 1 68  ? 3.288   4.521   10.368  1.00 11.09 ? 68   ASN A C   1 
ATOM   546  O  O   . ASN A 1 68  ? 4.251   4.574   9.599   1.00 11.31 ? 68   ASN A O   1 
ATOM   547  C  CB  A ASN A 1 68  ? 2.430   6.604   11.507  0.70 11.31 ? 68   ASN A CB  1 
ATOM   548  C  CB  B ASN A 1 68  ? 2.437   6.573   11.545  0.30 11.21 ? 68   ASN A CB  1 
ATOM   549  C  CG  A ASN A 1 68  ? 3.663   7.483   11.322  0.70 11.91 ? 68   ASN A CG  1 
ATOM   550  C  CG  B ASN A 1 68  ? 1.752   7.914   11.345  0.30 11.65 ? 68   ASN A CG  1 
ATOM   551  O  OD1 A ASN A 1 68  ? 4.595   7.147   10.582  0.70 13.47 ? 68   ASN A OD1 1 
ATOM   552  O  OD1 B ASN A 1 68  ? 1.428   8.298   10.226  0.30 12.81 ? 68   ASN A OD1 1 
ATOM   553  N  ND2 A ASN A 1 68  ? 3.674   8.616   12.006  0.70 11.66 ? 68   ASN A ND2 1 
ATOM   554  N  ND2 B ASN A 1 68  ? 1.529   8.635   12.436  0.30 12.04 ? 68   ASN A ND2 1 
ATOM   555  N  N   . GLN A 1 69  ? 3.104   3.524   11.239  1.00 11.09 ? 69   GLN A N   1 
ATOM   556  C  CA  . GLN A 1 69  ? 4.018   2.382   11.328  1.00 10.96 ? 69   GLN A CA  1 
ATOM   557  C  C   . GLN A 1 69  ? 4.082   1.606   10.013  1.00 11.23 ? 69   GLN A C   1 
ATOM   558  O  O   . GLN A 1 69  ? 5.162   1.232   9.559   1.00 10.81 ? 69   GLN A O   1 
ATOM   559  C  CB  . GLN A 1 69  ? 3.603   1.457   12.474  1.00 10.73 ? 69   GLN A CB  1 
ATOM   560  C  CG  . GLN A 1 69  ? 3.869   2.072   13.845  1.00 10.94 ? 69   GLN A CG  1 
ATOM   561  C  CD  . GLN A 1 69  ? 3.405   1.225   15.007  1.00 11.43 ? 69   GLN A CD  1 
ATOM   562  O  OE1 . GLN A 1 69  ? 3.752   1.508   16.154  1.00 13.12 ? 69   GLN A OE1 1 
ATOM   563  N  NE2 . GLN A 1 69  ? 2.618   0.186   14.729  1.00 11.53 ? 69   GLN A NE2 1 
ATOM   564  N  N   . ASP A 1 70  ? 2.916   1.387   9.413   1.00 11.35 ? 70   ASP A N   1 
ATOM   565  C  CA  . ASP A 1 70  ? 2.810   0.661   8.150   1.00 11.47 ? 70   ASP A CA  1 
ATOM   566  C  C   . ASP A 1 70  ? 3.469   1.399   6.987   1.00 11.35 ? 70   ASP A C   1 
ATOM   567  O  O   . ASP A 1 70  ? 4.129   0.772   6.155   1.00 11.16 ? 70   ASP A O   1 
ATOM   568  C  CB  . ASP A 1 70  ? 1.346   0.342   7.828   1.00 11.20 ? 70   ASP A CB  1 
ATOM   569  C  CG  . ASP A 1 70  ? 0.724   -0.638  8.815   1.00 11.72 ? 70   ASP A CG  1 
ATOM   570  O  OD1 . ASP A 1 70  ? 1.464   -1.301  9.579   1.00 10.43 ? 70   ASP A OD1 1 
ATOM   571  O  OD2 . ASP A 1 70  ? -0.519  -0.733  8.835   1.00 11.27 ? 70   ASP A OD2 1 
ATOM   572  N  N   . VAL A 1 71  ? 3.295   2.719   6.934   1.00 11.41 ? 71   VAL A N   1 
ATOM   573  C  CA  . VAL A 1 71  ? 3.937   3.542   5.899   1.00 11.94 ? 71   VAL A CA  1 
ATOM   574  C  C   . VAL A 1 71  ? 5.461   3.450   6.074   1.00 12.31 ? 71   VAL A C   1 
ATOM   575  O  O   . VAL A 1 71  ? 6.197   3.218   5.111   1.00 11.89 ? 71   VAL A O   1 
ATOM   576  C  CB  . VAL A 1 71  ? 3.450   5.019   5.940   1.00 12.04 ? 71   VAL A CB  1 
ATOM   577  C  CG1 . VAL A 1 71  ? 4.319   5.908   5.035   1.00 12.19 ? 71   VAL A CG1 1 
ATOM   578  C  CG2 . VAL A 1 71  ? 1.982   5.113   5.519   1.00 11.62 ? 71   VAL A CG2 1 
ATOM   579  N  N   . ASP A 1 72  ? 5.909   3.606   7.322   1.00 12.75 ? 72   ASP A N   1 
ATOM   580  C  CA  A ASP A 1 72  ? 7.319   3.488   7.668   0.70 13.16 ? 72   ASP A CA  1 
ATOM   581  C  CA  B ASP A 1 72  ? 7.326   3.477   7.659   0.30 13.04 ? 72   ASP A CA  1 
ATOM   582  C  C   . ASP A 1 72  ? 7.878   2.122   7.254   1.00 13.18 ? 72   ASP A C   1 
ATOM   583  O  O   . ASP A 1 72  ? 8.930   2.042   6.620   1.00 13.56 ? 72   ASP A O   1 
ATOM   584  C  CB  A ASP A 1 72  ? 7.484   3.691   9.175   0.70 13.39 ? 72   ASP A CB  1 
ATOM   585  C  CB  B ASP A 1 72  ? 7.558   3.696   9.154   0.30 13.16 ? 72   ASP A CB  1 
ATOM   586  C  CG  A ASP A 1 72  ? 8.829   4.268   9.547   0.70 14.41 ? 72   ASP A CG  1 
ATOM   587  C  CG  B ASP A 1 72  ? 7.820   5.138   9.492   0.30 13.35 ? 72   ASP A CG  1 
ATOM   588  O  OD1 A ASP A 1 72  ? 9.615   4.639   8.642   0.70 16.22 ? 72   ASP A OD1 1 
ATOM   589  O  OD1 B ASP A 1 72  ? 6.884   5.952   9.379   0.30 14.36 ? 72   ASP A OD1 1 
ATOM   590  O  OD2 A ASP A 1 72  ? 9.089   4.364   10.761  0.70 14.80 ? 72   ASP A OD2 1 
ATOM   591  O  OD2 B ASP A 1 72  ? 8.964   5.459   9.877   0.30 14.55 ? 72   ASP A OD2 1 
ATOM   592  N  N   . ALA A 1 73  ? 7.159   1.061   7.614   1.00 13.27 ? 73   ALA A N   1 
ATOM   593  C  CA  . ALA A 1 73  ? 7.559   -0.309  7.284   1.00 13.27 ? 73   ALA A CA  1 
ATOM   594  C  C   . ALA A 1 73  ? 7.680   -0.524  5.773   1.00 13.22 ? 73   ALA A C   1 
ATOM   595  O  O   . ALA A 1 73  ? 8.578   -1.246  5.318   1.00 13.35 ? 73   ALA A O   1 
ATOM   596  C  CB  . ALA A 1 73  ? 6.585   -1.309  7.892   1.00 13.42 ? 73   ALA A CB  1 
ATOM   597  N  N   . ALA A 1 74  ? 6.790   0.107   5.005   1.00 12.78 ? 74   ALA A N   1 
ATOM   598  C  CA  . ALA A 1 74  ? 6.799   -0.017  3.542   1.00 12.85 ? 74   ALA A CA  1 
ATOM   599  C  C   . ALA A 1 74  ? 8.052   0.620   2.938   1.00 12.99 ? 74   ALA A C   1 
ATOM   600  O  O   . ALA A 1 74  ? 8.714   0.022   2.080   1.00 12.52 ? 74   ALA A O   1 
ATOM   601  C  CB  . ALA A 1 74  ? 5.535   0.590   2.943   1.00 12.33 ? 74   ALA A CB  1 
ATOM   602  N  N   . VAL A 1 75  ? 8.368   1.827   3.405   1.00 13.18 ? 75   VAL A N   1 
ATOM   603  C  CA  . VAL A 1 75  ? 9.569   2.548   2.979   1.00 13.92 ? 75   VAL A CA  1 
ATOM   604  C  C   . VAL A 1 75  ? 10.826  1.763   3.346   1.00 14.55 ? 75   VAL A C   1 
ATOM   605  O  O   . VAL A 1 75  ? 11.687  1.521   2.492   1.00 14.46 ? 75   VAL A O   1 
ATOM   606  C  CB  . VAL A 1 75  ? 9.635   3.956   3.610   1.00 13.84 ? 75   VAL A CB  1 
ATOM   607  C  CG1 . VAL A 1 75  ? 10.993  4.619   3.324   1.00 13.92 ? 75   VAL A CG1 1 
ATOM   608  C  CG2 . VAL A 1 75  ? 8.499   4.807   3.102   1.00 14.28 ? 75   VAL A CG2 1 
ATOM   609  N  N   . ARG A 1 76  ? 10.913  1.363   4.616   1.00 15.11 ? 76   ARG A N   1 
ATOM   610  C  CA  A ARG A 1 76  ? 12.065  0.613   5.097   0.60 15.76 ? 76   ARG A CA  1 
ATOM   611  C  CA  B ARG A 1 76  ? 12.032  0.566   5.135   0.40 15.69 ? 76   ARG A CA  1 
ATOM   612  C  C   . ARG A 1 76  ? 12.253  -0.695  4.317   1.00 15.78 ? 76   ARG A C   1 
ATOM   613  O  O   . ARG A 1 76  ? 13.392  -1.070  4.015   1.00 16.11 ? 76   ARG A O   1 
ATOM   614  C  CB  A ARG A 1 76  ? 11.973  0.392   6.613   0.60 15.84 ? 76   ARG A CB  1 
ATOM   615  C  CB  B ARG A 1 76  ? 11.787  0.182   6.599   0.40 15.84 ? 76   ARG A CB  1 
ATOM   616  C  CG  A ARG A 1 76  ? 12.076  1.701   7.407   0.60 15.99 ? 76   ARG A CG  1 
ATOM   617  C  CG  B ARG A 1 76  ? 12.632  0.945   7.613   0.40 16.57 ? 76   ARG A CG  1 
ATOM   618  C  CD  A ARG A 1 76  ? 11.776  1.528   8.902   0.60 16.28 ? 76   ARG A CD  1 
ATOM   619  C  CD  B ARG A 1 76  ? 12.006  2.272   8.031   0.40 17.48 ? 76   ARG A CD  1 
ATOM   620  N  NE  A ARG A 1 76  ? 12.895  0.939   9.638   0.60 17.16 ? 76   ARG A NE  1 
ATOM   621  N  NE  B ARG A 1 76  ? 12.167  3.315   7.022   0.40 17.19 ? 76   ARG A NE  1 
ATOM   622  C  CZ  A ARG A 1 76  ? 13.923  1.620   10.142  0.60 17.50 ? 76   ARG A CZ  1 
ATOM   623  C  CZ  B ARG A 1 76  ? 13.255  4.066   6.878   0.40 18.27 ? 76   ARG A CZ  1 
ATOM   624  N  NH1 A ARG A 1 76  ? 14.884  0.971   10.799  0.60 17.78 ? 76   ARG A NH1 1 
ATOM   625  N  NH1 B ARG A 1 76  ? 13.294  4.995   5.931   0.40 18.33 ? 76   ARG A NH1 1 
ATOM   626  N  NH2 A ARG A 1 76  ? 14.003  2.939   9.996   0.60 16.81 ? 76   ARG A NH2 1 
ATOM   627  N  NH2 B ARG A 1 76  ? 14.297  3.904   7.684   0.40 18.07 ? 76   ARG A NH2 1 
ATOM   628  N  N   . GLY A 1 77  ? 11.147  -1.355  3.967   1.00 15.49 ? 77   GLY A N   1 
ATOM   629  C  CA  . GLY A 1 77  ? 11.175  -2.565  3.139   1.00 15.49 ? 77   GLY A CA  1 
ATOM   630  C  C   . GLY A 1 77  ? 11.737  -2.346  1.740   1.00 15.37 ? 77   GLY A C   1 
ATOM   631  O  O   . GLY A 1 77  ? 12.550  -3.147  1.249   1.00 15.49 ? 77   GLY A O   1 
ATOM   632  N  N   . ILE A 1 78  ? 11.312  -1.258  1.099   1.00 14.85 ? 78   ILE A N   1 
ATOM   633  C  CA  . ILE A 1 78  ? 11.848  -0.862  -0.204  1.00 14.89 ? 78   ILE A CA  1 
ATOM   634  C  C   . ILE A 1 78  ? 13.364  -0.677  -0.129  1.00 15.31 ? 78   ILE A C   1 
ATOM   635  O  O   . ILE A 1 78  ? 14.110  -1.216  -0.961  1.00 15.10 ? 78   ILE A O   1 
ATOM   636  C  CB  . ILE A 1 78  ? 11.172  0.436   -0.737  1.00 14.77 ? 78   ILE A CB  1 
ATOM   637  C  CG1 . ILE A 1 78  ? 9.709   0.153   -1.115  1.00 14.87 ? 78   ILE A CG1 1 
ATOM   638  C  CG2 . ILE A 1 78  ? 11.938  0.995   -1.938  1.00 14.06 ? 78   ILE A CG2 1 
ATOM   639  C  CD1 . ILE A 1 78  ? 8.839   1.392   -1.298  1.00 14.91 ? 78   ILE A CD1 1 
ATOM   640  N  N   . LEU A 1 79  ? 13.813  0.064   0.882   1.00 15.64 ? 79   LEU A N   1 
ATOM   641  C  CA  . LEU A 1 79  ? 15.231  0.412   1.010   1.00 16.64 ? 79   LEU A CA  1 
ATOM   642  C  C   . LEU A 1 79  ? 16.132  -0.786  1.329   1.00 17.23 ? 79   LEU A C   1 
ATOM   643  O  O   . LEU A 1 79  ? 17.332  -0.753  1.048   1.00 17.18 ? 79   LEU A O   1 
ATOM   644  C  CB  . LEU A 1 79  ? 15.422  1.538   2.036   1.00 16.75 ? 79   LEU A CB  1 
ATOM   645  C  CG  . LEU A 1 79  ? 14.739  2.880   1.730   1.00 17.22 ? 79   LEU A CG  1 
ATOM   646  C  CD1 . LEU A 1 79  ? 14.922  3.838   2.906   1.00 17.83 ? 79   LEU A CD1 1 
ATOM   647  C  CD2 . LEU A 1 79  ? 15.233  3.518   0.423   1.00 17.27 ? 79   LEU A CD2 1 
ATOM   648  N  N   . ARG A 1 80  ? 15.543  -1.840  1.896   1.00 17.91 ? 80   ARG A N   1 
ATOM   649  C  CA  . ARG A 1 80  ? 16.269  -3.073  2.218   1.00 19.15 ? 80   ARG A CA  1 
ATOM   650  C  C   . ARG A 1 80  ? 16.213  -4.114  1.100   1.00 19.33 ? 80   ARG A C   1 
ATOM   651  O  O   . ARG A 1 80  ? 16.909  -5.135  1.157   1.00 19.65 ? 80   ARG A O   1 
ATOM   652  C  CB  . ARG A 1 80  ? 15.742  -3.674  3.521   1.00 19.55 ? 80   ARG A CB  1 
ATOM   653  C  CG  . ARG A 1 80  ? 16.420  -3.104  4.746   1.00 21.97 ? 80   ARG A CG  1 
ATOM   654  C  CD  . ARG A 1 80  ? 15.478  -3.025  5.933   1.00 25.93 ? 80   ARG A CD  1 
ATOM   655  N  NE  . ARG A 1 80  ? 16.110  -2.355  7.068   1.00 29.22 ? 80   ARG A NE  1 
ATOM   656  C  CZ  . ARG A 1 80  ? 16.231  -1.035  7.209   1.00 31.73 ? 80   ARG A CZ  1 
ATOM   657  N  NH1 . ARG A 1 80  ? 15.757  -0.199  6.283   1.00 32.82 ? 80   ARG A NH1 1 
ATOM   658  N  NH2 . ARG A 1 80  ? 16.832  -0.544  8.285   1.00 32.65 ? 80   ARG A NH2 1 
ATOM   659  N  N   . ASN A 1 81  ? 15.386  -3.851  0.092   1.00 19.26 ? 81   ASN A N   1 
ATOM   660  C  CA  . ASN A 1 81  ? 15.239  -4.746  -1.049  1.00 19.50 ? 81   ASN A CA  1 
ATOM   661  C  C   . ASN A 1 81  ? 16.158  -4.320  -2.192  1.00 19.56 ? 81   ASN A C   1 
ATOM   662  O  O   . ASN A 1 81  ? 16.093  -3.184  -2.657  1.00 19.17 ? 81   ASN A O   1 
ATOM   663  C  CB  . ASN A 1 81  ? 13.779  -4.779  -1.509  1.00 19.56 ? 81   ASN A CB  1 
ATOM   664  C  CG  . ASN A 1 81  ? 13.511  -5.853  -2.548  1.00 20.59 ? 81   ASN A CG  1 
ATOM   665  O  OD1 . ASN A 1 81  ? 14.129  -5.873  -3.614  1.00 21.56 ? 81   ASN A OD1 1 
ATOM   666  N  ND2 . ASN A 1 81  ? 12.564  -6.738  -2.252  1.00 19.46 ? 81   ASN A ND2 1 
ATOM   667  N  N   . ALA A 1 82  ? 17.007  -5.245  -2.636  1.00 19.98 ? 82   ALA A N   1 
ATOM   668  C  CA  . ALA A 1 82  ? 18.004  -4.973  -3.681  1.00 20.38 ? 82   ALA A CA  1 
ATOM   669  C  C   . ALA A 1 82  ? 17.394  -4.641  -5.041  1.00 20.62 ? 82   ALA A C   1 
ATOM   670  O  O   . ALA A 1 82  ? 17.981  -3.897  -5.829  1.00 20.67 ? 82   ALA A O   1 
ATOM   671  C  CB  . ALA A 1 82  ? 18.966  -6.153  -3.811  1.00 20.69 ? 82   ALA A CB  1 
ATOM   672  N  N   . LYS A 1 83  ? 16.222  -5.204  -5.314  1.00 20.79 ? 83   LYS A N   1 
ATOM   673  C  CA  . LYS A 1 83  ? 15.547  -4.986  -6.586  1.00 21.25 ? 83   LYS A CA  1 
ATOM   674  C  C   . LYS A 1 83  ? 14.779  -3.667  -6.598  1.00 20.47 ? 83   LYS A C   1 
ATOM   675  O  O   . LYS A 1 83  ? 14.590  -3.064  -7.656  1.00 21.12 ? 83   LYS A O   1 
ATOM   676  C  CB  . LYS A 1 83  ? 14.616  -6.160  -6.906  1.00 21.56 ? 83   LYS A CB  1 
ATOM   677  C  CG  . LYS A 1 83  ? 15.341  -7.471  -7.238  1.00 22.69 ? 83   LYS A CG  1 
ATOM   678  C  CD  . LYS A 1 83  ? 14.337  -8.595  -7.479  1.00 22.93 ? 83   LYS A CD  1 
ATOM   679  C  CE  . LYS A 1 83  ? 14.947  -9.766  -8.255  1.00 25.99 ? 83   LYS A CE  1 
ATOM   680  N  NZ  . LYS A 1 83  ? 15.787  -10.665 -7.403  1.00 26.70 ? 83   LYS A NZ  1 
ATOM   681  N  N   . LEU A 1 84  ? 14.367  -3.205  -5.420  1.00 19.15 ? 84   LEU A N   1 
ATOM   682  C  CA  . LEU A 1 84  ? 13.483  -2.046  -5.322  1.00 17.88 ? 84   LEU A CA  1 
ATOM   683  C  C   . LEU A 1 84  ? 14.205  -0.736  -5.023  1.00 16.91 ? 84   LEU A C   1 
ATOM   684  O  O   . LEU A 1 84  ? 13.835  0.310   -5.559  1.00 16.26 ? 84   LEU A O   1 
ATOM   685  C  CB  . LEU A 1 84  ? 12.395  -2.289  -4.268  1.00 18.02 ? 84   LEU A CB  1 
ATOM   686  C  CG  . LEU A 1 84  ? 11.526  -3.536  -4.455  1.00 18.48 ? 84   LEU A CG  1 
ATOM   687  C  CD1 . LEU A 1 84  ? 10.574  -3.708  -3.277  1.00 19.21 ? 84   LEU A CD1 1 
ATOM   688  C  CD2 . LEU A 1 84  ? 10.764  -3.503  -5.785  1.00 19.60 ? 84   LEU A CD2 1 
ATOM   689  N  N   . LYS A 1 85  ? 15.223  -0.796  -4.171  1.00 15.84 ? 85   LYS A N   1 
ATOM   690  C  CA  . LYS A 1 85  ? 15.946  0.405   -3.748  1.00 15.64 ? 85   LYS A CA  1 
ATOM   691  C  C   . LYS A 1 85  ? 16.477  1.270   -4.914  1.00 15.29 ? 85   LYS A C   1 
ATOM   692  O  O   . LYS A 1 85  ? 16.255  2.483   -4.909  1.00 14.54 ? 85   LYS A O   1 
ATOM   693  C  CB  . LYS A 1 85  ? 17.072  0.060   -2.766  1.00 15.61 ? 85   LYS A CB  1 
ATOM   694  C  CG  . LYS A 1 85  ? 17.783  1.279   -2.192  1.00 15.88 ? 85   LYS A CG  1 
ATOM   695  C  CD  . LYS A 1 85  ? 18.992  0.871   -1.354  1.00 16.67 ? 85   LYS A CD  1 
ATOM   696  C  CE  . LYS A 1 85  ? 19.631  2.075   -0.675  1.00 18.63 ? 85   LYS A CE  1 
ATOM   697  N  NZ  . LYS A 1 85  ? 20.307  2.990   -1.635  1.00 20.15 ? 85   LYS A NZ  1 
ATOM   698  N  N   . PRO A 1 86  ? 17.170  0.659   -5.904  1.00 15.24 ? 86   PRO A N   1 
ATOM   699  C  CA  . PRO A 1 86  ? 17.686  1.483   -7.003  1.00 14.85 ? 86   PRO A CA  1 
ATOM   700  C  C   . PRO A 1 86  ? 16.578  2.230   -7.743  1.00 14.17 ? 86   PRO A C   1 
ATOM   701  O  O   . PRO A 1 86  ? 16.740  3.409   -8.060  1.00 13.70 ? 86   PRO A O   1 
ATOM   702  C  CB  . PRO A 1 86  ? 18.344  0.467   -7.945  1.00 15.24 ? 86   PRO A CB  1 
ATOM   703  C  CG  . PRO A 1 86  ? 18.582  -0.741  -7.119  1.00 15.69 ? 86   PRO A CG  1 
ATOM   704  C  CD  . PRO A 1 86  ? 17.508  -0.767  -6.087  1.00 15.39 ? 86   PRO A CD  1 
ATOM   705  N  N   . VAL A 1 87  ? 15.462  1.554   -8.004  1.00 13.64 ? 87   VAL A N   1 
ATOM   706  C  CA  . VAL A 1 87  ? 14.368  2.170   -8.750  1.00 13.37 ? 87   VAL A CA  1 
ATOM   707  C  C   . VAL A 1 87  ? 13.762  3.302   -7.924  1.00 13.23 ? 87   VAL A C   1 
ATOM   708  O  O   . VAL A 1 87  ? 13.565  4.410   -8.423  1.00 12.63 ? 87   VAL A O   1 
ATOM   709  C  CB  . VAL A 1 87  ? 13.298  1.137   -9.168  1.00 13.68 ? 87   VAL A CB  1 
ATOM   710  C  CG1 . VAL A 1 87  ? 12.244  1.787   -10.064 1.00 13.60 ? 87   VAL A CG1 1 
ATOM   711  C  CG2 . VAL A 1 87  ? 13.956  -0.045  -9.884  1.00 13.73 ? 87   VAL A CG2 1 
ATOM   712  N  N   . TYR A 1 88  ? 13.515  3.025   -6.645  1.00 12.84 ? 88   TYR A N   1 
ATOM   713  C  CA  . TYR A 1 88  ? 13.005  4.035   -5.713  1.00 13.00 ? 88   TYR A CA  1 
ATOM   714  C  C   . TYR A 1 88  ? 13.925  5.262   -5.645  1.00 12.71 ? 88   TYR A C   1 
ATOM   715  O  O   . TYR A 1 88  ? 13.463  6.397   -5.759  1.00 12.48 ? 88   TYR A O   1 
ATOM   716  C  CB  . TYR A 1 88  ? 12.839  3.415   -4.328  1.00 13.50 ? 88   TYR A CB  1 
ATOM   717  C  CG  . TYR A 1 88  ? 12.202  4.329   -3.314  1.00 13.71 ? 88   TYR A CG  1 
ATOM   718  C  CD1 . TYR A 1 88  ? 10.812  4.426   -3.209  1.00 14.58 ? 88   TYR A CD1 1 
ATOM   719  C  CD2 . TYR A 1 88  ? 12.986  5.088   -2.450  1.00 14.49 ? 88   TYR A CD2 1 
ATOM   720  C  CE1 . TYR A 1 88  ? 10.223  5.266   -2.269  1.00 14.13 ? 88   TYR A CE1 1 
ATOM   721  C  CE2 . TYR A 1 88  ? 12.407  5.932   -1.511  1.00 14.91 ? 88   TYR A CE2 1 
ATOM   722  C  CZ  . TYR A 1 88  ? 11.032  6.015   -1.427  1.00 14.00 ? 88   TYR A CZ  1 
ATOM   723  O  OH  . TYR A 1 88  ? 10.468  6.845   -0.496  1.00 15.20 ? 88   TYR A OH  1 
ATOM   724  N  N   . ASP A 1 89  ? 15.229  5.024   -5.488  1.00 12.59 ? 89   ASP A N   1 
ATOM   725  C  CA  . ASP A 1 89  ? 16.223  6.103   -5.441  1.00 12.54 ? 89   ASP A CA  1 
ATOM   726  C  C   . ASP A 1 89  ? 16.220  6.961   -6.702  1.00 12.17 ? 89   ASP A C   1 
ATOM   727  O  O   . ASP A 1 89  ? 16.503  8.161   -6.648  1.00 12.10 ? 89   ASP A O   1 
ATOM   728  C  CB  . ASP A 1 89  ? 17.626  5.530   -5.207  1.00 12.88 ? 89   ASP A CB  1 
ATOM   729  C  CG  . ASP A 1 89  ? 17.876  5.142   -3.754  1.00 13.94 ? 89   ASP A CG  1 
ATOM   730  O  OD1 . ASP A 1 89  ? 17.080  5.526   -2.871  1.00 16.14 ? 89   ASP A OD1 1 
ATOM   731  O  OD2 . ASP A 1 89  ? 18.879  4.450   -3.498  1.00 16.79 ? 89   ASP A OD2 1 
ATOM   732  N  N   . SER A 1 90  ? 15.890  6.341   -7.832  1.00 11.61 ? 90   SER A N   1 
ATOM   733  C  CA  . SER A 1 90  ? 15.924  7.020   -9.128  1.00 11.15 ? 90   SER A CA  1 
ATOM   734  C  C   . SER A 1 90  ? 14.735  7.961   -9.335  1.00 11.11 ? 90   SER A C   1 
ATOM   735  O  O   . SER A 1 90  ? 14.769  8.819   -10.220 1.00 10.77 ? 90   SER A O   1 
ATOM   736  C  CB  . SER A 1 90  ? 15.988  5.992   -10.262 1.00 11.24 ? 90   SER A CB  1 
ATOM   737  O  OG  . SER A 1 90  ? 14.715  5.425   -10.532 1.00 11.30 ? 90   SER A OG  1 
ATOM   738  N  N   . LEU A 1 91  ? 13.693  7.790   -8.516  1.00 10.52 ? 91   LEU A N   1 
ATOM   739  C  CA  . LEU A 1 91  ? 12.430  8.510   -8.679  1.00 10.78 ? 91   LEU A CA  1 
ATOM   740  C  C   . LEU A 1 91  ? 12.403  9.854   -7.956  1.00 10.65 ? 91   LEU A C   1 
ATOM   741  O  O   . LEU A 1 91  ? 13.133  10.060  -6.979  1.00 10.95 ? 91   LEU A O   1 
ATOM   742  C  CB  . LEU A 1 91  ? 11.253  7.648   -8.188  1.00 10.68 ? 91   LEU A CB  1 
ATOM   743  C  CG  . LEU A 1 91  ? 10.936  6.331   -8.911  1.00 10.56 ? 91   LEU A CG  1 
ATOM   744  C  CD1 . LEU A 1 91  ? 9.922   5.521   -8.095  1.00 11.05 ? 91   LEU A CD1 1 
ATOM   745  C  CD2 . LEU A 1 91  ? 10.422  6.569   -10.328 1.00 10.36 ? 91   LEU A CD2 1 
ATOM   746  N  N   . ASP A 1 92  ? 11.551  10.753  -8.452  1.00 10.50 ? 92   ASP A N   1 
ATOM   747  C  CA  . ASP A 1 92  ? 11.169  11.988  -7.758  1.00 10.17 ? 92   ASP A CA  1 
ATOM   748  C  C   . ASP A 1 92  ? 10.219  11.630  -6.612  1.00 10.27 ? 92   ASP A C   1 
ATOM   749  O  O   . ASP A 1 92  ? 9.690   10.511  -6.564  1.00 9.55  ? 92   ASP A O   1 
ATOM   750  C  CB  . ASP A 1 92  ? 10.430  12.918  -8.720  1.00 10.44 ? 92   ASP A CB  1 
ATOM   751  C  CG  . ASP A 1 92  ? 9.227   12.239  -9.348  1.00 10.26 ? 92   ASP A CG  1 
ATOM   752  O  OD1 . ASP A 1 92  ? 9.428   11.486  -10.320 1.00 9.84  ? 92   ASP A OD1 1 
ATOM   753  O  OD2 . ASP A 1 92  ? 8.103   12.418  -8.837  1.00 9.73  ? 92   ASP A OD2 1 
ATOM   754  N  N   . ALA A 1 93  ? 9.978   12.593  -5.719  1.00 9.86  ? 93   ALA A N   1 
ATOM   755  C  CA  . ALA A 1 93  ? 9.172   12.358  -4.508  1.00 10.04 ? 93   ALA A CA  1 
ATOM   756  C  C   . ALA A 1 93  ? 7.716   11.950  -4.773  1.00 9.84  ? 93   ALA A C   1 
ATOM   757  O  O   . ALA A 1 93  ? 7.156   11.149  -4.020  1.00 9.71  ? 93   ALA A O   1 
ATOM   758  C  CB  . ALA A 1 93  ? 9.219   13.584  -3.591  1.00 9.92  ? 93   ALA A CB  1 
ATOM   759  N  N   . VAL A 1 94  ? 7.109   12.495  -5.829  1.00 9.63  ? 94   VAL A N   1 
ATOM   760  C  CA  . VAL A 1 94  ? 5.722   12.149  -6.180  1.00 9.62  ? 94   VAL A CA  1 
ATOM   761  C  C   . VAL A 1 94  ? 5.642   10.671  -6.597  1.00 9.46  ? 94   VAL A C   1 
ATOM   762  O  O   . VAL A 1 94  ? 4.800   9.921   -6.098  1.00 9.72  ? 94   VAL A O   1 
ATOM   763  C  CB  . VAL A 1 94  ? 5.123   13.084  -7.280  1.00 9.73  ? 94   VAL A CB  1 
ATOM   764  C  CG1 . VAL A 1 94  ? 3.670   12.702  -7.604  1.00 10.08 ? 94   VAL A CG1 1 
ATOM   765  C  CG2 . VAL A 1 94  ? 5.196   14.564  -6.863  1.00 9.76  ? 94   VAL A CG2 1 
ATOM   766  N  N   . ARG A 1 95  ? 6.540   10.255  -7.487  1.00 9.19  ? 95   ARG A N   1 
ATOM   767  C  CA  . ARG A 1 95  ? 6.571   8.866   -7.950  1.00 9.15  ? 95   ARG A CA  1 
ATOM   768  C  C   . ARG A 1 95  ? 7.009   7.884   -6.866  1.00 9.01  ? 95   ARG A C   1 
ATOM   769  O  O   . ARG A 1 95  ? 6.550   6.733   -6.833  1.00 8.62  ? 95   ARG A O   1 
ATOM   770  C  CB  . ARG A 1 95  ? 7.425   8.738   -9.207  1.00 8.91  ? 95   ARG A CB  1 
ATOM   771  C  CG  . ARG A 1 95  ? 6.825   9.478   -10.390 1.00 9.05  ? 95   ARG A CG  1 
ATOM   772  C  CD  . ARG A 1 95  ? 7.584   9.164   -11.650 1.00 8.03  ? 95   ARG A CD  1 
ATOM   773  N  NE  . ARG A 1 95  ? 6.953   9.682   -12.863 1.00 8.58  ? 95   ARG A NE  1 
ATOM   774  C  CZ  . ARG A 1 95  ? 7.194   10.881  -13.394 1.00 10.59 ? 95   ARG A CZ  1 
ATOM   775  N  NH1 . ARG A 1 95  ? 8.046   11.724  -12.811 1.00 10.40 ? 95   ARG A NH1 1 
ATOM   776  N  NH2 . ARG A 1 95  ? 6.581   11.242  -14.519 1.00 10.95 ? 95   ARG A NH2 1 
ATOM   777  N  N   . ARG A 1 96  ? 7.874   8.342   -5.963  1.00 9.17  ? 96   ARG A N   1 
ATOM   778  C  CA  . ARG A 1 96  ? 8.209   7.556   -4.767  1.00 9.40  ? 96   ARG A CA  1 
ATOM   779  C  C   . ARG A 1 96  ? 6.955   7.192   -3.963  1.00 9.21  ? 96   ARG A C   1 
ATOM   780  O  O   . ARG A 1 96  ? 6.834   6.067   -3.465  1.00 8.85  ? 96   ARG A O   1 
ATOM   781  C  CB  . ARG A 1 96  ? 9.209   8.300   -3.890  1.00 9.46  ? 96   ARG A CB  1 
ATOM   782  C  CG  . ARG A 1 96  ? 10.632  8.238   -4.431  1.00 10.04 ? 96   ARG A CG  1 
ATOM   783  C  CD  . ARG A 1 96  ? 11.631  8.950   -3.528  1.00 10.89 ? 96   ARG A CD  1 
ATOM   784  N  NE  . ARG A 1 96  ? 12.963  8.918   -4.133  1.00 11.14 ? 96   ARG A NE  1 
ATOM   785  C  CZ  . ARG A 1 96  ? 13.979  9.709   -3.796  1.00 12.26 ? 96   ARG A CZ  1 
ATOM   786  N  NH1 . ARG A 1 96  ? 13.840  10.616  -2.835  1.00 13.85 ? 96   ARG A NH1 1 
ATOM   787  N  NH2 . ARG A 1 96  ? 15.138  9.598   -4.433  1.00 11.93 ? 96   ARG A NH2 1 
ATOM   788  N  N   . ALA A 1 97  ? 6.031   8.145   -3.836  1.00 9.06  ? 97   ALA A N   1 
ATOM   789  C  CA  . ALA A 1 97  ? 4.764   7.899   -3.144  1.00 9.22  ? 97   ALA A CA  1 
ATOM   790  C  C   . ALA A 1 97  ? 3.957   6.794   -3.829  1.00 9.16  ? 97   ALA A C   1 
ATOM   791  O  O   . ALA A 1 97  ? 3.405   5.920   -3.160  1.00 8.93  ? 97   ALA A O   1 
ATOM   792  C  CB  . ALA A 1 97  ? 3.951   9.180   -3.035  1.00 9.06  ? 97   ALA A CB  1 
ATOM   793  N  N   . ALA A 1 98  ? 3.914   6.823   -5.163  1.00 9.11  ? 98   ALA A N   1 
ATOM   794  C  CA  . ALA A 1 98  ? 3.260   5.763   -5.940  1.00 9.29  ? 98   ALA A CA  1 
ATOM   795  C  C   . ALA A 1 98  ? 3.885   4.385   -5.659  1.00 9.22  ? 98   ALA A C   1 
ATOM   796  O  O   . ALA A 1 98  ? 3.169   3.392   -5.521  1.00 9.16  ? 98   ALA A O   1 
ATOM   797  C  CB  . ALA A 1 98  ? 3.305   6.094   -7.441  1.00 9.07  ? 98   ALA A CB  1 
ATOM   798  N  N   . ALA A 1 99  ? 5.215   4.351   -5.556  1.00 9.06  ? 99   ALA A N   1 
ATOM   799  C  CA  . ALA A 1 99  ? 5.968   3.149   -5.179  1.00 9.17  ? 99   ALA A CA  1 
ATOM   800  C  C   . ALA A 1 99  ? 5.581   2.627   -3.795  1.00 9.23  ? 99   ALA A C   1 
ATOM   801  O  O   . ALA A 1 99  ? 5.322   1.425   -3.625  1.00 9.29  ? 99   ALA A O   1 
ATOM   802  C  CB  . ALA A 1 99  ? 7.472   3.440   -5.225  1.00 9.41  ? 99   ALA A CB  1 
ATOM   803  N  N   . ILE A 1 100 ? 5.551   3.528   -2.814  1.00 9.54  ? 100  ILE A N   1 
ATOM   804  C  CA  . ILE A 1 100 ? 5.166   3.170   -1.440  1.00 9.85  ? 100  ILE A CA  1 
ATOM   805  C  C   . ILE A 1 100 ? 3.735   2.631   -1.429  1.00 9.68  ? 100  ILE A C   1 
ATOM   806  O  O   . ILE A 1 100 ? 3.453   1.632   -0.765  1.00 9.79  ? 100  ILE A O   1 
ATOM   807  C  CB  . ILE A 1 100 ? 5.316   4.356   -0.459  1.00 9.59  ? 100  ILE A CB  1 
ATOM   808  C  CG1 . ILE A 1 100 ? 6.792   4.776   -0.355  1.00 10.56 ? 100  ILE A CG1 1 
ATOM   809  C  CG2 . ILE A 1 100 ? 4.742   3.994   0.933   1.00 10.04 ? 100  ILE A CG2 1 
ATOM   810  C  CD1 . ILE A 1 100 ? 7.002   6.186   0.162   1.00 10.67 ? 100  ILE A CD1 1 
ATOM   811  N  N   . ASN A 1 101 ? 2.859   3.284   -2.191  1.00 9.80  ? 101  ASN A N   1 
ATOM   812  C  CA  . ASN A 1 101 ? 1.454   2.874   -2.306  1.00 9.83  ? 101  ASN A CA  1 
ATOM   813  C  C   . ASN A 1 101 ? 1.338   1.398   -2.707  1.00 10.08 ? 101  ASN A C   1 
ATOM   814  O  O   . ASN A 1 101 ? 0.647   0.619   -2.040  1.00 9.59  ? 101  ASN A O   1 
ATOM   815  C  CB  . ASN A 1 101 ? 0.721   3.785   -3.298  1.00 9.72  ? 101  ASN A CB  1 
ATOM   816  C  CG  . ASN A 1 101 ? -0.793  3.672   -3.202  1.00 9.76  ? 101  ASN A CG  1 
ATOM   817  O  OD1 . ASN A 1 101 ? -1.350  2.581   -3.288  1.00 8.85  ? 101  ASN A OD1 1 
ATOM   818  N  ND2 . ASN A 1 101 ? -1.464  4.810   -3.048  1.00 8.72  ? 101  ASN A ND2 1 
ATOM   819  N  N   . MET A 1 102 ? 2.039   1.024   -3.779  1.00 9.92  ? 102  MET A N   1 
ATOM   820  C  CA  . MET A 1 102 ? 2.072   -0.357  -4.266  1.00 10.94 ? 102  MET A CA  1 
ATOM   821  C  C   . MET A 1 102 ? 2.584   -1.356  -3.226  1.00 10.84 ? 102  MET A C   1 
ATOM   822  O  O   . MET A 1 102 ? 1.956   -2.395  -3.008  1.00 11.08 ? 102  MET A O   1 
ATOM   823  C  CB  . MET A 1 102 ? 2.902   -0.454  -5.551  1.00 10.62 ? 102  MET A CB  1 
ATOM   824  C  CG  . MET A 1 102 ? 2.286   0.258   -6.747  1.00 11.09 ? 102  MET A CG  1 
ATOM   825  S  SD  . MET A 1 102 ? 3.133   -0.121  -8.295  1.00 12.68 ? 102  MET A SD  1 
ATOM   826  C  CE  . MET A 1 102 ? 2.537   -1.771  -8.646  1.00 13.00 ? 102  MET A CE  1 
ATOM   827  N  N   . VAL A 1 103 ? 3.716   -1.047  -2.589  1.00 10.89 ? 103  VAL A N   1 
ATOM   828  C  CA  . VAL A 1 103 ? 4.265   -1.913  -1.530  1.00 11.63 ? 103  VAL A CA  1 
ATOM   829  C  C   . VAL A 1 103 ? 3.297   -2.045  -0.344  1.00 11.88 ? 103  VAL A C   1 
ATOM   830  O  O   . VAL A 1 103 ? 3.104   -3.147  0.187   1.00 12.34 ? 103  VAL A O   1 
ATOM   831  C  CB  . VAL A 1 103 ? 5.678   -1.448  -1.059  1.00 11.36 ? 103  VAL A CB  1 
ATOM   832  C  CG1 . VAL A 1 103 ? 6.127   -2.217  0.198   1.00 11.83 ? 103  VAL A CG1 1 
ATOM   833  C  CG2 . VAL A 1 103 ? 6.686   -1.646  -2.168  1.00 12.23 ? 103  VAL A CG2 1 
ATOM   834  N  N   . PHE A 1 104 ? 2.678   -0.931  0.045   1.00 12.01 ? 104  PHE A N   1 
ATOM   835  C  CA  . PHE A 1 104 ? 1.651   -0.927  1.094   1.00 12.30 ? 104  PHE A CA  1 
ATOM   836  C  C   . PHE A 1 104 ? 0.533   -1.934  0.776   1.00 12.41 ? 104  PHE A C   1 
ATOM   837  O  O   . PHE A 1 104 ? 0.134   -2.722  1.640   1.00 12.04 ? 104  PHE A O   1 
ATOM   838  C  CB  . PHE A 1 104 ? 1.077   0.485   1.263   1.00 12.17 ? 104  PHE A CB  1 
ATOM   839  C  CG  . PHE A 1 104 ? 0.227   0.672   2.499   1.00 12.38 ? 104  PHE A CG  1 
ATOM   840  C  CD1 . PHE A 1 104 ? -1.128  0.331   2.499   1.00 13.17 ? 104  PHE A CD1 1 
ATOM   841  C  CD2 . PHE A 1 104 ? 0.775   1.233   3.652   1.00 13.26 ? 104  PHE A CD2 1 
ATOM   842  C  CE1 . PHE A 1 104 ? -1.922  0.526   3.647   1.00 13.52 ? 104  PHE A CE1 1 
ATOM   843  C  CE2 . PHE A 1 104 ? -0.008  1.440   4.796   1.00 13.36 ? 104  PHE A CE2 1 
ATOM   844  C  CZ  . PHE A 1 104 ? -1.354  1.082   4.798   1.00 12.65 ? 104  PHE A CZ  1 
ATOM   845  N  N   . GLN A 1 105 ? 0.062   -1.923  -0.470  1.00 12.68 ? 105  GLN A N   1 
ATOM   846  C  CA  . GLN A 1 105 ? -1.069  -2.756  -0.880  1.00 13.55 ? 105  GLN A CA  1 
ATOM   847  C  C   . GLN A 1 105 ? -0.733  -4.247  -1.050  1.00 14.85 ? 105  GLN A C   1 
ATOM   848  O  O   . GLN A 1 105 ? -1.505  -5.108  -0.602  1.00 14.41 ? 105  GLN A O   1 
ATOM   849  C  CB  . GLN A 1 105 ? -1.704  -2.212  -2.173  1.00 13.08 ? 105  GLN A CB  1 
ATOM   850  C  CG  . GLN A 1 105 ? -2.950  -2.985  -2.637  1.00 12.88 ? 105  GLN A CG  1 
ATOM   851  C  CD  . GLN A 1 105 ? -3.515  -2.499  -3.960  1.00 12.74 ? 105  GLN A CD  1 
ATOM   852  O  OE1 . GLN A 1 105 ? -2.995  -1.567  -4.575  1.00 12.62 ? 105  GLN A OE1 1 
ATOM   853  N  NE2 . GLN A 1 105 ? -4.594  -3.140  -4.409  1.00 11.21 ? 105  GLN A NE2 1 
ATOM   854  N  N   . MET A 1 106 ? 0.413   -4.546  -1.670  1.00 16.10 ? 106  MET A N   1 
ATOM   855  C  CA  A MET A 1 106 ? 0.738   -5.909  -2.107  0.70 17.37 ? 106  MET A CA  1 
ATOM   856  C  CA  B MET A 1 106 ? 0.705   -5.925  -2.070  0.30 16.89 ? 106  MET A CA  1 
ATOM   857  C  C   . MET A 1 106 ? 1.942   -6.543  -1.415  1.00 17.93 ? 106  MET A C   1 
ATOM   858  O  O   . MET A 1 106 ? 2.168   -7.752  -1.537  1.00 17.85 ? 106  MET A O   1 
ATOM   859  C  CB  A MET A 1 106 ? 0.985   -5.934  -3.615  0.70 17.35 ? 106  MET A CB  1 
ATOM   860  C  CB  B MET A 1 106 ? 0.767   -6.053  -3.602  0.30 16.90 ? 106  MET A CB  1 
ATOM   861  C  CG  A MET A 1 106 ? -0.144  -5.375  -4.450  0.70 17.70 ? 106  MET A CG  1 
ATOM   862  C  CG  B MET A 1 106 ? 1.987   -5.421  -4.266  0.30 16.37 ? 106  MET A CG  1 
ATOM   863  S  SD  A MET A 1 106 ? 0.164   -5.615  -6.200  0.70 18.51 ? 106  MET A SD  1 
ATOM   864  S  SD  B MET A 1 106 ? 1.904   -5.488  -6.068  0.30 16.40 ? 106  MET A SD  1 
ATOM   865  C  CE  A MET A 1 106 ? 1.667   -4.671  -6.450  0.70 19.83 ? 106  MET A CE  1 
ATOM   866  C  CE  B MET A 1 106 ? 0.764   -4.142  -6.393  0.30 15.74 ? 106  MET A CE  1 
ATOM   867  N  N   . GLY A 1 107 ? 2.725   -5.727  -0.714  1.00 19.29 ? 107  GLY A N   1 
ATOM   868  C  CA  . GLY A 1 107 ? 3.961   -6.197  -0.088  1.00 21.63 ? 107  GLY A CA  1 
ATOM   869  C  C   . GLY A 1 107 ? 5.045   -6.483  -1.117  1.00 23.36 ? 107  GLY A C   1 
ATOM   870  O  O   . GLY A 1 107 ? 4.807   -6.431  -2.329  1.00 23.53 ? 107  GLY A O   1 
ATOM   871  N  N   . GLU A 1 108 ? 6.242   -6.797  -0.639  1.00 25.23 ? 108  GLU A N   1 
ATOM   872  C  CA  . GLU A 1 108 ? 7.348   -7.146  -1.536  1.00 26.83 ? 108  GLU A CA  1 
ATOM   873  C  C   . GLU A 1 108 ? 7.128   -8.434  -2.339  1.00 27.59 ? 108  GLU A C   1 
ATOM   874  O  O   . GLU A 1 108 ? 7.575   -8.534  -3.483  1.00 28.06 ? 108  GLU A O   1 
ATOM   875  C  CB  . GLU A 1 108 ? 8.664   -7.189  -0.773  1.00 27.17 ? 108  GLU A CB  1 
ATOM   876  C  CG  . GLU A 1 108 ? 9.189   -5.809  -0.453  1.00 28.11 ? 108  GLU A CG  1 
ATOM   877  C  CD  . GLU A 1 108 ? 10.139  -5.815  0.713   1.00 29.88 ? 108  GLU A CD  1 
ATOM   878  O  OE1 . GLU A 1 108 ? 9.798   -5.189  1.739   1.00 30.42 ? 108  GLU A OE1 1 
ATOM   879  O  OE2 . GLU A 1 108 ? 11.213  -6.455  0.606   1.00 29.83 ? 108  GLU A OE2 1 
ATOM   880  N  N   . THR A 1 109 ? 6.430   -9.404  -1.748  1.00 28.47 ? 109  THR A N   1 
ATOM   881  C  CA  . THR A 1 109 ? 6.087   -10.652 -2.445  1.00 29.12 ? 109  THR A CA  1 
ATOM   882  C  C   . THR A 1 109 ? 5.111   -10.395 -3.594  1.00 29.02 ? 109  THR A C   1 
ATOM   883  O  O   . THR A 1 109 ? 5.173   -11.059 -4.636  1.00 29.03 ? 109  THR A O   1 
ATOM   884  C  CB  . THR A 1 109 ? 5.486   -11.713 -1.495  1.00 29.41 ? 109  THR A CB  1 
ATOM   885  O  OG1 . THR A 1 109 ? 4.316   -11.183 -0.851  1.00 31.09 ? 109  THR A OG1 1 
ATOM   886  C  CG2 . THR A 1 109 ? 6.508   -12.140 -0.439  1.00 29.76 ? 109  THR A CG2 1 
ATOM   887  N  N   . GLY A 1 110 ? 4.220   -9.423  -3.399  1.00 28.69 ? 110  GLY A N   1 
ATOM   888  C  CA  . GLY A 1 110 ? 3.261   -9.030  -4.425  1.00 28.37 ? 110  GLY A CA  1 
ATOM   889  C  C   . GLY A 1 110 ? 3.872   -8.257  -5.575  1.00 28.07 ? 110  GLY A C   1 
ATOM   890  O  O   . GLY A 1 110 ? 3.338   -8.279  -6.690  1.00 28.15 ? 110  GLY A O   1 
ATOM   891  N  N   . VAL A 1 111 ? 4.993   -7.577  -5.315  1.00 27.70 ? 111  VAL A N   1 
ATOM   892  C  CA  A VAL A 1 111 ? 5.641   -6.757  -6.338  0.70 27.59 ? 111  VAL A CA  1 
ATOM   893  C  CA  B VAL A 1 111 ? 5.648   -6.753  -6.339  0.30 27.47 ? 111  VAL A CA  1 
ATOM   894  C  C   . VAL A 1 111 ? 6.836   -7.458  -7.009  1.00 27.27 ? 111  VAL A C   1 
ATOM   895  O  O   . VAL A 1 111 ? 7.444   -6.919  -7.942  1.00 27.30 ? 111  VAL A O   1 
ATOM   896  C  CB  A VAL A 1 111 ? 6.014   -5.348  -5.799  0.70 27.59 ? 111  VAL A CB  1 
ATOM   897  C  CB  B VAL A 1 111 ? 6.059   -5.340  -5.810  0.30 27.48 ? 111  VAL A CB  1 
ATOM   898  C  CG1 A VAL A 1 111 ? 7.145   -5.418  -4.774  0.70 27.97 ? 111  VAL A CG1 1 
ATOM   899  C  CG1 B VAL A 1 111 ? 4.835   -4.550  -5.346  0.30 27.47 ? 111  VAL A CG1 1 
ATOM   900  C  CG2 A VAL A 1 111 ? 6.377   -4.434  -6.943  0.70 28.02 ? 111  VAL A CG2 1 
ATOM   901  C  CG2 B VAL A 1 111 ? 7.098   -5.434  -4.698  0.30 27.60 ? 111  VAL A CG2 1 
ATOM   902  N  N   . ALA A 1 112 ? 7.161   -8.663  -6.547  1.00 26.78 ? 112  ALA A N   1 
ATOM   903  C  CA  . ALA A 1 112 ? 8.253   -9.450  -7.142  1.00 26.04 ? 112  ALA A CA  1 
ATOM   904  C  C   . ALA A 1 112 ? 8.127   -9.599  -8.665  1.00 25.47 ? 112  ALA A C   1 
ATOM   905  O  O   . ALA A 1 112 ? 9.132   -9.608  -9.379  1.00 25.57 ? 112  ALA A O   1 
ATOM   906  C  CB  . ALA A 1 112 ? 8.351   -10.819 -6.481  1.00 26.09 ? 112  ALA A CB  1 
ATOM   907  N  N   . GLY A 1 113 ? 6.895   -9.707  -9.157  1.00 24.59 ? 113  GLY A N   1 
ATOM   908  C  CA  . GLY A 1 113 ? 6.658   -9.889  -10.590 1.00 23.63 ? 113  GLY A CA  1 
ATOM   909  C  C   . GLY A 1 113 ? 6.721   -8.624  -11.433 1.00 22.70 ? 113  GLY A C   1 
ATOM   910  O  O   . GLY A 1 113 ? 6.541   -8.682  -12.650 1.00 23.33 ? 113  GLY A O   1 
ATOM   911  N  N   . PHE A 1 114 ? 6.979   -7.480  -10.802 1.00 21.54 ? 114  PHE A N   1 
ATOM   912  C  CA  . PHE A 1 114 ? 6.991   -6.200  -11.523 1.00 20.15 ? 114  PHE A CA  1 
ATOM   913  C  C   . PHE A 1 114 ? 8.367   -5.790  -12.060 1.00 19.61 ? 114  PHE A C   1 
ATOM   914  O  O   . PHE A 1 114 ? 8.609   -4.609  -12.310 1.00 18.75 ? 114  PHE A O   1 
ATOM   915  C  CB  . PHE A 1 114 ? 6.382   -5.090  -10.661 1.00 20.05 ? 114  PHE A CB  1 
ATOM   916  C  CG  . PHE A 1 114 ? 4.883   -5.124  -10.608 1.00 19.65 ? 114  PHE A CG  1 
ATOM   917  C  CD1 . PHE A 1 114 ? 4.225   -5.891  -9.652  1.00 20.47 ? 114  PHE A CD1 1 
ATOM   918  C  CD2 . PHE A 1 114 ? 4.126   -4.396  -11.522 1.00 18.32 ? 114  PHE A CD2 1 
ATOM   919  C  CE1 . PHE A 1 114 ? 2.823   -5.934  -9.607  1.00 20.13 ? 114  PHE A CE1 1 
ATOM   920  C  CE2 . PHE A 1 114 ? 2.731   -4.425  -11.483 1.00 18.57 ? 114  PHE A CE2 1 
ATOM   921  C  CZ  . PHE A 1 114 ? 2.079   -5.200  -10.523 1.00 19.55 ? 114  PHE A CZ  1 
ATOM   922  N  N   . THR A 1 115 ? 9.243   -6.774  -12.260 1.00 19.16 ? 115  THR A N   1 
ATOM   923  C  CA  . THR A 1 115 ? 10.616  -6.560  -12.749 1.00 18.86 ? 115  THR A CA  1 
ATOM   924  C  C   . THR A 1 115 ? 10.701  -5.671  -13.997 1.00 18.36 ? 115  THR A C   1 
ATOM   925  O  O   . THR A 1 115 ? 11.497  -4.731  -14.049 1.00 18.09 ? 115  THR A O   1 
ATOM   926  C  CB  . THR A 1 115 ? 11.316  -7.921  -13.032 1.00 18.94 ? 115  THR A CB  1 
ATOM   927  O  OG1 . THR A 1 115 ? 11.172  -8.776  -11.891 1.00 19.58 ? 115  THR A OG1 1 
ATOM   928  C  CG2 . THR A 1 115 ? 12.800  -7.734  -13.345 1.00 19.91 ? 115  THR A CG2 1 
ATOM   929  N  N   . ASN A 1 116 ? 9.878   -5.971  -14.997 1.00 17.62 ? 116  ASN A N   1 
ATOM   930  C  CA  . ASN A 1 116 ? 9.912   -5.228  -16.251 1.00 17.51 ? 116  ASN A CA  1 
ATOM   931  C  C   . ASN A 1 116 ? 9.398   -3.796  -16.105 1.00 16.77 ? 116  ASN A C   1 
ATOM   932  O  O   . ASN A 1 116 ? 9.959   -2.872  -16.691 1.00 16.62 ? 116  ASN A O   1 
ATOM   933  C  CB  . ASN A 1 116 ? 9.157   -5.986  -17.342 1.00 17.62 ? 116  ASN A CB  1 
ATOM   934  C  CG  . ASN A 1 116 ? 9.757   -7.354  -17.612 1.00 18.69 ? 116  ASN A CG  1 
ATOM   935  O  OD1 . ASN A 1 116 ? 10.979  -7.500  -17.689 1.00 19.87 ? 116  ASN A OD1 1 
ATOM   936  N  ND2 . ASN A 1 116 ? 8.901   -8.366  -17.750 1.00 18.28 ? 116  ASN A ND2 1 
ATOM   937  N  N   . SER A 1 117 ? 8.339   -3.635  -15.310 1.00 16.18 ? 117  SER A N   1 
ATOM   938  C  CA  . SER A 1 117 ? 7.796   -2.316  -14.976 1.00 15.85 ? 117  SER A CA  1 
ATOM   939  C  C   . SER A 1 117 ? 8.866   -1.477  -14.279 1.00 15.19 ? 117  SER A C   1 
ATOM   940  O  O   . SER A 1 117 ? 9.062   -0.313  -14.620 1.00 14.41 ? 117  SER A O   1 
ATOM   941  C  CB  . SER A 1 117 ? 6.578   -2.444  -14.057 1.00 15.74 ? 117  SER A CB  1 
ATOM   942  O  OG  . SER A 1 117 ? 5.455   -2.976  -14.732 1.00 17.67 ? 117  SER A OG  1 
ATOM   943  N  N   . LEU A 1 118 ? 9.550   -2.095  -13.316 1.00 15.15 ? 118  LEU A N   1 
ATOM   944  C  CA  . LEU A 1 118 ? 10.616  -1.444  -12.545 1.00 15.17 ? 118  LEU A CA  1 
ATOM   945  C  C   . LEU A 1 118 ? 11.730  -0.918  -13.444 1.00 15.29 ? 118  LEU A C   1 
ATOM   946  O  O   . LEU A 1 118 ? 12.188  0.219   -13.280 1.00 14.37 ? 118  LEU A O   1 
ATOM   947  C  CB  . LEU A 1 118 ? 11.193  -2.410  -11.502 1.00 15.51 ? 118  LEU A CB  1 
ATOM   948  C  CG  . LEU A 1 118 ? 10.312  -2.724  -10.295 1.00 16.02 ? 118  LEU A CG  1 
ATOM   949  C  CD1 . LEU A 1 118 ? 10.767  -4.005  -9.614  1.00 17.81 ? 118  LEU A CD1 1 
ATOM   950  C  CD2 . LEU A 1 118 ? 10.358  -1.579  -9.322  1.00 17.76 ? 118  LEU A CD2 1 
ATOM   951  N  N   . ARG A 1 119 ? 12.159  -1.750  -14.391 1.00 15.41 ? 119  ARG A N   1 
ATOM   952  C  CA  . ARG A 1 119 ? 13.149  -1.343  -15.384 1.00 16.26 ? 119  ARG A CA  1 
ATOM   953  C  C   . ARG A 1 119 ? 12.684  -0.110  -16.149 1.00 15.41 ? 119  ARG A C   1 
ATOM   954  O  O   . ARG A 1 119 ? 13.427  0.860   -16.264 1.00 15.15 ? 119  ARG A O   1 
ATOM   955  C  CB  . ARG A 1 119 ? 13.450  -2.481  -16.361 1.00 16.14 ? 119  ARG A CB  1 
ATOM   956  C  CG  . ARG A 1 119 ? 14.554  -2.162  -17.373 1.00 17.53 ? 119  ARG A CG  1 
ATOM   957  C  CD  . ARG A 1 119 ? 14.953  -3.391  -18.187 1.00 19.00 ? 119  ARG A CD  1 
ATOM   958  N  NE  . ARG A 1 119 ? 15.297  -4.522  -17.325 1.00 24.12 ? 119  ARG A NE  1 
ATOM   959  C  CZ  . ARG A 1 119 ? 14.523  -5.586  -17.106 1.00 25.88 ? 119  ARG A CZ  1 
ATOM   960  N  NH1 . ARG A 1 119 ? 13.334  -5.703  -17.695 1.00 25.49 ? 119  ARG A NH1 1 
ATOM   961  N  NH2 . ARG A 1 119 ? 14.949  -6.542  -16.289 1.00 26.91 ? 119  ARG A NH2 1 
ATOM   962  N  N   . MET A 1 120 ? 11.452  -0.144  -16.661 1.00 14.96 ? 120  MET A N   1 
ATOM   963  C  CA  . MET A 1 120 ? 10.920  0.978   -17.444 1.00 14.77 ? 120  MET A CA  1 
ATOM   964  C  C   . MET A 1 120 ? 10.811  2.266   -16.627 1.00 14.11 ? 120  MET A C   1 
ATOM   965  O  O   . MET A 1 120 ? 11.048  3.358   -17.152 1.00 14.01 ? 120  MET A O   1 
ATOM   966  C  CB  . MET A 1 120 ? 9.563   0.635   -18.055 1.00 14.99 ? 120  MET A CB  1 
ATOM   967  C  CG  . MET A 1 120 ? 9.608   -0.515  -19.042 1.00 15.53 ? 120  MET A CG  1 
ATOM   968  S  SD  . MET A 1 120 ? 7.967   -0.912  -19.663 1.00 16.54 ? 120  MET A SD  1 
ATOM   969  C  CE  . MET A 1 120 ? 8.322   -2.423  -20.557 1.00 17.25 ? 120  MET A CE  1 
ATOM   970  N  N   . LEU A 1 121 ? 10.446  2.132   -15.353 1.00 13.32 ? 121  LEU A N   1 
ATOM   971  C  CA  . LEU A 1 121 ? 10.380  3.279   -14.441 1.00 12.99 ? 121  LEU A CA  1 
ATOM   972  C  C   . LEU A 1 121 ? 11.769  3.875   -14.185 1.00 12.92 ? 121  LEU A C   1 
ATOM   973  O  O   . LEU A 1 121 ? 11.929  5.094   -14.188 1.00 12.55 ? 121  LEU A O   1 
ATOM   974  C  CB  . LEU A 1 121 ? 9.689   2.906   -13.121 1.00 13.02 ? 121  LEU A CB  1 
ATOM   975  C  CG  . LEU A 1 121 ? 8.171   2.647   -13.203 1.00 13.10 ? 121  LEU A CG  1 
ATOM   976  C  CD1 . LEU A 1 121 ? 7.648   2.010   -11.918 1.00 14.58 ? 121  LEU A CD1 1 
ATOM   977  C  CD2 . LEU A 1 121 ? 7.394   3.919   -13.518 1.00 13.96 ? 121  LEU A CD2 1 
ATOM   978  N  N   . GLN A 1 122 ? 12.769  3.018   -13.979 1.00 13.01 ? 122  GLN A N   1 
ATOM   979  C  CA  . GLN A 1 122 ? 14.143  3.500   -13.798 1.00 13.60 ? 122  GLN A CA  1 
ATOM   980  C  C   . GLN A 1 122 ? 14.671  4.181   -15.069 1.00 13.39 ? 122  GLN A C   1 
ATOM   981  O  O   . GLN A 1 122 ? 15.439  5.148   -14.993 1.00 13.28 ? 122  GLN A O   1 
ATOM   982  C  CB  . GLN A 1 122 ? 15.088  2.383   -13.341 1.00 14.23 ? 122  GLN A CB  1 
ATOM   983  C  CG  . GLN A 1 122 ? 16.502  2.899   -13.044 1.00 16.18 ? 122  GLN A CG  1 
ATOM   984  C  CD  . GLN A 1 122 ? 17.281  2.070   -12.041 1.00 19.60 ? 122  GLN A CD  1 
ATOM   985  O  OE1 . GLN A 1 122 ? 16.781  1.092   -11.483 1.00 20.80 ? 122  GLN A OE1 1 
ATOM   986  N  NE2 . GLN A 1 122 ? 18.527  2.473   -11.803 1.00 20.22 ? 122  GLN A NE2 1 
ATOM   987  N  N   . GLN A 1 123 ? 14.237  3.682   -16.225 1.00 13.18 ? 123  GLN A N   1 
ATOM   988  C  CA  . GLN A 1 123 ? 14.567  4.293   -17.521 1.00 13.38 ? 123  GLN A CA  1 
ATOM   989  C  C   . GLN A 1 123 ? 13.786  5.588   -17.776 1.00 12.64 ? 123  GLN A C   1 
ATOM   990  O  O   . GLN A 1 123 ? 14.078  6.326   -18.727 1.00 12.46 ? 123  GLN A O   1 
ATOM   991  C  CB  . GLN A 1 123 ? 14.296  3.305   -18.659 1.00 13.31 ? 123  GLN A CB  1 
ATOM   992  C  CG  . GLN A 1 123 ? 15.205  2.088   -18.650 1.00 14.83 ? 123  GLN A CG  1 
ATOM   993  C  CD  . GLN A 1 123 ? 14.824  1.066   -19.707 1.00 15.02 ? 123  GLN A CD  1 
ATOM   994  O  OE1 . GLN A 1 123 ? 15.678  0.596   -20.456 1.00 19.50 ? 123  GLN A OE1 1 
ATOM   995  N  NE2 . GLN A 1 123 ? 13.543  0.720   -19.776 1.00 16.86 ? 123  GLN A NE2 1 
ATOM   996  N  N   . LYS A 1 124 ? 12.796  5.853   -16.924 1.00 11.84 ? 124  LYS A N   1 
ATOM   997  C  CA  . LYS A 1 124 ? 11.893  7.007   -17.066 1.00 11.31 ? 124  LYS A CA  1 
ATOM   998  C  C   . LYS A 1 124 ? 11.098  6.973   -18.381 1.00 11.39 ? 124  LYS A C   1 
ATOM   999  O  O   . LYS A 1 124 ? 10.823  8.006   -18.992 1.00 10.83 ? 124  LYS A O   1 
ATOM   1000 C  CB  . LYS A 1 124 ? 12.652  8.335   -16.889 1.00 11.25 ? 124  LYS A CB  1 
ATOM   1001 C  CG  . LYS A 1 124 ? 13.385  8.423   -15.552 1.00 10.72 ? 124  LYS A CG  1 
ATOM   1002 C  CD  . LYS A 1 124 ? 13.770  9.853   -15.215 1.00 10.02 ? 124  LYS A CD  1 
ATOM   1003 C  CE  . LYS A 1 124 ? 14.477  9.925   -13.862 1.00 10.06 ? 124  LYS A CE  1 
ATOM   1004 N  NZ  . LYS A 1 124 ? 13.589  9.460   -12.754 1.00 9.63  ? 124  LYS A NZ  1 
ATOM   1005 N  N   . ARG A 1 125 ? 10.732  5.764   -18.803 1.00 11.43 ? 125  ARG A N   1 
ATOM   1006 C  CA  . ARG A 1 125 ? 9.876   5.594   -19.972 1.00 11.59 ? 125  ARG A CA  1 
ATOM   1007 C  C   . ARG A 1 125 ? 8.443   5.513   -19.461 1.00 11.40 ? 125  ARG A C   1 
ATOM   1008 O  O   . ARG A 1 125 ? 7.870   4.425   -19.336 1.00 10.78 ? 125  ARG A O   1 
ATOM   1009 C  CB  . ARG A 1 125 ? 10.282  4.341   -20.749 1.00 12.27 ? 125  ARG A CB  1 
ATOM   1010 C  CG  . ARG A 1 125 ? 11.703  4.420   -21.284 1.00 13.73 ? 125  ARG A CG  1 
ATOM   1011 C  CD  . ARG A 1 125 ? 12.090  3.182   -22.055 1.00 17.70 ? 125  ARG A CD  1 
ATOM   1012 N  NE  . ARG A 1 125 ? 13.448  3.310   -22.580 1.00 21.88 ? 125  ARG A NE  1 
ATOM   1013 C  CZ  . ARG A 1 125 ? 13.971  2.525   -23.518 1.00 24.19 ? 125  ARG A CZ  1 
ATOM   1014 N  NH1 . ARG A 1 125 ? 13.249  1.546   -24.052 1.00 25.34 ? 125  ARG A NH1 1 
ATOM   1015 N  NH2 . ARG A 1 125 ? 15.219  2.723   -23.926 1.00 25.50 ? 125  ARG A NH2 1 
ATOM   1016 N  N   . TRP A 1 126 ? 7.887   6.681   -19.146 1.00 10.81 ? 126  TRP A N   1 
ATOM   1017 C  CA  . TRP A 1 126 ? 6.689   6.759   -18.311 1.00 10.76 ? 126  TRP A CA  1 
ATOM   1018 C  C   . TRP A 1 126 ? 5.450   6.130   -18.952 1.00 10.80 ? 126  TRP A C   1 
ATOM   1019 O  O   . TRP A 1 126 ? 4.719   5.398   -18.282 1.00 10.85 ? 126  TRP A O   1 
ATOM   1020 C  CB  . TRP A 1 126 ? 6.400   8.206   -17.882 1.00 10.22 ? 126  TRP A CB  1 
ATOM   1021 C  CG  . TRP A 1 126 ? 7.543   8.913   -17.176 1.00 10.04 ? 126  TRP A CG  1 
ATOM   1022 C  CD1 . TRP A 1 126 ? 8.104   10.106  -17.531 1.00 9.11  ? 126  TRP A CD1 1 
ATOM   1023 C  CD2 . TRP A 1 126 ? 8.251   8.471   -16.006 1.00 9.40  ? 126  TRP A CD2 1 
ATOM   1024 N  NE1 . TRP A 1 126 ? 9.114   10.442  -16.657 1.00 8.65  ? 126  TRP A NE1 1 
ATOM   1025 C  CE2 . TRP A 1 126 ? 9.226   9.458   -15.710 1.00 8.90  ? 126  TRP A CE2 1 
ATOM   1026 C  CE3 . TRP A 1 126 ? 8.155   7.344   -15.177 1.00 9.29  ? 126  TRP A CE3 1 
ATOM   1027 C  CZ2 . TRP A 1 126 ? 10.100  9.352   -14.616 1.00 9.78  ? 126  TRP A CZ2 1 
ATOM   1028 C  CZ3 . TRP A 1 126 ? 9.030   7.233   -14.092 1.00 9.52  ? 126  TRP A CZ3 1 
ATOM   1029 C  CH2 . TRP A 1 126 ? 9.991   8.236   -13.823 1.00 9.93  ? 126  TRP A CH2 1 
ATOM   1030 N  N   . ASP A 1 127 ? 5.211   6.410   -20.233 1.00 11.11 ? 127  ASP A N   1 
ATOM   1031 C  CA  . ASP A 1 127 ? 4.039   5.850   -20.917 1.00 11.71 ? 127  ASP A CA  1 
ATOM   1032 C  C   . ASP A 1 127 ? 4.142   4.329   -21.061 1.00 11.48 ? 127  ASP A C   1 
ATOM   1033 O  O   . ASP A 1 127 ? 3.171   3.612   -20.797 1.00 11.03 ? 127  ASP A O   1 
ATOM   1034 C  CB  . ASP A 1 127 ? 3.792   6.525   -22.276 1.00 11.88 ? 127  ASP A CB  1 
ATOM   1035 C  CG  . ASP A 1 127 ? 3.194   7.924   -22.142 1.00 13.45 ? 127  ASP A CG  1 
ATOM   1036 O  OD1 . ASP A 1 127 ? 3.336   8.554   -21.071 1.00 15.44 ? 127  ASP A OD1 1 
ATOM   1037 O  OD2 . ASP A 1 127 ? 2.583   8.404   -23.117 1.00 14.74 ? 127  ASP A OD2 1 
ATOM   1038 N  N   . GLU A 1 128 ? 5.328   3.847   -21.431 1.00 11.57 ? 128  GLU A N   1 
ATOM   1039 C  CA  . GLU A 1 128 ? 5.587   2.410   -21.545 1.00 12.32 ? 128  GLU A CA  1 
ATOM   1040 C  C   . GLU A 1 128 ? 5.463   1.708   -20.192 1.00 11.82 ? 128  GLU A C   1 
ATOM   1041 O  O   . GLU A 1 128 ? 4.862   0.633   -20.099 1.00 11.52 ? 128  GLU A O   1 
ATOM   1042 C  CB  . GLU A 1 128 ? 6.965   2.145   -22.147 1.00 12.77 ? 128  GLU A CB  1 
ATOM   1043 C  CG  . GLU A 1 128 ? 7.076   2.518   -23.616 1.00 15.64 ? 128  GLU A CG  1 
ATOM   1044 C  CD  . GLU A 1 128 ? 8.512   2.594   -24.080 1.00 19.42 ? 128  GLU A CD  1 
ATOM   1045 O  OE1 . GLU A 1 128 ? 9.048   1.562   -24.535 1.00 21.31 ? 128  GLU A OE1 1 
ATOM   1046 O  OE2 . GLU A 1 128 ? 9.102   3.691   -24.000 1.00 21.20 ? 128  GLU A OE2 1 
ATOM   1047 N  N   . ALA A 1 129 ? 6.030   2.325   -19.155 1.00 11.56 ? 129  ALA A N   1 
ATOM   1048 C  CA  . ALA A 1 129 ? 5.898   1.812   -17.791 1.00 11.39 ? 129  ALA A CA  1 
ATOM   1049 C  C   . ALA A 1 129 ? 4.424   1.700   -17.393 1.00 11.34 ? 129  ALA A C   1 
ATOM   1050 O  O   . ALA A 1 129 ? 4.001   0.684   -16.838 1.00 11.15 ? 129  ALA A O   1 
ATOM   1051 C  CB  . ALA A 1 129 ? 6.646   2.702   -16.810 1.00 11.50 ? 129  ALA A CB  1 
ATOM   1052 N  N   . ALA A 1 130 ? 3.653   2.748   -17.686 1.00 11.29 ? 130  ALA A N   1 
ATOM   1053 C  CA  . ALA A 1 130 ? 2.222   2.789   -17.368 1.00 11.62 ? 130  ALA A CA  1 
ATOM   1054 C  C   . ALA A 1 130 ? 1.452   1.659   -18.050 1.00 11.68 ? 130  ALA A C   1 
ATOM   1055 O  O   . ALA A 1 130 ? 0.610   1.009   -17.422 1.00 11.36 ? 130  ALA A O   1 
ATOM   1056 C  CB  . ALA A 1 130 ? 1.631   4.142   -17.739 1.00 11.60 ? 130  ALA A CB  1 
ATOM   1057 N  N   . VAL A 1 131 ? 1.748   1.434   -19.330 1.00 11.55 ? 131  VAL A N   1 
ATOM   1058 C  CA  . VAL A 1 131 ? 1.152   0.334   -20.092 1.00 11.74 ? 131  VAL A CA  1 
ATOM   1059 C  C   . VAL A 1 131 ? 1.502   -1.011  -19.452 1.00 11.42 ? 131  VAL A C   1 
ATOM   1060 O  O   . VAL A 1 131 ? 0.623   -1.860  -19.258 1.00 11.48 ? 131  VAL A O   1 
ATOM   1061 C  CB  . VAL A 1 131 ? 1.566   0.384   -21.592 1.00 11.92 ? 131  VAL A CB  1 
ATOM   1062 C  CG1 . VAL A 1 131 ? 1.227   -0.930  -22.305 1.00 12.14 ? 131  VAL A CG1 1 
ATOM   1063 C  CG2 . VAL A 1 131 ? 0.870   1.555   -22.284 1.00 12.41 ? 131  VAL A CG2 1 
ATOM   1064 N  N   . ASN A 1 132 ? 2.775   -1.184  -19.099 1.00 11.23 ? 132  ASN A N   1 
ATOM   1065 C  CA  . ASN A 1 132 ? 3.243   -2.436  -18.500 1.00 11.18 ? 132  ASN A CA  1 
ATOM   1066 C  C   . ASN A 1 132 ? 2.636   -2.727  -17.123 1.00 10.94 ? 132  ASN A C   1 
ATOM   1067 O  O   . ASN A 1 132 ? 2.278   -3.870  -16.824 1.00 11.02 ? 132  ASN A O   1 
ATOM   1068 C  CB  . ASN A 1 132 ? 4.769   -2.483  -18.426 1.00 11.12 ? 132  ASN A CB  1 
ATOM   1069 C  CG  . ASN A 1 132 ? 5.284   -3.863  -18.066 1.00 12.06 ? 132  ASN A CG  1 
ATOM   1070 O  OD1 . ASN A 1 132 ? 5.562   -4.152  -16.902 1.00 12.68 ? 132  ASN A OD1 1 
ATOM   1071 N  ND2 . ASN A 1 132 ? 5.382   -4.733  -19.061 1.00 14.05 ? 132  ASN A ND2 1 
ATOM   1072 N  N   . LEU A 1 133 ? 2.516   -1.685  -16.300 1.00 10.57 ? 133  LEU A N   1 
ATOM   1073 C  CA  . LEU A 1 133 ? 1.932   -1.803  -14.958 1.00 10.31 ? 133  LEU A CA  1 
ATOM   1074 C  C   . LEU A 1 133 ? 0.491   -2.324  -14.986 1.00 10.30 ? 133  LEU A C   1 
ATOM   1075 O  O   . LEU A 1 133 ? 0.079   -3.077  -14.095 1.00 10.22 ? 133  LEU A O   1 
ATOM   1076 C  CB  . LEU A 1 133 ? 1.986   -0.449  -14.236 1.00 10.11 ? 133  LEU A CB  1 
ATOM   1077 C  CG  . LEU A 1 133 ? 3.348   -0.021  -13.659 1.00 10.14 ? 133  LEU A CG  1 
ATOM   1078 C  CD1 . LEU A 1 133 ? 3.397   1.488   -13.401 1.00 10.19 ? 133  LEU A CD1 1 
ATOM   1079 C  CD2 . LEU A 1 133 ? 3.685   -0.803  -12.385 1.00 11.12 ? 133  LEU A CD2 1 
ATOM   1080 N  N   . ALA A 1 134 ? -0.258  -1.923  -16.010 1.00 10.00 ? 134  ALA A N   1 
ATOM   1081 C  CA  . ALA A 1 134 ? -1.670  -2.308  -16.150 1.00 10.33 ? 134  ALA A CA  1 
ATOM   1082 C  C   . ALA A 1 134 ? -1.877  -3.772  -16.571 1.00 10.49 ? 134  ALA A C   1 
ATOM   1083 O  O   . ALA A 1 134 ? -2.979  -4.315  -16.443 1.00 10.63 ? 134  ALA A O   1 
ATOM   1084 C  CB  . ALA A 1 134 ? -2.384  -1.356  -17.113 1.00 9.81  ? 134  ALA A CB  1 
ATOM   1085 N  N   . LYS A 1 135 ? -0.818  -4.396  -17.081 1.00 10.65 ? 135  LYS A N   1 
ATOM   1086 C  CA  . LYS A 1 135 ? -0.834  -5.806  -17.468 1.00 11.72 ? 135  LYS A CA  1 
ATOM   1087 C  C   . LYS A 1 135 ? -0.539  -6.663  -16.243 1.00 10.53 ? 135  LYS A C   1 
ATOM   1088 O  O   . LYS A 1 135 ? 0.505   -7.305  -16.163 1.00 10.93 ? 135  LYS A O   1 
ATOM   1089 C  CB  . LYS A 1 135 ? 0.211   -6.062  -18.564 1.00 11.24 ? 135  LYS A CB  1 
ATOM   1090 C  CG  . LYS A 1 135 ? -0.098  -5.383  -19.895 1.00 13.77 ? 135  LYS A CG  1 
ATOM   1091 C  CD  . LYS A 1 135 ? 1.087   -5.493  -20.853 1.00 14.21 ? 135  LYS A CD  1 
ATOM   1092 C  CE  . LYS A 1 135 ? 0.787   -4.807  -22.171 1.00 18.53 ? 135  LYS A CE  1 
ATOM   1093 N  NZ  . LYS A 1 135 ? 1.945   -4.904  -23.111 1.00 21.34 ? 135  LYS A NZ  1 
ATOM   1094 N  N   . SER A 1 136 ? -1.465  -6.663  -15.286 1.00 10.42 ? 136  SER A N   1 
ATOM   1095 C  CA  . SER A 1 136 ? -1.221  -7.264  -13.979 1.00 9.93  ? 136  SER A CA  1 
ATOM   1096 C  C   . SER A 1 136 ? -2.513  -7.722  -13.317 1.00 10.10 ? 136  SER A C   1 
ATOM   1097 O  O   . SER A 1 136 ? -3.587  -7.165  -13.581 1.00 9.76  ? 136  SER A O   1 
ATOM   1098 C  CB  . SER A 1 136 ? -0.524  -6.250  -13.063 1.00 9.75  ? 136  SER A CB  1 
ATOM   1099 O  OG  . SER A 1 136 ? -1.307  -5.070  -12.910 1.00 9.07  ? 136  SER A OG  1 
ATOM   1100 N  N   . ARG A 1 137 ? -2.402  -8.721  -12.444 1.00 10.04 ? 137  ARG A N   1 
ATOM   1101 C  CA  . ARG A 1 137 ? -3.514  -9.081  -11.574 1.00 10.49 ? 137  ARG A CA  1 
ATOM   1102 C  C   . ARG A 1 137 ? -3.945  -7.843  -10.773 1.00 10.18 ? 137  ARG A C   1 
ATOM   1103 O  O   . ARG A 1 137 ? -5.137  -7.552  -10.644 1.00 9.71  ? 137  ARG A O   1 
ATOM   1104 C  CB  . ARG A 1 137 ? -3.128  -10.227 -10.631 1.00 10.29 ? 137  ARG A CB  1 
ATOM   1105 C  CG  . ARG A 1 137 ? -4.299  -10.681 -9.772  1.00 11.20 ? 137  ARG A CG  1 
ATOM   1106 C  CD  . ARG A 1 137 ? -3.948  -11.760 -8.767  1.00 11.57 ? 137  ARG A CD  1 
ATOM   1107 N  NE  . ARG A 1 137 ? -5.152  -12.202 -8.058  1.00 14.32 ? 137  ARG A NE  1 
ATOM   1108 C  CZ  . ARG A 1 137 ? -5.659  -11.599 -6.983  1.00 15.06 ? 137  ARG A CZ  1 
ATOM   1109 N  NH1 . ARG A 1 137 ? -5.054  -10.542 -6.464  1.00 15.17 ? 137  ARG A NH1 1 
ATOM   1110 N  NH2 . ARG A 1 137 ? -6.766  -12.069 -6.414  1.00 15.60 ? 137  ARG A NH2 1 
ATOM   1111 N  N   . TRP A 1 138 ? -2.957  -7.104  -10.270 1.00 10.27 ? 138  TRP A N   1 
ATOM   1112 C  CA  . TRP A 1 138 ? -3.189  -5.877  -9.505  1.00 10.71 ? 138  TRP A CA  1 
ATOM   1113 C  C   . TRP A 1 138 ? -4.177  -4.932  -10.191 1.00 10.85 ? 138  TRP A C   1 
ATOM   1114 O  O   . TRP A 1 138 ? -5.195  -4.548  -9.606  1.00 10.89 ? 138  TRP A O   1 
ATOM   1115 C  CB  . TRP A 1 138 ? -1.851  -5.180  -9.269  1.00 10.95 ? 138  TRP A CB  1 
ATOM   1116 C  CG  . TRP A 1 138 ? -1.927  -3.796  -8.699  1.00 10.85 ? 138  TRP A CG  1 
ATOM   1117 C  CD1 . TRP A 1 138 ? -2.484  -3.418  -7.506  1.00 10.81 ? 138  TRP A CD1 1 
ATOM   1118 C  CD2 . TRP A 1 138 ? -1.366  -2.607  -9.275  1.00 11.73 ? 138  TRP A CD2 1 
ATOM   1119 N  NE1 . TRP A 1 138 ? -2.318  -2.064  -7.314  1.00 11.58 ? 138  TRP A NE1 1 
ATOM   1120 C  CE2 . TRP A 1 138 ? -1.638  -1.542  -8.384  1.00 11.34 ? 138  TRP A CE2 1 
ATOM   1121 C  CE3 . TRP A 1 138 ? -0.667  -2.339  -10.464 1.00 10.79 ? 138  TRP A CE3 1 
ATOM   1122 C  CZ2 . TRP A 1 138 ? -1.232  -0.226  -8.640  1.00 12.06 ? 138  TRP A CZ2 1 
ATOM   1123 C  CZ3 . TRP A 1 138 ? -0.266  -1.029  -10.724 1.00 10.86 ? 138  TRP A CZ3 1 
ATOM   1124 C  CH2 . TRP A 1 138 ? -0.549  0.012   -9.810  1.00 11.16 ? 138  TRP A CH2 1 
ATOM   1125 N  N   . TYR A 1 139 ? -3.881  -4.569  -11.435 1.00 10.90 ? 139  TYR A N   1 
ATOM   1126 C  CA  . TYR A 1 139 ? -4.752  -3.679  -12.201 1.00 11.33 ? 139  TYR A CA  1 
ATOM   1127 C  C   . TYR A 1 139 ? -6.141  -4.291  -12.390 1.00 11.08 ? 139  TYR A C   1 
ATOM   1128 O  O   . TYR A 1 139 ? -7.149  -3.622  -12.176 1.00 10.82 ? 139  TYR A O   1 
ATOM   1129 C  CB  . TYR A 1 139 ? -4.110  -3.352  -13.547 1.00 12.04 ? 139  TYR A CB  1 
ATOM   1130 C  CG  . TYR A 1 139 ? -4.928  -2.467  -14.451 1.00 13.47 ? 139  TYR A CG  1 
ATOM   1131 C  CD1 . TYR A 1 139 ? -4.809  -1.076  -14.396 1.00 13.18 ? 139  TYR A CD1 1 
ATOM   1132 C  CD2 . TYR A 1 139 ? -5.802  -3.020  -15.387 1.00 14.57 ? 139  TYR A CD2 1 
ATOM   1133 C  CE1 . TYR A 1 139 ? -5.558  -0.256  -15.244 1.00 15.47 ? 139  TYR A CE1 1 
ATOM   1134 C  CE2 . TYR A 1 139 ? -6.553  -2.218  -16.236 1.00 15.04 ? 139  TYR A CE2 1 
ATOM   1135 C  CZ  . TYR A 1 139 ? -6.426  -0.841  -16.167 1.00 15.78 ? 139  TYR A CZ  1 
ATOM   1136 O  OH  . TYR A 1 139 ? -7.174  -0.060  -17.022 1.00 16.81 ? 139  TYR A OH  1 
ATOM   1137 N  N   . ASN A 1 140 ? -6.194  -5.563  -12.781 1.00 10.81 ? 140  ASN A N   1 
ATOM   1138 C  CA  . ASN A 1 140 ? -7.478  -6.222  -13.027 1.00 10.80 ? 140  ASN A CA  1 
ATOM   1139 C  C   . ASN A 1 140 ? -8.371  -6.316  -11.790 1.00 10.62 ? 140  ASN A C   1 
ATOM   1140 O  O   . ASN A 1 140 ? -9.581  -6.142  -11.895 1.00 10.88 ? 140  ASN A O   1 
ATOM   1141 C  CB  . ASN A 1 140 ? -7.280  -7.601  -13.652 1.00 10.92 ? 140  ASN A CB  1 
ATOM   1142 C  CG  . ASN A 1 140 ? -6.944  -7.522  -15.134 1.00 11.62 ? 140  ASN A CG  1 
ATOM   1143 O  OD1 . ASN A 1 140 ? -5.777  -7.582  -15.524 1.00 13.49 ? 140  ASN A OD1 1 
ATOM   1144 N  ND2 . ASN A 1 140 ? -7.967  -7.365  -15.964 1.00 11.63 ? 140  ASN A ND2 1 
ATOM   1145 N  N   . GLN A 1 141 ? -7.778  -6.568  -10.626 1.00 10.23 ? 141  GLN A N   1 
ATOM   1146 C  CA  . GLN A 1 141 ? -8.563  -6.741  -9.400  1.00 10.43 ? 141  GLN A CA  1 
ATOM   1147 C  C   . GLN A 1 141 ? -8.949  -5.410  -8.757  1.00 10.46 ? 141  GLN A C   1 
ATOM   1148 O  O   . GLN A 1 141 ? -10.062 -5.268  -8.243  1.00 10.76 ? 141  GLN A O   1 
ATOM   1149 C  CB  . GLN A 1 141 ? -7.854  -7.662  -8.394  1.00 10.47 ? 141  GLN A CB  1 
ATOM   1150 C  CG  . GLN A 1 141 ? -7.551  -9.089  -8.922  1.00 11.31 ? 141  GLN A CG  1 
ATOM   1151 C  CD  . GLN A 1 141 ? -8.780  -9.877  -9.381  1.00 12.26 ? 141  GLN A CD  1 
ATOM   1152 O  OE1 . GLN A 1 141 ? -8.757  -10.512 -10.437 1.00 13.08 ? 141  GLN A OE1 1 
ATOM   1153 N  NE2 . GLN A 1 141 ? -9.847  -9.844  -8.593  1.00 11.28 ? 141  GLN A NE2 1 
ATOM   1154 N  N   . THR A 1 142 ? -8.043  -4.434  -8.798  1.00 9.98  ? 142  THR A N   1 
ATOM   1155 C  CA  . THR A 1 142 ? -8.338  -3.091  -8.269  1.00 9.65  ? 142  THR A CA  1 
ATOM   1156 C  C   . THR A 1 142 ? -8.044  -2.021  -9.323  1.00 9.73  ? 142  THR A C   1 
ATOM   1157 O  O   . THR A 1 142 ? -7.072  -1.270  -9.190  1.00 9.41  ? 142  THR A O   1 
ATOM   1158 C  CB  . THR A 1 142 ? -7.548  -2.791  -6.965  1.00 9.84  ? 142  THR A CB  1 
ATOM   1159 O  OG1 . THR A 1 142 ? -6.152  -3.057  -7.169  1.00 8.99  ? 142  THR A OG1 1 
ATOM   1160 C  CG2 . THR A 1 142 ? -8.071  -3.652  -5.810  1.00 9.66  ? 142  THR A CG2 1 
ATOM   1161 N  N   . PRO A 1 143 ? -8.867  -1.965  -10.389 1.00 9.83  ? 143  PRO A N   1 
ATOM   1162 C  CA  . PRO A 1 143 ? -8.558  -1.083  -11.513 1.00 9.71  ? 143  PRO A CA  1 
ATOM   1163 C  C   . PRO A 1 143 ? -8.607  0.410   -11.187 1.00 10.03 ? 143  PRO A C   1 
ATOM   1164 O  O   . PRO A 1 143 ? -7.724  1.144   -11.620 1.00 10.09 ? 143  PRO A O   1 
ATOM   1165 C  CB  . PRO A 1 143 ? -9.599  -1.472  -12.579 1.00 9.74  ? 143  PRO A CB  1 
ATOM   1166 C  CG  . PRO A 1 143 ? -10.697 -2.110  -11.840 1.00 9.74  ? 143  PRO A CG  1 
ATOM   1167 C  CD  . PRO A 1 143 ? -10.086 -2.760  -10.632 1.00 9.80  ? 143  PRO A CD  1 
ATOM   1168 N  N   . ASN A 1 144 ? -9.603  0.859   -10.423 1.00 10.06 ? 144  ASN A N   1 
ATOM   1169 C  CA  . ASN A 1 144 ? -9.695  2.292   -10.117 1.00 10.90 ? 144  ASN A CA  1 
ATOM   1170 C  C   . ASN A 1 144 ? -8.502  2.817   -9.311  1.00 10.77 ? 144  ASN A C   1 
ATOM   1171 O  O   . ASN A 1 144 ? -7.929  3.857   -9.643  1.00 10.49 ? 144  ASN A O   1 
ATOM   1172 C  CB  . ASN A 1 144 ? -11.031 2.643   -9.463  1.00 11.33 ? 144  ASN A CB  1 
ATOM   1173 C  CG  . ASN A 1 144 ? -12.188 2.630   -10.467 1.00 13.09 ? 144  ASN A CG  1 
ATOM   1174 O  OD1 . ASN A 1 144 ? -11.985 2.412   -11.660 1.00 15.97 ? 144  ASN A OD1 1 
ATOM   1175 N  ND2 . ASN A 1 144 ? -13.397 2.879   -9.983  1.00 14.60 ? 144  ASN A ND2 1 
ATOM   1176 N  N   . ARG A 1 145 ? -8.116  2.076   -8.278  1.00 10.35 ? 145  ARG A N   1 
ATOM   1177 C  CA  . ARG A 1 145 ? -6.916  2.419   -7.520  1.00 10.54 ? 145  ARG A CA  1 
ATOM   1178 C  C   . ARG A 1 145 ? -5.643  2.307   -8.364  1.00 10.23 ? 145  ARG A C   1 
ATOM   1179 O  O   . ARG A 1 145 ? -4.799  3.210   -8.337  1.00 10.25 ? 145  ARG A O   1 
ATOM   1180 C  CB  . ARG A 1 145 ? -6.802  1.562   -6.268  1.00 10.83 ? 145  ARG A CB  1 
ATOM   1181 C  CG  . ARG A 1 145 ? -5.675  2.026   -5.350  1.00 11.53 ? 145  ARG A CG  1 
ATOM   1182 C  CD  . ARG A 1 145 ? -5.213  0.896   -4.510  1.00 13.32 ? 145  ARG A CD  1 
ATOM   1183 N  NE  . ARG A 1 145 ? -4.130  1.254   -3.599  1.00 11.71 ? 145  ARG A NE  1 
ATOM   1184 C  CZ  . ARG A 1 145 ? -4.078  0.837   -2.338  1.00 12.62 ? 145  ARG A CZ  1 
ATOM   1185 N  NH1 . ARG A 1 145 ? -5.055  0.078   -1.852  1.00 12.71 ? 145  ARG A NH1 1 
ATOM   1186 N  NH2 . ARG A 1 145 ? -3.067  1.184   -1.554  1.00 11.62 ? 145  ARG A NH2 1 
ATOM   1187 N  N   . ALA A 1 146 ? -5.505  1.206   -9.109  1.00 10.06 ? 146  ALA A N   1 
ATOM   1188 C  CA  . ALA A 1 146 ? -4.343  1.010   -9.975  1.00 10.35 ? 146  ALA A CA  1 
ATOM   1189 C  C   . ALA A 1 146 ? -4.209  2.158   -10.969 1.00 10.48 ? 146  ALA A C   1 
ATOM   1190 O  O   . ALA A 1 146 ? -3.109  2.689   -11.167 1.00 10.35 ? 146  ALA A O   1 
ATOM   1191 C  CB  . ALA A 1 146 ? -4.404  -0.333  -10.697 1.00 10.28 ? 146  ALA A CB  1 
ATOM   1192 N  N   . LYS A 1 147 ? -5.336  2.559   -11.557 1.00 10.51 ? 147  LYS A N   1 
ATOM   1193 C  CA  . LYS A 1 147 ? -5.371  3.688   -12.488 1.00 11.20 ? 147  LYS A CA  1 
ATOM   1194 C  C   . LYS A 1 147 ? -4.821  4.974   -11.864 1.00 10.67 ? 147  LYS A C   1 
ATOM   1195 O  O   . LYS A 1 147 ? -4.044  5.687   -12.499 1.00 10.56 ? 147  LYS A O   1 
ATOM   1196 C  CB  . LYS A 1 147 ? -6.784  3.902   -13.038 1.00 10.99 ? 147  LYS A CB  1 
ATOM   1197 C  CG  . LYS A 1 147 ? -7.128  2.958   -14.186 1.00 12.54 ? 147  LYS A CG  1 
ATOM   1198 C  CD  . LYS A 1 147 ? -8.552  3.174   -14.684 1.00 13.74 ? 147  LYS A CD  1 
ATOM   1199 C  CE  . LYS A 1 147 ? -8.983  2.012   -15.567 1.00 17.31 ? 147  LYS A CE  1 
ATOM   1200 N  NZ  . LYS A 1 147 ? -10.379 2.147   -16.060 1.00 19.35 ? 147  LYS A NZ  1 
ATOM   1201 N  N   . ARG A 1 148 ? -5.211  5.255   -10.619 1.00 10.55 ? 148  ARG A N   1 
ATOM   1202 C  CA  . ARG A 1 148 ? -4.683  6.421   -9.895  1.00 10.38 ? 148  ARG A CA  1 
ATOM   1203 C  C   . ARG A 1 148 ? -3.173  6.329   -9.675  1.00 10.12 ? 148  ARG A C   1 
ATOM   1204 O  O   . ARG A 1 148 ? -2.446  7.289   -9.921  1.00 10.24 ? 148  ARG A O   1 
ATOM   1205 C  CB  . ARG A 1 148 ? -5.390  6.598   -8.552  1.00 10.23 ? 148  ARG A CB  1 
ATOM   1206 C  CG  . ARG A 1 148 ? -6.846  7.021   -8.683  1.00 10.17 ? 148  ARG A CG  1 
ATOM   1207 C  CD  . ARG A 1 148 ? -7.383  7.524   -7.358  1.00 9.82  ? 148  ARG A CD  1 
ATOM   1208 N  NE  . ARG A 1 148 ? -7.611  6.447   -6.396  1.00 8.14  ? 148  ARG A NE  1 
ATOM   1209 C  CZ  . ARG A 1 148 ? -8.713  5.700   -6.338  1.00 10.03 ? 148  ARG A CZ  1 
ATOM   1210 N  NH1 . ARG A 1 148 ? -9.713  5.892   -7.196  1.00 10.66 ? 148  ARG A NH1 1 
ATOM   1211 N  NH2 . ARG A 1 148 ? -8.818  4.755   -5.412  1.00 10.27 ? 148  ARG A NH2 1 
ATOM   1212 N  N   . VAL A 1 149 ? -2.715  5.173   -9.212  1.00 9.96  ? 149  VAL A N   1 
ATOM   1213 C  CA  . VAL A 1 149 ? -1.291  4.948   -8.937  1.00 9.78  ? 149  VAL A CA  1 
ATOM   1214 C  C   . VAL A 1 149 ? -0.484  5.027   -10.239 1.00 9.84  ? 149  VAL A C   1 
ATOM   1215 O  O   . VAL A 1 149 ? 0.570   5.653   -10.283 1.00 9.82  ? 149  VAL A O   1 
ATOM   1216 C  CB  . VAL A 1 149 ? -1.067  3.604   -8.187  1.00 9.66  ? 149  VAL A CB  1 
ATOM   1217 C  CG1 . VAL A 1 149 ? 0.428   3.262   -8.072  1.00 9.86  ? 149  VAL A CG1 1 
ATOM   1218 C  CG2 . VAL A 1 149 ? -1.711  3.670   -6.792  1.00 9.27  ? 149  VAL A CG2 1 
ATOM   1219 N  N   . ILE A 1 150 ? -1.009  4.420   -11.299 1.00 10.02 ? 150  ILE A N   1 
ATOM   1220 C  CA  . ILE A 1 150 ? -0.367  4.445   -12.619 1.00 10.34 ? 150  ILE A CA  1 
ATOM   1221 C  C   . ILE A 1 150 ? -0.282  5.870   -13.193 1.00 10.26 ? 150  ILE A C   1 
ATOM   1222 O  O   . ILE A 1 150 ? 0.766   6.273   -13.716 1.00 10.28 ? 150  ILE A O   1 
ATOM   1223 C  CB  . ILE A 1 150 ? -1.051  3.452   -13.602 1.00 10.25 ? 150  ILE A CB  1 
ATOM   1224 C  CG1 . ILE A 1 150 ? -0.754  2.006   -13.177 1.00 10.61 ? 150  ILE A CG1 1 
ATOM   1225 C  CG2 . ILE A 1 150 ? -0.595  3.699   -15.048 1.00 10.89 ? 150  ILE A CG2 1 
ATOM   1226 C  CD1 . ILE A 1 150 ? -1.608  0.952   -13.884 1.00 10.63 ? 150  ILE A CD1 1 
ATOM   1227 N  N   . THR A 1 151 ? -1.370  6.631   -13.081 1.00 10.46 ? 151  THR A N   1 
ATOM   1228 C  CA  . THR A 1 151 ? -1.370  8.038   -13.507 1.00 10.88 ? 151  THR A CA  1 
ATOM   1229 C  C   . THR A 1 151 ? -0.281  8.824   -12.773 1.00 10.59 ? 151  THR A C   1 
ATOM   1230 O  O   . THR A 1 151 ? 0.397   9.668   -13.368 1.00 10.61 ? 151  THR A O   1 
ATOM   1231 C  CB  . THR A 1 151 ? -2.754  8.683   -13.308 1.00 10.97 ? 151  THR A CB  1 
ATOM   1232 O  OG1 . THR A 1 151 ? -3.662  8.120   -14.267 1.00 12.08 ? 151  THR A OG1 1 
ATOM   1233 C  CG2 . THR A 1 151 ? -2.717  10.217  -13.487 1.00 11.25 ? 151  THR A CG2 1 
ATOM   1234 N  N   . THR A 1 152 ? -0.115  8.527   -11.487 1.00 10.52 ? 152  THR A N   1 
ATOM   1235 C  CA  . THR A 1 152 ? 0.921   9.157   -10.669 1.00 10.32 ? 152  THR A CA  1 
ATOM   1236 C  C   . THR A 1 152 ? 2.327   8.825   -11.214 1.00 10.35 ? 152  THR A C   1 
ATOM   1237 O  O   . THR A 1 152 ? 3.163   9.719   -11.351 1.00 10.25 ? 152  THR A O   1 
ATOM   1238 C  CB  . THR A 1 152 ? 0.762   8.784   -9.166  1.00 10.43 ? 152  THR A CB  1 
ATOM   1239 O  OG1 . THR A 1 152 ? -0.606  8.966   -8.774  1.00 10.30 ? 152  THR A OG1 1 
ATOM   1240 C  CG2 . THR A 1 152 ? 1.659   9.657   -8.277  1.00 10.34 ? 152  THR A CG2 1 
ATOM   1241 N  N   . PHE A 1 153 ? 2.565   7.556   -11.562 1.00 10.29 ? 153  PHE A N   1 
ATOM   1242 C  CA  . PHE A 1 153 ? 3.827   7.154   -12.189 1.00 10.56 ? 153  PHE A CA  1 
ATOM   1243 C  C   . PHE A 1 153 ? 4.003   7.753   -13.578 1.00 10.98 ? 153  PHE A C   1 
ATOM   1244 O  O   . PHE A 1 153 ? 5.120   8.084   -13.974 1.00 10.68 ? 153  PHE A O   1 
ATOM   1245 C  CB  . PHE A 1 153 ? 3.927   5.630   -12.327 1.00 10.59 ? 153  PHE A CB  1 
ATOM   1246 C  CG  . PHE A 1 153 ? 4.409   4.918   -11.092 1.00 10.52 ? 153  PHE A CG  1 
ATOM   1247 C  CD1 . PHE A 1 153 ? 5.630   5.247   -10.498 1.00 11.10 ? 153  PHE A CD1 1 
ATOM   1248 C  CD2 . PHE A 1 153 ? 3.671   3.861   -10.564 1.00 10.55 ? 153  PHE A CD2 1 
ATOM   1249 C  CE1 . PHE A 1 153 ? 6.078   4.561   -9.374  1.00 11.48 ? 153  PHE A CE1 1 
ATOM   1250 C  CE2 . PHE A 1 153 ? 4.107   3.169   -9.432  1.00 11.62 ? 153  PHE A CE2 1 
ATOM   1251 C  CZ  . PHE A 1 153 ? 5.314   3.518   -8.837  1.00 11.21 ? 153  PHE A CZ  1 
ATOM   1252 N  N   . ARG A 1 154 ? 2.909   7.858   -14.330 1.00 11.09 ? 154  ARG A N   1 
ATOM   1253 C  CA  . ARG A 1 154 ? 2.980   8.359   -15.704 1.00 11.91 ? 154  ARG A CA  1 
ATOM   1254 C  C   . ARG A 1 154 ? 3.335   9.849   -15.750 1.00 11.79 ? 154  ARG A C   1 
ATOM   1255 O  O   . ARG A 1 154 ? 4.196   10.252  -16.540 1.00 11.24 ? 154  ARG A O   1 
ATOM   1256 C  CB  . ARG A 1 154 ? 1.677   8.091   -16.466 1.00 12.05 ? 154  ARG A CB  1 
ATOM   1257 C  CG  . ARG A 1 154 ? 1.756   8.422   -17.956 1.00 12.80 ? 154  ARG A CG  1 
ATOM   1258 C  CD  . ARG A 1 154 ? 0.446   8.151   -18.693 1.00 13.83 ? 154  ARG A CD  1 
ATOM   1259 N  NE  . ARG A 1 154 ? -0.710  8.828   -18.100 1.00 18.37 ? 154  ARG A NE  1 
ATOM   1260 C  CZ  . ARG A 1 154 ? -1.048  10.102  -18.318 1.00 20.49 ? 154  ARG A CZ  1 
ATOM   1261 N  NH1 . ARG A 1 154 ? -0.316  10.877  -19.110 1.00 21.74 ? 154  ARG A NH1 1 
ATOM   1262 N  NH2 . ARG A 1 154 ? -2.121  10.610  -17.729 1.00 21.86 ? 154  ARG A NH2 1 
ATOM   1263 N  N   . THR A 1 155 ? 2.690   10.635  -14.879 1.00 11.76 ? 155  THR A N   1 
ATOM   1264 C  CA  . THR A 1 155 ? 2.743   12.107  -14.925 1.00 11.85 ? 155  THR A CA  1 
ATOM   1265 C  C   . THR A 1 155 ? 3.690   12.752  -13.916 1.00 11.90 ? 155  THR A C   1 
ATOM   1266 O  O   . THR A 1 155 ? 4.171   13.871  -14.140 1.00 12.26 ? 155  THR A O   1 
ATOM   1267 C  CB  . THR A 1 155 ? 1.346   12.743  -14.695 1.00 11.81 ? 155  THR A CB  1 
ATOM   1268 O  OG1 . THR A 1 155 ? 0.885   12.436  -13.367 1.00 11.74 ? 155  THR A OG1 1 
ATOM   1269 C  CG2 . THR A 1 155 ? 0.335   12.258  -15.734 1.00 12.21 ? 155  THR A CG2 1 
ATOM   1270 N  N   . GLY A 1 156 ? 3.933   12.068  -12.799 1.00 11.69 ? 156  GLY A N   1 
ATOM   1271 C  CA  . GLY A 1 156 ? 4.693   12.645  -11.699 1.00 11.63 ? 156  GLY A CA  1 
ATOM   1272 C  C   . GLY A 1 156 ? 3.940   13.804  -11.056 1.00 11.60 ? 156  GLY A C   1 
ATOM   1273 O  O   . GLY A 1 156 ? 4.550   14.692  -10.454 1.00 11.36 ? 156  GLY A O   1 
ATOM   1274 N  N   . THR A 1 157 ? 2.612   13.789  -11.199 1.00 11.48 ? 157  THR A N   1 
ATOM   1275 C  CA  . THR A 1 157 ? 1.727   14.777  -10.573 1.00 11.64 ? 157  THR A CA  1 
ATOM   1276 C  C   . THR A 1 157 ? 0.729   14.081  -9.651  1.00 11.78 ? 157  THR A C   1 
ATOM   1277 O  O   . THR A 1 157 ? 0.612   12.851  -9.654  1.00 11.38 ? 157  THR A O   1 
ATOM   1278 C  CB  . THR A 1 157 ? 0.908   15.585  -11.610 1.00 11.83 ? 157  THR A CB  1 
ATOM   1279 O  OG1 . THR A 1 157 ? -0.149  14.765  -12.138 1.00 11.22 ? 157  THR A OG1 1 
ATOM   1280 C  CG2 . THR A 1 157 ? 1.791   16.117  -12.748 1.00 12.56 ? 157  THR A CG2 1 
ATOM   1281 N  N   . TRP A 1 158 ? 0.009   14.885  -8.875  1.00 12.10 ? 158  TRP A N   1 
ATOM   1282 C  CA  . TRP A 1 158 ? -1.059  14.389  -8.004  1.00 12.70 ? 158  TRP A CA  1 
ATOM   1283 C  C   . TRP A 1 158 ? -2.447  14.507  -8.649  1.00 12.87 ? 158  TRP A C   1 
ATOM   1284 O  O   . TRP A 1 158 ? -3.464  14.466  -7.953  1.00 12.73 ? 158  TRP A O   1 
ATOM   1285 C  CB  . TRP A 1 158 ? -1.046  15.157  -6.683  1.00 12.77 ? 158  TRP A CB  1 
ATOM   1286 C  CG  . TRP A 1 158 ? 0.131   14.866  -5.811  1.00 13.31 ? 158  TRP A CG  1 
ATOM   1287 C  CD1 . TRP A 1 158 ? 1.134   15.727  -5.470  1.00 14.14 ? 158  TRP A CD1 1 
ATOM   1288 C  CD2 . TRP A 1 158 ? 0.422   13.627  -5.156  1.00 13.51 ? 158  TRP A CD2 1 
ATOM   1289 N  NE1 . TRP A 1 158 ? 2.037   15.100  -4.638  1.00 14.25 ? 158  TRP A NE1 1 
ATOM   1290 C  CE2 . TRP A 1 158 ? 1.620   13.810  -4.428  1.00 13.86 ? 158  TRP A CE2 1 
ATOM   1291 C  CE3 . TRP A 1 158 ? -0.217  12.377  -5.109  1.00 13.32 ? 158  TRP A CE3 1 
ATOM   1292 C  CZ2 . TRP A 1 158 ? 2.194   12.790  -3.662  1.00 13.78 ? 158  TRP A CZ2 1 
ATOM   1293 C  CZ3 . TRP A 1 158 ? 0.351   11.365  -4.342  1.00 14.29 ? 158  TRP A CZ3 1 
ATOM   1294 C  CH2 . TRP A 1 158 ? 1.548   11.580  -3.631  1.00 13.41 ? 158  TRP A CH2 1 
ATOM   1295 N  N   . ASP A 1 159 ? -2.488  14.644  -9.973  1.00 13.46 ? 159  ASP A N   1 
ATOM   1296 C  CA  . ASP A 1 159 ? -3.750  14.893  -10.684 1.00 13.76 ? 159  ASP A CA  1 
ATOM   1297 C  C   . ASP A 1 159 ? -4.840  13.843  -10.413 1.00 13.53 ? 159  ASP A C   1 
ATOM   1298 O  O   . ASP A 1 159 ? -6.026  14.171  -10.394 1.00 13.38 ? 159  ASP A O   1 
ATOM   1299 C  CB  . ASP A 1 159 ? -3.510  15.048  -12.192 1.00 14.35 ? 159  ASP A CB  1 
ATOM   1300 C  CG  . ASP A 1 159 ? -2.814  16.367  -12.557 1.00 15.82 ? 159  ASP A CG  1 
ATOM   1301 O  OD1 . ASP A 1 159 ? -2.548  17.208  -11.668 1.00 17.87 ? 159  ASP A OD1 1 
ATOM   1302 O  OD2 . ASP A 1 159 ? -2.538  16.561  -13.754 1.00 19.16 ? 159  ASP A OD2 1 
ATOM   1303 N  N   . ALA A 1 160 ? -4.442  12.594  -10.193 1.00 13.50 ? 160  ALA A N   1 
ATOM   1304 C  CA  . ALA A 1 160 ? -5.403  11.505  -9.982  1.00 13.96 ? 160  ALA A CA  1 
ATOM   1305 C  C   . ALA A 1 160 ? -6.048  11.533  -8.588  1.00 14.65 ? 160  ALA A C   1 
ATOM   1306 O  O   . ALA A 1 160 ? -7.032  10.826  -8.348  1.00 14.31 ? 160  ALA A O   1 
ATOM   1307 C  CB  . ALA A 1 160 ? -4.748  10.137  -10.252 1.00 13.59 ? 160  ALA A CB  1 
ATOM   1308 N  N   . TYR A 1 161 ? -5.500  12.367  -7.698  1.00 15.62 ? 161  TYR A N   1 
ATOM   1309 C  CA  . TYR A 1 161 ? -5.925  12.458  -6.292  1.00 17.51 ? 161  TYR A CA  1 
ATOM   1310 C  C   . TYR A 1 161 ? -6.380  13.844  -5.847  1.00 19.94 ? 161  TYR A C   1 
ATOM   1311 O  O   . TYR A 1 161 ? -7.124  13.969  -4.876  1.00 20.17 ? 161  TYR A O   1 
ATOM   1312 C  CB  . TYR A 1 161 ? -4.779  12.053  -5.370  1.00 16.10 ? 161  TYR A CB  1 
ATOM   1313 C  CG  . TYR A 1 161 ? -4.440  10.592  -5.424  1.00 14.36 ? 161  TYR A CG  1 
ATOM   1314 C  CD1 . TYR A 1 161 ? -3.491  10.118  -6.324  1.00 13.02 ? 161  TYR A CD1 1 
ATOM   1315 C  CD2 . TYR A 1 161 ? -5.074  9.680   -4.577  1.00 12.29 ? 161  TYR A CD2 1 
ATOM   1316 C  CE1 . TYR A 1 161 ? -3.178  8.772   -6.387  1.00 12.67 ? 161  TYR A CE1 1 
ATOM   1317 C  CE2 . TYR A 1 161 ? -4.763  8.320   -4.627  1.00 12.65 ? 161  TYR A CE2 1 
ATOM   1318 C  CZ  . TYR A 1 161 ? -3.810  7.878   -5.537  1.00 12.85 ? 161  TYR A CZ  1 
ATOM   1319 O  OH  . TYR A 1 161 ? -3.482  6.547   -5.602  1.00 12.81 ? 161  TYR A OH  1 
ATOM   1320 N  N   . LYS A 1 162 ? -5.897  14.882  -6.528  1.00 23.18 ? 162  LYS A N   1 
ATOM   1321 C  CA  . LYS A 1 162 ? -6.103  16.269  -6.090  1.00 26.25 ? 162  LYS A CA  1 
ATOM   1322 C  C   . LYS A 1 162 ? -7.587  16.621  -5.939  1.00 27.78 ? 162  LYS A C   1 
ATOM   1323 O  O   . LYS A 1 162 ? -7.959  17.497  -5.141  1.00 28.47 ? 162  LYS A O   1 
ATOM   1324 C  CB  . LYS A 1 162 ? -5.428  17.240  -7.063  1.00 26.35 ? 162  LYS A CB  1 
ATOM   1325 C  CG  . LYS A 1 162 ? -5.072  18.576  -6.440  1.00 28.51 ? 162  LYS A CG  1 
ATOM   1326 C  CD  . LYS A 1 162 ? -5.196  19.714  -7.437  1.00 30.77 ? 162  LYS A CD  1 
ATOM   1327 C  CE  . LYS A 1 162 ? -5.354  21.046  -6.709  1.00 32.13 ? 162  LYS A CE  1 
ATOM   1328 N  NZ  . LYS A 1 162 ? -6.501  21.009  -5.747  1.00 33.36 ? 162  LYS A NZ  1 
ATOM   1329 N  N   . ASN A 1 163 ? -8.419  15.920  -6.707  1.00 29.59 ? 163  ASN A N   1 
ATOM   1330 C  CA  . ASN A 1 163 ? -9.865  16.111  -6.713  1.00 31.09 ? 163  ASN A CA  1 
ATOM   1331 C  C   . ASN A 1 163 ? -10.615 15.293  -5.649  1.00 31.65 ? 163  ASN A C   1 
ATOM   1332 O  O   . ASN A 1 163 ? -11.827 15.456  -5.471  1.00 32.14 ? 163  ASN A O   1 
ATOM   1333 C  CB  . ASN A 1 163 ? -10.402 15.766  -8.106  1.00 31.57 ? 163  ASN A CB  1 
ATOM   1334 C  CG  . ASN A 1 163 ? -11.806 16.290  -8.341  1.00 33.02 ? 163  ASN A CG  1 
ATOM   1335 O  OD1 . ASN A 1 163 ? -12.187 17.343  -7.818  1.00 35.14 ? 163  ASN A OD1 1 
ATOM   1336 N  ND2 . ASN A 1 163 ? -12.584 15.560  -9.138  1.00 34.30 ? 163  ASN A ND2 1 
ATOM   1337 N  N   . LEU A 1 164 ? -9.897  14.422  -4.943  1.00 32.06 ? 164  LEU A N   1 
ATOM   1338 C  CA  . LEU A 1 164 ? -10.526 13.480  -4.017  1.00 32.19 ? 164  LEU A CA  1 
ATOM   1339 C  C   . LEU A 1 164 ? -10.262 13.855  -2.560  1.00 32.46 ? 164  LEU A C   1 
ATOM   1340 O  O   . LEU A 1 164 ? -10.693 13.152  -1.641  1.00 32.68 ? 164  LEU A O   1 
ATOM   1341 C  CB  . LEU A 1 164 ? -10.054 12.043  -4.294  1.00 32.24 ? 164  LEU A CB  1 
ATOM   1342 C  CG  . LEU A 1 164 ? -9.869  11.539  -5.735  1.00 32.06 ? 164  LEU A CG  1 
ATOM   1343 C  CD1 . LEU A 1 164 ? -9.414  10.092  -5.719  1.00 31.22 ? 164  LEU A CD1 1 
ATOM   1344 C  CD2 . LEU A 1 164 ? -11.137 11.686  -6.573  1.00 32.73 ? 164  LEU A CD2 1 
HETATM 1345 P  P   . PO4 B 2 .   ? 7.778   6.850   -23.162 1.00 20.41 ? 901  PO4 A P   1 
HETATM 1346 O  O1  . PO4 B 2 .   ? 9.261   7.160   -23.043 1.00 17.98 ? 901  PO4 A O1  1 
HETATM 1347 O  O2  . PO4 B 2 .   ? 6.950   7.747   -22.275 1.00 17.51 ? 901  PO4 A O2  1 
HETATM 1348 O  O3  . PO4 B 2 .   ? 7.543   5.424   -22.695 1.00 17.62 ? 901  PO4 A O3  1 
HETATM 1349 O  O4  . PO4 B 2 .   ? 7.375   7.022   -24.619 1.00 18.08 ? 901  PO4 A O4  1 
HETATM 1350 P  P   . PO4 C 2 .   ? -13.375 4.575   -6.768  1.00 34.98 ? 902  PO4 A P   1 
HETATM 1351 O  O1  . PO4 C 2 .   ? -12.050 4.343   -6.088  1.00 35.06 ? 902  PO4 A O1  1 
HETATM 1352 O  O2  . PO4 C 2 .   ? -13.199 5.595   -7.866  1.00 35.38 ? 902  PO4 A O2  1 
HETATM 1353 O  O3  . PO4 C 2 .   ? -14.380 5.089   -5.761  1.00 35.58 ? 902  PO4 A O3  1 
HETATM 1354 O  O4  . PO4 C 2 .   ? -13.890 3.279   -7.347  1.00 34.61 ? 902  PO4 A O4  1 
HETATM 1355 F  F6  A BBF D 3 .   ? 8.222   1.928   -8.556  0.29 19.26 ? 900  BBF A F6  1 
HETATM 1356 F  F6  B BBF D 3 .   ? 6.744   -0.061  -9.499  0.24 24.06 ? 900  BBF A F6  1 
HETATM 1357 F  F6  C BBF D 3 .   ? 8.927   -0.421  -4.709  0.31 21.18 ? 900  BBF A F6  1 
HETATM 1358 C  C6  A BBF D 3 .   ? 8.518   1.202   -7.464  0.29 19.25 ? 900  BBF A C6  1 
HETATM 1359 C  C6  B BBF D 3 .   ? 7.420   -0.128  -8.338  0.24 24.07 ? 900  BBF A C6  1 
HETATM 1360 C  C6  C BBF D 3 .   ? 8.334   -0.337  -5.913  0.31 20.89 ? 900  BBF A C6  1 
HETATM 1361 C  C1  A BBF D 3 .   ? 7.580   0.329   -6.934  0.29 19.36 ? 900  BBF A C1  1 
HETATM 1362 C  C1  B BBF D 3 .   ? 7.203   -1.195  -7.480  0.24 24.10 ? 900  BBF A C1  1 
HETATM 1363 C  C1  C BBF D 3 .   ? 8.858   0.500   -6.883  0.31 20.99 ? 900  BBF A C1  1 
HETATM 1364 BR BR1 A BBF D 3 .   ? 5.884   0.144   -7.729  0.29 19.10 ? 900  BBF A BR1 1 
HETATM 1365 BR BR1 B BBF D 3 .   ? 5.963   -2.542  -7.944  0.24 24.08 ? 900  BBF A BR1 1 
HETATM 1366 BR BR1 C BBF D 3 .   ? 10.405  1.507   -6.502  0.31 20.84 ? 900  BBF A BR1 1 
HETATM 1367 C  C5  A BBF D 3 .   ? 9.759   1.325   -6.856  0.29 19.25 ? 900  BBF A C5  1 
HETATM 1368 C  C5  B BBF D 3 .   ? 8.335   0.860   -7.994  0.24 24.09 ? 900  BBF A C5  1 
HETATM 1369 C  C5  C BBF D 3 .   ? 7.198   -1.078  -6.194  0.31 20.92 ? 900  BBF A C5  1 
HETATM 1370 F  F5  A BBF D 3 .   ? 10.674  2.173   -7.356  0.29 19.16 ? 900  BBF A F5  1 
HETATM 1371 F  F5  B BBF D 3 .   ? 8.557   1.898   -8.817  0.24 24.08 ? 900  BBF A F5  1 
HETATM 1372 F  F5  C BBF D 3 .   ? 6.678   -1.892  -5.265  0.31 20.60 ? 900  BBF A F5  1 
HETATM 1373 C  C4  A BBF D 3 .   ? 10.053  0.576   -5.727  0.29 19.19 ? 900  BBF A C4  1 
HETATM 1374 C  C4  B BBF D 3 .   ? 9.029   0.775   -6.796  0.24 24.15 ? 900  BBF A C4  1 
HETATM 1375 C  C4  C BBF D 3 .   ? 6.596   -0.979  -7.439  0.31 20.94 ? 900  BBF A C4  1 
HETATM 1376 F  F4  A BBF D 3 .   ? 11.254  0.693   -5.140  0.29 19.48 ? 900  BBF A F4  1 
HETATM 1377 F  F4  B BBF D 3 .   ? 9.916   1.730   -6.462  0.24 24.17 ? 900  BBF A F4  1 
HETATM 1378 F  F4  C BBF D 3 .   ? 5.497   -1.698  -7.709  0.31 21.20 ? 900  BBF A F4  1 
HETATM 1379 C  C3  A BBF D 3 .   ? 9.108   -0.296  -5.205  0.29 19.34 ? 900  BBF A C3  1 
HETATM 1380 C  C3  B BBF D 3 .   ? 8.808   -0.290  -5.937  0.24 24.11 ? 900  BBF A C3  1 
HETATM 1381 C  C3  C BBF D 3 .   ? 7.121   -0.143  -8.410  0.31 20.93 ? 900  BBF A C3  1 
HETATM 1382 F  F3  A BBF D 3 .   ? 9.380   -1.024  -4.113  0.29 19.39 ? 900  BBF A F3  1 
HETATM 1383 F  F3  B BBF D 3 .   ? 9.485   -0.358  -4.776  0.24 24.13 ? 900  BBF A F3  1 
HETATM 1384 F  F3  C BBF D 3 .   ? 6.524   -0.062  -9.612  0.31 20.77 ? 900  BBF A F3  1 
HETATM 1385 C  C2  A BBF D 3 .   ? 7.870   -0.420  -5.809  0.29 19.27 ? 900  BBF A C2  1 
HETATM 1386 C  C2  B BBF D 3 .   ? 7.894   -1.278  -6.281  0.24 24.08 ? 900  BBF A C2  1 
HETATM 1387 C  C2  C BBF D 3 .   ? 8.255   0.602   -8.127  0.31 20.86 ? 900  BBF A C2  1 
HETATM 1388 F  F2  A BBF D 3 .   ? 6.951   -1.268  -5.312  0.29 19.24 ? 900  BBF A F2  1 
HETATM 1389 F  F2  B BBF D 3 .   ? 7.669   -2.316  -5.458  0.24 24.13 ? 900  BBF A F2  1 
HETATM 1390 F  F2  C BBF D 3 .   ? 8.784   1.417   -9.054  0.31 20.96 ? 900  BBF A F2  1 
HETATM 1391 C  C1  . HED E 4 .   ? 7.269   10.520  -0.989  1.00 58.18 ? 904  HED A C1  1 
HETATM 1392 O  O1  . HED E 4 .   ? 8.645   10.370  -1.247  1.00 58.31 ? 904  HED A O1  1 
HETATM 1393 C  C2  . HED E 4 .   ? 6.887   9.684   0.222   1.00 58.71 ? 904  HED A C2  1 
HETATM 1394 S  S3  . HED E 4 .   ? 7.522   10.357  1.776   1.00 58.93 ? 904  HED A S3  1 
HETATM 1395 S  S4  . HED E 4 .   ? 8.563   8.789   2.559   1.00 59.77 ? 904  HED A S4  1 
HETATM 1396 C  C5  . HED E 4 .   ? 9.962   9.542   3.425   1.00 59.29 ? 904  HED A C5  1 
HETATM 1397 C  C6  . HED E 4 .   ? 9.572   10.806  4.180   1.00 59.38 ? 904  HED A C6  1 
HETATM 1398 O  O6  . HED E 4 .   ? 8.391   10.592  4.923   1.00 59.18 ? 904  HED A O6  1 
HETATM 1399 C  C1  . HED F 4 .   ? 0.615   -5.079  7.886   1.00 45.42 ? 905  HED A C1  1 
HETATM 1400 O  O1  . HED F 4 .   ? -0.203  -6.151  8.284   1.00 45.35 ? 905  HED A O1  1 
HETATM 1401 C  C2  . HED F 4 .   ? -0.249  -3.857  7.635   1.00 45.57 ? 905  HED A C2  1 
HETATM 1402 S  S3  . HED F 4 .   ? -0.696  -3.716  5.893   1.00 45.32 ? 905  HED A S3  1 
HETATM 1403 S  S4  . HED F 4 .   ? 0.728   -2.480  5.098   1.00 46.48 ? 905  HED A S4  1 
HETATM 1404 C  C5  . HED F 4 .   ? 2.343   -3.180  5.529   1.00 46.13 ? 905  HED A C5  1 
HETATM 1405 C  C6  . HED F 4 .   ? 3.503   -2.400  4.920   1.00 45.99 ? 905  HED A C6  1 
HETATM 1406 O  O6  . HED F 4 .   ? 4.162   -3.208  3.967   1.00 46.10 ? 905  HED A O6  1 
HETATM 1407 O  O   . HOH G 5 .   ? -6.879  -2.811  2.823   1.00 16.03 ? 906  HOH A O   1 
HETATM 1408 O  O   . HOH G 5 .   ? -11.891 -0.475  -8.969  1.00 8.54  ? 907  HOH A O   1 
HETATM 1409 O  O   . HOH G 5 .   ? -14.313 -7.896  1.223   1.00 15.44 ? 908  HOH A O   1 
HETATM 1410 O  O   . HOH G 5 .   ? -12.412 -6.328  -8.061  1.00 10.83 ? 909  HOH A O   1 
HETATM 1411 O  O   . HOH G 5 .   ? 4.570   11.742  0.078   1.00 13.08 ? 910  HOH A O   1 
HETATM 1412 O  O   . HOH G 5 .   ? 1.521   -1.323  12.391  1.00 12.96 ? 911  HOH A O   1 
HETATM 1413 O  O   . HOH G 5 .   ? -3.450  -3.808  3.443   0.50 18.61 ? 912  HOH A O   1 
HETATM 1414 O  O   . HOH G 5 .   ? -9.048  -0.765  2.686   1.00 12.06 ? 913  HOH A O   1 
HETATM 1415 O  O   . HOH G 5 .   ? 2.787   5.581   14.644  1.00 13.92 ? 914  HOH A O   1 
HETATM 1416 O  O   . HOH G 5 .   ? -14.194 -16.153 8.485   1.00 10.50 ? 915  HOH A O   1 
HETATM 1417 O  O   . HOH G 5 .   ? 0.566   17.654  -8.704  1.00 14.07 ? 916  HOH A O   1 
HETATM 1418 O  O   . HOH G 5 .   ? -9.647  -0.125  -7.237  1.00 10.16 ? 917  HOH A O   1 
HETATM 1419 O  O   . HOH G 5 .   ? 6.973   13.398  -16.651 1.00 13.55 ? 918  HOH A O   1 
HETATM 1420 O  O   . HOH G 5 .   ? -0.729  17.981  1.394   1.00 17.26 ? 919  HOH A O   1 
HETATM 1421 O  O   . HOH G 5 .   ? -0.067  18.694  -3.477  1.00 16.84 ? 920  HOH A O   1 
HETATM 1422 O  O   . HOH G 5 .   ? 13.144  6.781   -12.554 1.00 11.96 ? 921  HOH A O   1 
HETATM 1423 O  O   . HOH G 5 .   ? -9.273  5.716   -11.201 1.00 11.38 ? 922  HOH A O   1 
HETATM 1424 O  O   . HOH G 5 .   ? -13.576 0.674   -6.975  1.00 13.14 ? 923  HOH A O   1 
HETATM 1425 O  O   . HOH G 5 .   ? -1.179  15.784  5.216   1.00 10.33 ? 924  HOH A O   1 
HETATM 1426 O  O   . HOH G 5 .   ? -10.181 7.732   -9.301  1.00 15.26 ? 925  HOH A O   1 
HETATM 1427 O  O   . HOH G 5 .   ? -0.673  8.835   14.021  1.00 22.80 ? 926  HOH A O   1 
HETATM 1428 O  O   . HOH G 5 .   ? 2.135   -2.451  16.155  1.00 11.79 ? 927  HOH A O   1 
HETATM 1429 O  O   . HOH G 5 .   ? -11.703 -1.773  21.962  1.00 14.76 ? 928  HOH A O   1 
HETATM 1430 O  O   . HOH G 5 .   ? -16.275 0.394   11.053  1.00 28.81 ? 929  HOH A O   1 
HETATM 1431 O  O   . HOH G 5 .   ? -10.583 -9.416  -5.936  1.00 18.90 ? 930  HOH A O   1 
HETATM 1432 O  O   . HOH G 5 .   ? -10.549 -7.517  -15.297 1.00 14.85 ? 931  HOH A O   1 
HETATM 1433 O  O   . HOH G 5 .   ? -4.520  1.769   10.334  1.00 8.28  ? 932  HOH A O   1 
HETATM 1434 O  O   . HOH G 5 .   ? -4.603  -7.770  0.904   1.00 23.89 ? 933  HOH A O   1 
HETATM 1435 O  O   . HOH G 5 .   ? -2.482  1.128   8.388   1.00 9.76  ? 934  HOH A O   1 
HETATM 1436 O  O   . HOH G 5 .   ? 4.756   17.339  -9.431  1.00 12.32 ? 935  HOH A O   1 
HETATM 1437 O  O   . HOH G 5 .   ? -1.880  2.060   -18.162 1.00 17.18 ? 936  HOH A O   1 
HETATM 1438 O  O   . HOH G 5 .   ? -12.948 -4.120  1.464   1.00 17.95 ? 937  HOH A O   1 
HETATM 1439 O  O   . HOH G 5 .   ? -9.982  -11.813 -4.635  1.00 23.70 ? 938  HOH A O   1 
HETATM 1440 O  O   . HOH G 5 .   ? 1.829   17.727  2.540   1.00 14.92 ? 939  HOH A O   1 
HETATM 1441 O  O   . HOH G 5 .   ? 10.166  -6.661  -7.032  1.00 31.73 ? 940  HOH A O   1 
HETATM 1442 O  O   . HOH G 5 .   ? -6.060  2.172   -17.791 1.00 21.28 ? 941  HOH A O   1 
HETATM 1443 O  O   . HOH G 5 .   ? -3.856  2.727   22.625  1.00 14.74 ? 942  HOH A O   1 
HETATM 1444 O  O   . HOH G 5 .   ? -8.730  8.471   21.365  1.00 32.96 ? 943  HOH A O   1 
HETATM 1445 O  O   . HOH G 5 .   ? 2.656   -5.984  21.510  1.00 11.70 ? 944  HOH A O   1 
HETATM 1446 O  O   . HOH G 5 .   ? -2.261  -5.634  1.960   1.00 33.92 ? 945  HOH A O   1 
HETATM 1447 O  O   . HOH G 5 .   ? -6.535  9.515   9.165   1.00 23.17 ? 946  HOH A O   1 
HETATM 1448 O  O   . HOH G 5 .   ? -9.044  8.737   18.678  1.00 15.97 ? 947  HOH A O   1 
HETATM 1449 O  O   . HOH G 5 .   ? -1.757  -2.040  -20.704 1.00 15.15 ? 948  HOH A O   1 
HETATM 1450 O  O   . HOH G 5 .   ? -7.488  -1.104  -2.889  1.00 19.11 ? 949  HOH A O   1 
HETATM 1451 O  O   . HOH G 5 .   ? 5.020   12.126  -18.218 1.00 16.96 ? 950  HOH A O   1 
HETATM 1452 O  O   . HOH G 5 .   ? -8.926  -13.742 19.787  1.00 24.19 ? 951  HOH A O   1 
HETATM 1453 O  O   . HOH G 5 .   ? 9.660   -3.371  6.631   1.00 27.55 ? 952  HOH A O   1 
HETATM 1454 O  O   . HOH G 5 .   ? -8.735  9.918   -10.153 1.00 17.06 ? 953  HOH A O   1 
HETATM 1455 O  O   . HOH G 5 .   ? 0.634   5.054   -21.014 1.00 17.95 ? 954  HOH A O   1 
HETATM 1456 O  O   . HOH G 5 .   ? -15.539 2.909   11.319  1.00 21.82 ? 955  HOH A O   1 
HETATM 1457 O  O   . HOH G 5 .   ? -13.862 3.408   17.884  1.00 22.36 ? 956  HOH A O   1 
HETATM 1458 O  O   . HOH G 5 .   ? -6.666  11.659  15.216  1.00 28.79 ? 957  HOH A O   1 
HETATM 1459 O  O   . HOH G 5 .   ? -1.173  0.368   -5.083  1.00 11.75 ? 958  HOH A O   1 
HETATM 1460 O  O   . HOH G 5 .   ? -11.866 1.282   20.995  1.00 21.11 ? 959  HOH A O   1 
HETATM 1461 O  O   . HOH G 5 .   ? -9.004  2.253   -3.418  1.00 14.22 ? 960  HOH A O   1 
HETATM 1462 O  O   . HOH G 5 .   ? -1.742  11.484  -9.754  1.00 11.05 ? 961  HOH A O   1 
HETATM 1463 O  O   . HOH G 5 .   ? -14.680 -10.631 1.357   1.00 12.49 ? 962  HOH A O   1 
HETATM 1464 O  O   . HOH G 5 .   ? -6.711  11.999  2.172   1.00 11.01 ? 963  HOH A O   1 
HETATM 1465 O  O   . HOH G 5 .   ? -1.731  8.214   16.385  1.00 16.35 ? 964  HOH A O   1 
HETATM 1466 O  O   . HOH G 5 .   ? 14.405  12.480  -6.479  1.00 11.02 ? 965  HOH A O   1 
HETATM 1467 O  O   . HOH G 5 .   ? 1.986   -3.750  13.785  1.00 20.48 ? 966  HOH A O   1 
HETATM 1468 O  O   . HOH G 5 .   ? 3.388   0.441   18.455  1.00 15.40 ? 967  HOH A O   1 
HETATM 1469 O  O   . HOH G 5 .   ? 5.071   -0.931  -22.270 1.00 15.30 ? 968  HOH A O   1 
HETATM 1470 O  O   . HOH G 5 .   ? 0.743   0.123   18.543  1.00 16.26 ? 969  HOH A O   1 
HETATM 1471 O  O   . HOH G 5 .   ? -4.102  -2.811  0.873   1.00 16.82 ? 970  HOH A O   1 
HETATM 1472 O  O   . HOH G 5 .   ? -8.096  -12.966 6.887   1.00 14.21 ? 971  HOH A O   1 
HETATM 1473 O  O   . HOH G 5 .   ? -1.554  4.488   -19.274 1.00 16.34 ? 972  HOH A O   1 
HETATM 1474 O  O   . HOH G 5 .   ? -10.664 2.558   23.264  1.00 17.37 ? 973  HOH A O   1 
HETATM 1475 O  O   . HOH G 5 .   ? -11.113 -7.456  -17.910 1.00 19.47 ? 974  HOH A O   1 
HETATM 1476 O  O   . HOH G 5 .   ? 4.335   4.349   16.527  1.00 17.51 ? 975  HOH A O   1 
HETATM 1477 O  O   . HOH G 5 .   ? -3.887  2.755   -16.275 1.00 17.81 ? 976  HOH A O   1 
HETATM 1478 O  O   . HOH G 5 .   ? 13.150  -5.607  2.072   1.00 20.53 ? 977  HOH A O   1 
HETATM 1479 O  O   . HOH G 5 .   ? -0.232  18.160  6.223   1.00 20.24 ? 978  HOH A O   1 
HETATM 1480 O  O   . HOH G 5 .   ? -14.080 2.537   20.409  1.00 20.60 ? 979  HOH A O   1 
HETATM 1481 O  O   . HOH G 5 .   ? -8.007  3.103   23.328  1.00 15.92 ? 980  HOH A O   1 
HETATM 1482 O  O   . HOH G 5 .   ? 7.229   14.823  -9.794  1.00 16.75 ? 981  HOH A O   1 
HETATM 1483 O  O   . HOH G 5 .   ? -5.633  -5.255  3.891   1.00 15.31 ? 982  HOH A O   1 
HETATM 1484 O  O   . HOH G 5 .   ? -7.133  6.187   21.642  1.00 20.41 ? 983  HOH A O   1 
HETATM 1485 O  O   . HOH G 5 .   ? 3.441   17.766  0.504   1.00 21.01 ? 984  HOH A O   1 
HETATM 1486 O  O   . HOH G 5 .   ? -5.377  -5.851  -6.511  1.00 16.33 ? 985  HOH A O   1 
HETATM 1487 O  O   . HOH G 5 .   ? 3.491   15.460  -16.141 1.00 20.33 ? 986  HOH A O   1 
HETATM 1488 O  O   . HOH G 5 .   ? -13.556 4.922   4.522   1.00 20.92 ? 987  HOH A O   1 
HETATM 1489 O  O   . HOH G 5 .   ? 2.913   18.643  -7.513  1.00 16.57 ? 988  HOH A O   1 
HETATM 1490 O  O   . HOH G 5 .   ? -4.617  -7.120  -18.155 1.00 24.75 ? 989  HOH A O   1 
HETATM 1491 O  O   . HOH G 5 .   ? -12.941 -15.380 6.447   1.00 20.92 ? 990  HOH A O   1 
HETATM 1492 O  O   . HOH G 5 .   ? -10.820 4.496   -2.288  1.00 25.65 ? 991  HOH A O   1 
HETATM 1493 O  O   . HOH G 5 .   ? -7.345  -6.893  -4.665  1.00 19.07 ? 992  HOH A O   1 
HETATM 1494 O  O   . HOH G 5 .   ? -16.347 -14.805 7.458   1.00 21.46 ? 993  HOH A O   1 
HETATM 1495 O  O   . HOH G 5 .   ? -1.759  3.521   20.883  1.00 19.53 ? 994  HOH A O   1 
HETATM 1496 O  O   . HOH G 5 .   ? -10.144 -6.741  -5.465  1.00 15.39 ? 995  HOH A O   1 
HETATM 1497 O  O   . HOH G 5 .   ? -10.775 -13.855 5.951   1.00 20.04 ? 996  HOH A O   1 
HETATM 1498 O  O   . HOH G 5 .   ? -11.893 7.427   17.491  1.00 17.03 ? 997  HOH A O   1 
HETATM 1499 O  O   . HOH G 5 .   ? 6.765   -0.289  11.620  1.00 21.27 ? 998  HOH A O   1 
HETATM 1500 O  O   . HOH G 5 .   ? -10.791 -13.771 -6.328  1.00 23.53 ? 999  HOH A O   1 
HETATM 1501 O  O   . HOH G 5 .   ? -2.730  0.290   23.883  1.00 28.14 ? 1000 HOH A O   1 
HETATM 1502 O  O   . HOH G 5 .   ? -2.849  0.746   -20.216 1.00 29.12 ? 1001 HOH A O   1 
HETATM 1503 O  O   . HOH G 5 .   ? -13.107 -13.896 3.223   1.00 21.48 ? 1002 HOH A O   1 
HETATM 1504 O  O   . HOH G 5 .   ? 19.231  4.216   -8.568  1.00 15.91 ? 1003 HOH A O   1 
HETATM 1505 O  O   . HOH G 5 .   ? -1.435  -14.144 7.499   1.00 23.73 ? 1004 HOH A O   1 
HETATM 1506 O  O   . HOH G 5 .   ? -16.829 -4.275  9.809   1.00 23.78 ? 1005 HOH A O   1 
HETATM 1507 O  O   . HOH G 5 .   ? -6.068  8.689   -13.816 1.00 23.79 ? 1006 HOH A O   1 
HETATM 1508 O  O   . HOH G 5 .   ? -3.915  5.289   -15.467 1.00 18.61 ? 1007 HOH A O   1 
HETATM 1509 O  O   . HOH G 5 .   ? 0.436   19.191  -11.173 1.00 28.15 ? 1008 HOH A O   1 
HETATM 1510 O  O   . HOH G 5 .   ? -8.843  10.452  8.123   1.00 28.66 ? 1009 HOH A O   1 
HETATM 1511 O  O   . HOH G 5 .   ? -8.390  -13.186 -2.427  1.00 32.60 ? 1010 HOH A O   1 
HETATM 1512 O  O   . HOH G 5 .   ? 6.810   -5.788  -15.006 0.50 29.19 ? 1011 HOH A O   1 
HETATM 1513 O  O   . HOH G 5 .   ? 3.909   -9.483  -8.937  1.00 32.02 ? 1012 HOH A O   1 
HETATM 1514 O  O   . HOH G 5 .   ? -4.453  9.907   7.543   1.00 32.89 ? 1013 HOH A O   1 
HETATM 1515 O  O   . HOH G 5 .   ? 4.389   -3.808  -21.732 1.00 19.21 ? 1014 HOH A O   1 
HETATM 1516 O  O   . HOH G 5 .   ? -9.048  -15.430 4.755   1.00 23.72 ? 1015 HOH A O   1 
HETATM 1517 O  O   . HOH G 5 .   ? -14.046 -16.925 12.054  1.00 22.98 ? 1016 HOH A O   1 
HETATM 1518 O  O   . HOH G 5 .   ? -2.194  18.137  -5.048  1.00 33.43 ? 1017 HOH A O   1 
HETATM 1519 O  O   . HOH G 5 .   ? -11.521 6.768   0.851   1.00 23.48 ? 1018 HOH A O   1 
HETATM 1520 O  O   . HOH G 5 .   ? -14.912 -4.510  21.850  1.00 33.02 ? 1019 HOH A O   1 
HETATM 1521 O  O   . HOH G 5 .   ? -13.991 -1.429  3.279   1.00 28.55 ? 1020 HOH A O   1 
HETATM 1522 O  O   . HOH G 5 .   ? 17.305  6.683   -16.658 1.00 31.04 ? 1021 HOH A O   1 
HETATM 1523 O  O   . HOH G 5 .   ? -1.946  6.544   -17.020 1.00 22.90 ? 1022 HOH A O   1 
HETATM 1524 O  O   . HOH G 5 .   ? -4.726  9.329   21.985  1.00 27.91 ? 1023 HOH A O   1 
HETATM 1525 O  O   . HOH G 5 .   ? -0.563  1.217   20.543  1.00 21.57 ? 1024 HOH A O   1 
HETATM 1526 O  O   . HOH G 5 .   ? -0.525  -8.083  14.735  1.00 23.72 ? 1025 HOH A O   1 
HETATM 1527 O  O   . HOH G 5 .   ? -10.650 1.379   5.650   1.00 27.15 ? 1026 HOH A O   1 
HETATM 1528 O  O   . HOH G 5 .   ? 4.514   19.327  -11.069 1.00 30.18 ? 1027 HOH A O   1 
HETATM 1529 O  O   . HOH G 5 .   ? 7.173   -5.659  2.193   1.00 45.16 ? 1028 HOH A O   1 
HETATM 1530 O  O   . HOH G 5 .   ? -5.589  -10.687 23.426  1.00 25.01 ? 1029 HOH A O   1 
HETATM 1531 O  O   . HOH G 5 .   ? 2.489   7.433   -25.515 1.00 30.41 ? 1030 HOH A O   1 
HETATM 1532 O  O   . HOH G 5 .   ? -9.617  -0.428  -4.422  1.00 25.37 ? 1031 HOH A O   1 
HETATM 1533 O  O   . HOH G 5 .   ? -16.616 3.539   13.798  1.00 31.41 ? 1032 HOH A O   1 
HETATM 1534 O  O   . HOH G 5 .   ? 1.841   10.720  -20.571 1.00 20.96 ? 1033 HOH A O   1 
HETATM 1535 O  O   . HOH G 5 .   ? -6.416  14.732  0.895   1.00 23.60 ? 1034 HOH A O   1 
HETATM 1536 O  O   . HOH G 5 .   ? -7.771  7.752   -12.108 1.00 26.72 ? 1035 HOH A O   1 
HETATM 1537 O  O   . HOH G 5 .   ? -12.144 0.262   3.583   1.00 34.05 ? 1036 HOH A O   1 
HETATM 1538 O  O   . HOH G 5 .   ? -1.384  -13.342 18.184  0.50 30.28 ? 1037 HOH A O   1 
HETATM 1539 O  O   . HOH G 5 .   ? 1.081   4.301   -24.255 1.00 35.64 ? 1038 HOH A O   1 
HETATM 1540 O  O   . HOH G 5 .   ? 0.360   -9.585  -2.759  1.00 41.11 ? 1039 HOH A O   1 
HETATM 1541 O  O   . HOH G 5 .   ? -7.576  -1.609  -0.275  1.00 23.93 ? 1040 HOH A O   1 
HETATM 1542 O  O   . HOH G 5 .   ? -16.143 -12.564 9.840   1.00 27.58 ? 1041 HOH A O   1 
HETATM 1543 O  O   . HOH G 5 .   ? -6.380  13.117  12.012  1.00 25.45 ? 1042 HOH A O   1 
HETATM 1544 O  O   . HOH G 5 .   ? 10.659  -6.884  -20.883 1.00 38.57 ? 1043 HOH A O   1 
HETATM 1545 O  O   . HOH G 5 .   ? 1.423   -6.605  23.862  1.00 32.42 ? 1044 HOH A O   1 
HETATM 1546 O  O   . HOH G 5 .   ? -1.748  -2.579  3.640   0.50 17.96 ? 1045 HOH A O   1 
HETATM 1547 O  O   . HOH G 5 .   ? -10.898 2.298   -5.449  1.00 31.36 ? 1046 HOH A O   1 
HETATM 1548 O  O   . HOH G 5 .   ? 3.323   14.453  -18.596 1.00 38.76 ? 1047 HOH A O   1 
HETATM 1549 O  O   . HOH G 5 .   ? -6.243  12.773  4.800   1.00 17.30 ? 1048 HOH A O   1 
HETATM 1550 O  O   . HOH G 5 .   ? -12.071 6.165   -3.760  1.00 35.88 ? 1049 HOH A O   1 
HETATM 1551 O  O   . HOH G 5 .   ? -4.414  6.741   21.483  1.00 26.88 ? 1050 HOH A O   1 
HETATM 1552 O  O   . HOH G 5 .   ? -2.682  5.882   19.596  1.00 20.70 ? 1051 HOH A O   1 
HETATM 1553 O  O   . HOH G 5 .   ? -9.378  11.290  2.455   1.00 23.79 ? 1052 HOH A O   1 
HETATM 1554 O  O   . HOH G 5 .   ? 1.890   8.101   14.600  1.00 26.71 ? 1053 HOH A O   1 
HETATM 1555 O  O   . HOH G 5 .   ? -6.357  11.605  -13.572 1.00 28.41 ? 1054 HOH A O   1 
HETATM 1556 O  O   . HOH G 5 .   ? -2.990  -6.702  -5.871  1.00 28.38 ? 1055 HOH A O   1 
HETATM 1557 O  O   . HOH G 5 .   ? -3.810  -3.957  -20.432 1.00 26.36 ? 1056 HOH A O   1 
HETATM 1558 O  O   . HOH G 5 .   ? 16.321  12.600  -4.513  1.00 26.84 ? 1057 HOH A O   1 
HETATM 1559 O  O   . HOH G 5 .   ? 1.951   -5.879  10.265  1.00 30.85 ? 1058 HOH A O   1 
HETATM 1560 O  O   . HOH G 5 .   ? -2.446  -9.025  -7.111  1.00 34.23 ? 1059 HOH A O   1 
HETATM 1561 O  O   . HOH G 5 .   ? -16.211 3.743   -4.237  1.00 29.15 ? 1060 HOH A O   1 
HETATM 1562 O  O   . HOH G 5 .   ? -6.503  6.365   -16.155 1.00 32.56 ? 1061 HOH A O   1 
HETATM 1563 O  O   . HOH G 5 .   ? -11.579 -0.564  -2.525  1.00 31.89 ? 1062 HOH A O   1 
HETATM 1564 O  O   . HOH G 5 .   ? -15.945 0.690   21.332  1.00 29.46 ? 1063 HOH A O   1 
HETATM 1565 O  O   . HOH G 5 .   ? -13.175 7.558   3.149   1.00 36.94 ? 1064 HOH A O   1 
HETATM 1566 O  O   . HOH G 5 .   ? -8.640  12.658  6.686   1.00 39.40 ? 1065 HOH A O   1 
HETATM 1567 O  O   . HOH G 5 .   ? -11.262 9.616   1.271   1.00 38.14 ? 1066 HOH A O   1 
HETATM 1568 O  O   . HOH G 5 .   ? -11.001 -2.052  1.095   1.00 35.82 ? 1067 HOH A O   1 
HETATM 1569 O  O   . HOH G 5 .   ? 2.529   19.896  -12.702 1.00 41.51 ? 1068 HOH A O   1 
HETATM 1570 O  O   . HOH G 5 .   ? -16.302 -6.047  12.911  1.00 30.58 ? 1069 HOH A O   1 
HETATM 1571 O  O   . HOH G 5 .   ? -1.740  -6.642  12.969  1.00 37.37 ? 1070 HOH A O   1 
HETATM 1572 O  O   . HOH G 5 .   ? -8.777  -13.468 -8.025  1.00 36.57 ? 1071 HOH A O   1 
HETATM 1573 O  O   . HOH G 5 .   ? 12.747  -1.755  -20.760 1.00 32.20 ? 1072 HOH A O   1 
HETATM 1574 O  O   . HOH G 5 .   ? 6.183   -9.060  1.004   1.00 44.58 ? 1073 HOH A O   1 
HETATM 1575 O  O   . HOH G 5 .   ? -13.072 -17.267 14.797  1.00 37.61 ? 1074 HOH A O   1 
HETATM 1576 O  O   . HOH G 5 .   ? -4.923  -4.330  -18.203 1.00 31.80 ? 1075 HOH A O   1 
HETATM 1577 O  O   . HOH G 5 .   ? -20.709 4.088   -6.117  1.00 35.89 ? 1076 HOH A O   1 
HETATM 1578 O  O   . HOH G 5 .   ? 19.026  -2.614  -0.441  1.00 28.82 ? 1077 HOH A O   1 
HETATM 1579 O  O   . HOH G 5 .   ? 7.290   -1.450  -23.661 1.00 36.61 ? 1078 HOH A O   1 
HETATM 1580 O  O   . HOH G 5 .   ? -1.021  18.958  -13.352 1.00 34.60 ? 1079 HOH A O   1 
HETATM 1581 O  O   . HOH G 5 .   ? 13.307  -5.948  4.738   1.00 32.38 ? 1080 HOH A O   1 
HETATM 1582 O  O   . HOH G 5 .   ? 0.743   -5.930  12.655  1.00 38.59 ? 1081 HOH A O   1 
HETATM 1583 O  O   . HOH G 5 .   ? -3.549  5.247   24.107  1.00 31.22 ? 1082 HOH A O   1 
HETATM 1584 O  O   . HOH G 5 .   ? 20.332  -2.798  -5.272  1.00 36.35 ? 1083 HOH A O   1 
HETATM 1585 O  O   . HOH G 5 .   ? 0.418   16.187  -16.438 1.00 33.36 ? 1084 HOH A O   1 
HETATM 1586 O  O   . HOH G 5 .   ? -15.476 -1.873  9.871   1.00 30.11 ? 1085 HOH A O   1 
HETATM 1587 O  O   . HOH G 5 .   ? 17.261  -7.618  -1.217  1.00 32.15 ? 1086 HOH A O   1 
HETATM 1588 O  O   . HOH G 5 .   ? 3.517   -3.011  9.047   1.00 34.69 ? 1087 HOH A O   1 
HETATM 1589 O  O   . HOH G 5 .   ? -15.871 4.099   5.761   1.00 49.85 ? 1088 HOH A O   1 
HETATM 1590 O  O   . HOH G 5 .   ? -13.930 5.972   18.163  1.00 38.89 ? 1089 HOH A O   1 
HETATM 1591 O  O   . HOH G 5 .   ? -0.601  -8.818  12.013  1.00 30.79 ? 1090 HOH A O   1 
HETATM 1592 O  O   . HOH G 5 .   ? 18.112  1.936   5.715   1.00 40.54 ? 1091 HOH A O   1 
HETATM 1593 O  O   . HOH G 5 .   ? -6.249  -4.102  -2.217  1.00 34.36 ? 1092 HOH A O   1 
HETATM 1594 O  O   . HOH G 5 .   ? -10.453 12.221  4.727   1.00 41.45 ? 1093 HOH A O   1 
HETATM 1595 O  O   . HOH G 5 .   ? 13.003  -2.284  8.646   1.00 51.02 ? 1094 HOH A O   1 
HETATM 1596 O  O   . HOH G 5 .   ? -10.191 13.539  0.889   1.00 36.71 ? 1095 HOH A O   1 
HETATM 1597 O  O   . HOH G 5 .   ? -7.240  2.257   26.073  1.00 40.46 ? 1096 HOH A O   1 
HETATM 1598 O  O   . HOH G 5 .   ? -13.275 8.962   15.432  1.00 33.08 ? 1097 HOH A O   1 
HETATM 1599 O  O   . HOH G 5 .   ? -7.199  16.318  -11.866 1.00 35.14 ? 1098 HOH A O   1 
HETATM 1600 O  O   . HOH G 5 .   ? 11.626  -10.424 -9.069  1.00 44.81 ? 1099 HOH A O   1 
HETATM 1601 O  O   . HOH G 5 .   ? -9.726  11.585  18.200  1.00 45.93 ? 1100 HOH A O   1 
HETATM 1602 O  O   . HOH G 5 .   ? -4.321  -8.427  24.640  1.00 37.80 ? 1101 HOH A O   1 
HETATM 1603 O  O   . HOH G 5 .   ? -11.829 10.490  -1.486  1.00 38.49 ? 1102 HOH A O   1 
HETATM 1604 O  O   . HOH G 5 .   ? -4.528  14.085  14.409  1.00 29.43 ? 1103 HOH A O   1 
HETATM 1605 O  O   . HOH G 5 .   ? -11.963 5.225   23.499  1.00 30.33 ? 1104 HOH A O   1 
HETATM 1606 O  O   . HOH G 5 .   ? 14.095  -4.445  -13.044 1.00 29.51 ? 1105 HOH A O   1 
HETATM 1607 O  O   . HOH G 5 .   ? 16.615  -3.182  -9.444  1.00 36.56 ? 1106 HOH A O   1 
HETATM 1608 O  O   . HOH G 5 .   ? -16.596 -9.987  11.073  1.00 33.81 ? 1107 HOH A O   1 
HETATM 1609 O  O   . HOH G 5 .   ? -0.177  -10.480 -6.036  1.00 33.42 ? 1108 HOH A O   1 
HETATM 1610 O  O   . HOH G 5 .   ? -17.966 -0.434  20.103  1.00 35.28 ? 1109 HOH A O   1 
HETATM 1611 O  O   . HOH G 5 .   ? 14.999  -7.555  1.839   1.00 33.12 ? 1110 HOH A O   1 
HETATM 1612 O  O   . HOH G 5 .   ? -18.714 4.574   -3.935  1.00 44.33 ? 1111 HOH A O   1 
HETATM 1613 O  O   . HOH G 5 .   ? -0.189  -8.849  8.545   1.00 43.20 ? 1112 HOH A O   1 
HETATM 1614 O  O   . HOH G 5 .   ? -5.973  -14.223 -2.686  1.00 40.28 ? 1113 HOH A O   1 
HETATM 1615 O  O   . HOH G 5 .   ? 7.928   -6.819  -20.817 1.00 27.92 ? 1114 HOH A O   1 
HETATM 1616 O  O   . HOH G 5 .   ? 3.443   3.049   -24.387 1.00 23.26 ? 1115 HOH A O   1 
HETATM 1617 O  O   . HOH G 5 .   ? -15.335 -8.502  9.345   1.00 31.57 ? 1116 HOH A O   1 
HETATM 1618 O  O   . HOH G 5 .   ? -6.168  -4.665  27.705  1.00 27.73 ? 1117 HOH A O   1 
HETATM 1619 O  O   . HOH G 5 .   ? -8.851  -3.377  0.981   1.00 24.83 ? 1118 HOH A O   1 
HETATM 1620 O  O   . HOH G 5 .   ? 5.113   7.369   -25.816 1.00 31.18 ? 1119 HOH A O   1 
HETATM 1621 O  O   . HOH G 5 .   ? 11.414  -3.791  -19.004 1.00 32.11 ? 1120 HOH A O   1 
HETATM 1622 O  O   . HOH G 5 .   ? -1.700  18.786  -7.754  1.00 35.37 ? 1121 HOH A O   1 
HETATM 1623 O  O   . HOH G 5 .   ? -11.692 0.918   -13.976 1.00 32.04 ? 1122 HOH A O   1 
HETATM 1624 O  O   . HOH G 5 .   ? 3.484   -11.922 -8.577  1.00 33.39 ? 1123 HOH A O   1 
HETATM 1625 O  O   . HOH G 5 .   ? 3.758   0.345   -24.636 1.00 27.10 ? 1124 HOH A O   1 
HETATM 1626 O  O   . HOH G 5 .   ? -3.749  18.206  4.390   1.00 36.06 ? 1125 HOH A O   1 
HETATM 1627 O  O   . HOH G 5 .   ? 9.659   -11.169 -11.675 1.00 33.80 ? 1126 HOH A O   1 
HETATM 1628 O  O   . HOH G 5 .   ? -10.080 -14.581 0.801   1.00 26.01 ? 1127 HOH A O   1 
HETATM 1629 O  O   . HOH G 5 .   ? -17.588 -5.496  7.407   1.00 30.25 ? 1128 HOH A O   1 
HETATM 1630 O  O   . HOH G 5 .   ? 18.181  5.436   -0.408  1.00 35.86 ? 1129 HOH A O   1 
HETATM 1631 O  O   . HOH G 5 .   ? -9.673  0.107   -0.473  1.00 29.62 ? 1130 HOH A O   1 
HETATM 1632 O  O   . HOH G 5 .   ? -5.236  16.492  14.924  1.00 33.30 ? 1131 HOH A O   1 
HETATM 1633 O  O   . HOH G 5 .   ? -16.159 2.738   16.309  1.00 30.86 ? 1132 HOH A O   1 
HETATM 1634 O  O   . HOH G 5 .   ? -4.788  -5.058  -0.284  1.00 29.96 ? 1133 HOH A O   1 
HETATM 1635 O  O   . HOH G 5 .   ? 18.728  -1.073  -10.938 1.00 31.01 ? 1134 HOH A O   1 
HETATM 1636 O  O   . HOH G 5 .   ? -19.007 -2.796  20.465  1.00 31.09 ? 1135 HOH A O   1 
HETATM 1637 O  O   . HOH G 5 .   ? 21.066  2.711   -9.680  1.00 23.89 ? 1136 HOH A O   1 
HETATM 1638 O  O   . HOH G 5 .   ? -7.540  15.415  -1.601  1.00 37.27 ? 1137 HOH A O   1 
HETATM 1639 O  O   . HOH G 5 .   ? 15.245  5.711   -21.165 1.00 26.90 ? 1138 HOH A O   1 
HETATM 1640 O  O   . HOH G 5 .   ? 12.672  -9.359  -16.550 1.00 37.51 ? 1139 HOH A O   1 
HETATM 1641 O  O   . HOH G 5 .   ? -3.459  -8.258  -3.649  1.00 29.50 ? 1140 HOH A O   1 
HETATM 1642 O  O   . HOH G 5 .   ? 20.283  3.360   -5.540  1.00 34.51 ? 1141 HOH A O   1 
HETATM 1643 O  O   . HOH G 5 .   ? -14.595 -13.657 17.686  1.00 34.12 ? 1142 HOH A O   1 
HETATM 1644 O  O   . HOH G 5 .   ? -7.436  -11.948 21.161  1.00 41.31 ? 1143 HOH A O   1 
HETATM 1645 O  O   A HOH G 5 .   ? -15.163 -7.668  15.162  0.70 24.05 ? 1144 HOH A O   1 
HETATM 1646 O  O   B HOH G 5 .   ? -15.412 -5.606  15.409  0.30 2.83  ? 1144 HOH A O   1 
HETATM 1647 O  O   . HOH G 5 .   ? -13.096 8.074   12.797  1.00 34.98 ? 1145 HOH A O   1 
HETATM 1648 O  O   . HOH G 5 .   ? 11.696  6.138   8.141   1.00 38.82 ? 1146 HOH A O   1 
HETATM 1649 O  O   . HOH G 5 .   ? 4.563   4.711   -26.079 1.00 29.91 ? 1147 HOH A O   1 
# 
loop_
_pdbx_poly_seq_scheme.asym_id 
_pdbx_poly_seq_scheme.entity_id 
_pdbx_poly_seq_scheme.seq_id 
_pdbx_poly_seq_scheme.mon_id 
_pdbx_poly_seq_scheme.ndb_seq_num 
_pdbx_poly_seq_scheme.pdb_seq_num 
_pdbx_poly_seq_scheme.auth_seq_num 
_pdbx_poly_seq_scheme.pdb_mon_id 
_pdbx_poly_seq_scheme.auth_mon_id 
_pdbx_poly_seq_scheme.pdb_strand_id 
_pdbx_poly_seq_scheme.pdb_ins_code 
_pdbx_poly_seq_scheme.hetero 
A 1 1   MET 1   1   1   MET MET A . n 
A 1 2   ASN 2   2   2   ASN ASN A . n 
A 1 3   ILE 3   3   3   ILE ILE A . n 
A 1 4   PHE 4   4   4   PHE PHE A . n 
A 1 5   GLU 5   5   5   GLU GLU A . n 
A 1 6   MET 6   6   6   MET MET A . n 
A 1 7   LEU 7   7   7   LEU LEU A . n 
A 1 8   ARG 8   8   8   ARG ARG A . n 
A 1 9   ILE 9   9   9   ILE ILE A . n 
A 1 10  ASP 10  10  10  ASP ASP A . n 
A 1 11  GLU 11  11  11  GLU GLU A . n 
A 1 12  GLY 12  12  12  GLY GLY A . n 
A 1 13  LEU 13  13  13  LEU LEU A . n 
A 1 14  ARG 14  14  14  ARG ARG A . n 
A 1 15  LEU 15  15  15  LEU LEU A . n 
A 1 16  LYS 16  16  16  LYS LYS A . n 
A 1 17  ILE 17  17  17  ILE ILE A . n 
A 1 18  TYR 18  18  18  TYR TYR A . n 
A 1 19  LYS 19  19  19  LYS LYS A . n 
A 1 20  ASP 20  20  20  ASP ASP A . n 
A 1 21  THR 21  21  21  THR THR A . n 
A 1 22  GLU 22  22  22  GLU GLU A . n 
A 1 23  GLY 23  23  23  GLY GLY A . n 
A 1 24  TYR 24  24  24  TYR TYR A . n 
A 1 25  TYR 25  25  25  TYR TYR A . n 
A 1 26  THR 26  26  26  THR THR A . n 
A 1 27  ILE 27  27  27  ILE ILE A . n 
A 1 28  GLY 28  28  28  GLY GLY A . n 
A 1 29  ILE 29  29  29  ILE ILE A . n 
A 1 30  GLY 30  30  30  GLY GLY A . n 
A 1 31  HIS 31  31  31  HIS HIS A . n 
A 1 32  LEU 32  32  32  LEU LEU A . n 
A 1 33  LEU 33  33  33  LEU LEU A . n 
A 1 34  THR 34  34  34  THR THR A . n 
A 1 35  LYS 35  35  35  LYS LYS A . n 
A 1 36  SER 36  36  36  SER SER A . n 
A 1 37  PRO 37  37  37  PRO PRO A . n 
A 1 38  SER 38  38  38  SER SER A . n 
A 1 39  LEU 39  39  39  LEU LEU A . n 
A 1 40  ASN 40  40  40  ASN ASN A . n 
A 1 41  ALA 41  41  41  ALA ALA A . n 
A 1 42  ALA 42  42  42  ALA ALA A . n 
A 1 43  LYS 43  43  43  LYS LYS A . n 
A 1 44  SER 44  44  44  SER SER A . n 
A 1 45  GLU 45  45  45  GLU GLU A . n 
A 1 46  LEU 46  46  46  LEU LEU A . n 
A 1 47  ASP 47  47  47  ASP ASP A . n 
A 1 48  LYS 48  48  48  LYS LYS A . n 
A 1 49  ALA 49  49  49  ALA ALA A . n 
A 1 50  ILE 50  50  50  ILE ILE A . n 
A 1 51  GLY 51  51  51  GLY GLY A . n 
A 1 52  ARG 52  52  52  ARG ARG A . n 
A 1 53  ASN 53  53  53  ASN ASN A . n 
A 1 54  THR 54  54  54  THR THR A . n 
A 1 55  ASN 55  55  55  ASN ASN A . n 
A 1 56  GLY 56  56  56  GLY GLY A . n 
A 1 57  VAL 57  57  57  VAL VAL A . n 
A 1 58  ILE 58  58  58  ILE ILE A . n 
A 1 59  THR 59  59  59  THR THR A . n 
A 1 60  LYS 60  60  60  LYS LYS A . n 
A 1 61  ASP 61  61  61  ASP ASP A . n 
A 1 62  GLU 62  62  62  GLU GLU A . n 
A 1 63  ALA 63  63  63  ALA ALA A . n 
A 1 64  GLU 64  64  64  GLU GLU A . n 
A 1 65  LYS 65  65  65  LYS LYS A . n 
A 1 66  LEU 66  66  66  LEU LEU A . n 
A 1 67  PHE 67  67  67  PHE PHE A . n 
A 1 68  ASN 68  68  68  ASN ASN A . n 
A 1 69  GLN 69  69  69  GLN GLN A . n 
A 1 70  ASP 70  70  70  ASP ASP A . n 
A 1 71  VAL 71  71  71  VAL VAL A . n 
A 1 72  ASP 72  72  72  ASP ASP A . n 
A 1 73  ALA 73  73  73  ALA ALA A . n 
A 1 74  ALA 74  74  74  ALA ALA A . n 
A 1 75  VAL 75  75  75  VAL VAL A . n 
A 1 76  ARG 76  76  76  ARG ARG A . n 
A 1 77  GLY 77  77  77  GLY GLY A . n 
A 1 78  ILE 78  78  78  ILE ILE A . n 
A 1 79  LEU 79  79  79  LEU LEU A . n 
A 1 80  ARG 80  80  80  ARG ARG A . n 
A 1 81  ASN 81  81  81  ASN ASN A . n 
A 1 82  ALA 82  82  82  ALA ALA A . n 
A 1 83  LYS 83  83  83  LYS LYS A . n 
A 1 84  LEU 84  84  84  LEU LEU A . n 
A 1 85  LYS 85  85  85  LYS LYS A . n 
A 1 86  PRO 86  86  86  PRO PRO A . n 
A 1 87  VAL 87  87  87  VAL VAL A . n 
A 1 88  TYR 88  88  88  TYR TYR A . n 
A 1 89  ASP 89  89  89  ASP ASP A . n 
A 1 90  SER 90  90  90  SER SER A . n 
A 1 91  LEU 91  91  91  LEU LEU A . n 
A 1 92  ASP 92  92  92  ASP ASP A . n 
A 1 93  ALA 93  93  93  ALA ALA A . n 
A 1 94  VAL 94  94  94  VAL VAL A . n 
A 1 95  ARG 95  95  95  ARG ARG A . n 
A 1 96  ARG 96  96  96  ARG ARG A . n 
A 1 97  ALA 97  97  97  ALA ALA A . n 
A 1 98  ALA 98  98  98  ALA ALA A . n 
A 1 99  ALA 99  99  99  ALA ALA A . n 
A 1 100 ILE 100 100 100 ILE ILE A . n 
A 1 101 ASN 101 101 101 ASN ASN A . n 
A 1 102 MET 102 102 102 MET MET A . n 
A 1 103 VAL 103 103 103 VAL VAL A . n 
A 1 104 PHE 104 104 104 PHE PHE A . n 
A 1 105 GLN 105 105 105 GLN GLN A . n 
A 1 106 MET 106 106 106 MET MET A . n 
A 1 107 GLY 107 107 107 GLY GLY A . n 
A 1 108 GLU 108 108 108 GLU GLU A . n 
A 1 109 THR 109 109 109 THR THR A . n 
A 1 110 GLY 110 110 110 GLY GLY A . n 
A 1 111 VAL 111 111 111 VAL VAL A . n 
A 1 112 ALA 112 112 112 ALA ALA A . n 
A 1 113 GLY 113 113 113 GLY GLY A . n 
A 1 114 PHE 114 114 114 PHE PHE A . n 
A 1 115 THR 115 115 115 THR THR A . n 
A 1 116 ASN 116 116 116 ASN ASN A . n 
A 1 117 SER 117 117 117 SER SER A . n 
A 1 118 LEU 118 118 118 LEU LEU A . n 
A 1 119 ARG 119 119 119 ARG ARG A . n 
A 1 120 MET 120 120 120 MET MET A . n 
A 1 121 LEU 121 121 121 LEU LEU A . n 
A 1 122 GLN 122 122 122 GLN GLN A . n 
A 1 123 GLN 123 123 123 GLN GLN A . n 
A 1 124 LYS 124 124 124 LYS LYS A . n 
A 1 125 ARG 125 125 125 ARG ARG A . n 
A 1 126 TRP 126 126 126 TRP TRP A . n 
A 1 127 ASP 127 127 127 ASP ASP A . n 
A 1 128 GLU 128 128 128 GLU GLU A . n 
A 1 129 ALA 129 129 129 ALA ALA A . n 
A 1 130 ALA 130 130 130 ALA ALA A . n 
A 1 131 VAL 131 131 131 VAL VAL A . n 
A 1 132 ASN 132 132 132 ASN ASN A . n 
A 1 133 LEU 133 133 133 LEU LEU A . n 
A 1 134 ALA 134 134 134 ALA ALA A . n 
A 1 135 LYS 135 135 135 LYS LYS A . n 
A 1 136 SER 136 136 136 SER SER A . n 
A 1 137 ARG 137 137 137 ARG ARG A . n 
A 1 138 TRP 138 138 138 TRP TRP A . n 
A 1 139 TYR 139 139 139 TYR TYR A . n 
A 1 140 ASN 140 140 140 ASN ASN A . n 
A 1 141 GLN 141 141 141 GLN GLN A . n 
A 1 142 THR 142 142 142 THR THR A . n 
A 1 143 PRO 143 143 143 PRO PRO A . n 
A 1 144 ASN 144 144 144 ASN ASN A . n 
A 1 145 ARG 145 145 145 ARG ARG A . n 
A 1 146 ALA 146 146 146 ALA ALA A . n 
A 1 147 LYS 147 147 147 LYS LYS A . n 
A 1 148 ARG 148 148 148 ARG ARG A . n 
A 1 149 VAL 149 149 149 VAL VAL A . n 
A 1 150 ILE 150 150 150 ILE ILE A . n 
A 1 151 THR 151 151 151 THR THR A . n 
A 1 152 THR 152 152 152 THR THR A . n 
A 1 153 PHE 153 153 153 PHE PHE A . n 
A 1 154 ARG 154 154 154 ARG ARG A . n 
A 1 155 THR 155 155 155 THR THR A . n 
A 1 156 GLY 156 156 156 GLY GLY A . n 
A 1 157 THR 157 157 157 THR THR A . n 
A 1 158 TRP 158 158 158 TRP TRP A . n 
A 1 159 ASP 159 159 159 ASP ASP A . n 
A 1 160 ALA 160 160 160 ALA ALA A . n 
A 1 161 TYR 161 161 161 TYR TYR A . n 
A 1 162 LYS 162 162 162 LYS LYS A . n 
A 1 163 ASN 163 163 163 ASN ASN A . n 
A 1 164 LEU 164 164 164 LEU LEU A . n 
# 
loop_
_pdbx_nonpoly_scheme.asym_id 
_pdbx_nonpoly_scheme.entity_id 
_pdbx_nonpoly_scheme.mon_id 
_pdbx_nonpoly_scheme.ndb_seq_num 
_pdbx_nonpoly_scheme.pdb_seq_num 
_pdbx_nonpoly_scheme.auth_seq_num 
_pdbx_nonpoly_scheme.pdb_mon_id 
_pdbx_nonpoly_scheme.auth_mon_id 
_pdbx_nonpoly_scheme.pdb_strand_id 
_pdbx_nonpoly_scheme.pdb_ins_code 
B 2 PO4 1   901  901 PO4 PO4 A . 
C 2 PO4 1   902  902 PO4 PO4 A . 
D 3 BBF 1   900  900 BBF BFB A . 
E 4 HED 1   904  904 HED HED A . 
F 4 HED 1   905  905 HED HED A . 
G 5 HOH 1   906  1   HOH HOH A . 
G 5 HOH 2   907  2   HOH HOH A . 
G 5 HOH 3   908  3   HOH HOH A . 
G 5 HOH 4   909  4   HOH HOH A . 
G 5 HOH 5   910  5   HOH HOH A . 
G 5 HOH 6   911  6   HOH HOH A . 
G 5 HOH 7   912  7   HOH HOH A . 
G 5 HOH 8   913  8   HOH HOH A . 
G 5 HOH 9   914  9   HOH HOH A . 
G 5 HOH 10  915  10  HOH HOH A . 
G 5 HOH 11  916  11  HOH HOH A . 
G 5 HOH 12  917  12  HOH HOH A . 
G 5 HOH 13  918  13  HOH HOH A . 
G 5 HOH 14  919  14  HOH HOH A . 
G 5 HOH 15  920  15  HOH HOH A . 
G 5 HOH 16  921  16  HOH HOH A . 
G 5 HOH 17  922  17  HOH HOH A . 
G 5 HOH 18  923  18  HOH HOH A . 
G 5 HOH 19  924  19  HOH HOH A . 
G 5 HOH 20  925  20  HOH HOH A . 
G 5 HOH 21  926  21  HOH HOH A . 
G 5 HOH 22  927  22  HOH HOH A . 
G 5 HOH 23  928  23  HOH HOH A . 
G 5 HOH 24  929  24  HOH HOH A . 
G 5 HOH 25  930  25  HOH HOH A . 
G 5 HOH 26  931  26  HOH HOH A . 
G 5 HOH 27  932  27  HOH HOH A . 
G 5 HOH 28  933  28  HOH HOH A . 
G 5 HOH 29  934  29  HOH HOH A . 
G 5 HOH 30  935  30  HOH HOH A . 
G 5 HOH 31  936  31  HOH HOH A . 
G 5 HOH 32  937  32  HOH HOH A . 
G 5 HOH 33  938  33  HOH HOH A . 
G 5 HOH 34  939  34  HOH HOH A . 
G 5 HOH 35  940  35  HOH HOH A . 
G 5 HOH 36  941  36  HOH HOH A . 
G 5 HOH 37  942  37  HOH HOH A . 
G 5 HOH 38  943  38  HOH HOH A . 
G 5 HOH 39  944  39  HOH HOH A . 
G 5 HOH 40  945  40  HOH HOH A . 
G 5 HOH 41  946  41  HOH HOH A . 
G 5 HOH 42  947  42  HOH HOH A . 
G 5 HOH 43  948  43  HOH HOH A . 
G 5 HOH 44  949  44  HOH HOH A . 
G 5 HOH 45  950  45  HOH HOH A . 
G 5 HOH 46  951  46  HOH HOH A . 
G 5 HOH 47  952  47  HOH HOH A . 
G 5 HOH 48  953  48  HOH HOH A . 
G 5 HOH 49  954  49  HOH HOH A . 
G 5 HOH 50  955  50  HOH HOH A . 
G 5 HOH 51  956  51  HOH HOH A . 
G 5 HOH 52  957  52  HOH HOH A . 
G 5 HOH 53  958  53  HOH HOH A . 
G 5 HOH 54  959  54  HOH HOH A . 
G 5 HOH 55  960  55  HOH HOH A . 
G 5 HOH 56  961  56  HOH HOH A . 
G 5 HOH 57  962  57  HOH HOH A . 
G 5 HOH 58  963  58  HOH HOH A . 
G 5 HOH 59  964  59  HOH HOH A . 
G 5 HOH 60  965  60  HOH HOH A . 
G 5 HOH 61  966  61  HOH HOH A . 
G 5 HOH 62  967  62  HOH HOH A . 
G 5 HOH 63  968  63  HOH HOH A . 
G 5 HOH 64  969  64  HOH HOH A . 
G 5 HOH 65  970  65  HOH HOH A . 
G 5 HOH 66  971  66  HOH HOH A . 
G 5 HOH 67  972  67  HOH HOH A . 
G 5 HOH 68  973  68  HOH HOH A . 
G 5 HOH 69  974  69  HOH HOH A . 
G 5 HOH 70  975  70  HOH HOH A . 
G 5 HOH 71  976  71  HOH HOH A . 
G 5 HOH 72  977  72  HOH HOH A . 
G 5 HOH 73  978  73  HOH HOH A . 
G 5 HOH 74  979  74  HOH HOH A . 
G 5 HOH 75  980  75  HOH HOH A . 
G 5 HOH 76  981  76  HOH HOH A . 
G 5 HOH 77  982  77  HOH HOH A . 
G 5 HOH 78  983  78  HOH HOH A . 
G 5 HOH 79  984  79  HOH HOH A . 
G 5 HOH 80  985  80  HOH HOH A . 
G 5 HOH 81  986  81  HOH HOH A . 
G 5 HOH 82  987  82  HOH HOH A . 
G 5 HOH 83  988  83  HOH HOH A . 
G 5 HOH 84  989  84  HOH HOH A . 
G 5 HOH 85  990  85  HOH HOH A . 
G 5 HOH 86  991  86  HOH HOH A . 
G 5 HOH 87  992  87  HOH HOH A . 
G 5 HOH 88  993  88  HOH HOH A . 
G 5 HOH 89  994  89  HOH HOH A . 
G 5 HOH 90  995  90  HOH HOH A . 
G 5 HOH 91  996  91  HOH HOH A . 
G 5 HOH 92  997  92  HOH HOH A . 
G 5 HOH 93  998  93  HOH HOH A . 
G 5 HOH 94  999  94  HOH HOH A . 
G 5 HOH 95  1000 95  HOH HOH A . 
G 5 HOH 96  1001 96  HOH HOH A . 
G 5 HOH 97  1002 97  HOH HOH A . 
G 5 HOH 98  1003 98  HOH HOH A . 
G 5 HOH 99  1004 99  HOH HOH A . 
G 5 HOH 100 1005 100 HOH HOH A . 
G 5 HOH 101 1006 101 HOH HOH A . 
G 5 HOH 102 1007 102 HOH HOH A . 
G 5 HOH 103 1008 103 HOH HOH A . 
G 5 HOH 104 1009 104 HOH HOH A . 
G 5 HOH 105 1010 105 HOH HOH A . 
G 5 HOH 106 1011 106 HOH HOH A . 
G 5 HOH 107 1012 107 HOH HOH A . 
G 5 HOH 108 1013 108 HOH HOH A . 
G 5 HOH 109 1014 109 HOH HOH A . 
G 5 HOH 110 1015 110 HOH HOH A . 
G 5 HOH 111 1016 111 HOH HOH A . 
G 5 HOH 112 1017 112 HOH HOH A . 
G 5 HOH 113 1018 113 HOH HOH A . 
G 5 HOH 114 1019 114 HOH HOH A . 
G 5 HOH 115 1020 115 HOH HOH A . 
G 5 HOH 116 1021 116 HOH HOH A . 
G 5 HOH 117 1022 117 HOH HOH A . 
G 5 HOH 118 1023 118 HOH HOH A . 
G 5 HOH 119 1024 119 HOH HOH A . 
G 5 HOH 120 1025 120 HOH HOH A . 
G 5 HOH 121 1026 121 HOH HOH A . 
G 5 HOH 122 1027 122 HOH HOH A . 
G 5 HOH 123 1028 123 HOH HOH A . 
G 5 HOH 124 1029 124 HOH HOH A . 
G 5 HOH 125 1030 125 HOH HOH A . 
G 5 HOH 126 1031 126 HOH HOH A . 
G 5 HOH 127 1032 127 HOH HOH A . 
G 5 HOH 128 1033 128 HOH HOH A . 
G 5 HOH 129 1034 129 HOH HOH A . 
G 5 HOH 130 1035 130 HOH HOH A . 
G 5 HOH 131 1036 131 HOH HOH A . 
G 5 HOH 132 1037 132 HOH HOH A . 
G 5 HOH 133 1038 133 HOH HOH A . 
G 5 HOH 134 1039 134 HOH HOH A . 
G 5 HOH 135 1040 135 HOH HOH A . 
G 5 HOH 136 1041 136 HOH HOH A . 
G 5 HOH 137 1042 137 HOH HOH A . 
G 5 HOH 138 1043 138 HOH HOH A . 
G 5 HOH 139 1044 139 HOH HOH A . 
G 5 HOH 140 1045 140 HOH HOH A . 
G 5 HOH 141 1046 141 HOH HOH A . 
G 5 HOH 142 1047 142 HOH HOH A . 
G 5 HOH 143 1048 143 HOH HOH A . 
G 5 HOH 144 1049 144 HOH HOH A . 
G 5 HOH 145 1050 145 HOH HOH A . 
G 5 HOH 146 1051 146 HOH HOH A . 
G 5 HOH 147 1052 147 HOH HOH A . 
G 5 HOH 148 1053 148 HOH HOH A . 
G 5 HOH 149 1054 149 HOH HOH A . 
G 5 HOH 150 1055 150 HOH HOH A . 
G 5 HOH 151 1056 151 HOH HOH A . 
G 5 HOH 152 1057 152 HOH HOH A . 
G 5 HOH 153 1058 153 HOH HOH A . 
G 5 HOH 154 1059 154 HOH HOH A . 
G 5 HOH 155 1060 155 HOH HOH A . 
G 5 HOH 156 1061 156 HOH HOH A . 
G 5 HOH 157 1062 157 HOH HOH A . 
G 5 HOH 158 1063 158 HOH HOH A . 
G 5 HOH 159 1064 159 HOH HOH A . 
G 5 HOH 160 1065 160 HOH HOH A . 
G 5 HOH 161 1066 161 HOH HOH A . 
G 5 HOH 162 1067 162 HOH HOH A . 
G 5 HOH 163 1068 163 HOH HOH A . 
G 5 HOH 164 1069 164 HOH HOH A . 
G 5 HOH 165 1070 165 HOH HOH A . 
G 5 HOH 166 1071 166 HOH HOH A . 
G 5 HOH 167 1072 167 HOH HOH A . 
G 5 HOH 168 1073 168 HOH HOH A . 
G 5 HOH 169 1074 169 HOH HOH A . 
G 5 HOH 170 1075 170 HOH HOH A . 
G 5 HOH 171 1076 171 HOH HOH A . 
G 5 HOH 172 1077 172 HOH HOH A . 
G 5 HOH 173 1078 173 HOH HOH A . 
G 5 HOH 174 1079 174 HOH HOH A . 
G 5 HOH 175 1080 175 HOH HOH A . 
G 5 HOH 176 1081 176 HOH HOH A . 
G 5 HOH 177 1082 177 HOH HOH A . 
G 5 HOH 178 1083 178 HOH HOH A . 
G 5 HOH 179 1084 179 HOH HOH A . 
G 5 HOH 180 1085 180 HOH HOH A . 
G 5 HOH 181 1086 181 HOH HOH A . 
G 5 HOH 182 1087 182 HOH HOH A . 
G 5 HOH 183 1088 183 HOH HOH A . 
G 5 HOH 184 1089 184 HOH HOH A . 
G 5 HOH 185 1090 185 HOH HOH A . 
G 5 HOH 186 1091 186 HOH HOH A . 
G 5 HOH 187 1092 187 HOH HOH A . 
G 5 HOH 188 1093 188 HOH HOH A . 
G 5 HOH 189 1094 189 HOH HOH A . 
G 5 HOH 190 1095 190 HOH HOH A . 
G 5 HOH 191 1096 191 HOH HOH A . 
G 5 HOH 192 1097 192 HOH HOH A . 
G 5 HOH 193 1098 193 HOH HOH A . 
G 5 HOH 194 1099 194 HOH HOH A . 
G 5 HOH 195 1100 195 HOH HOH A . 
G 5 HOH 196 1101 196 HOH HOH A . 
G 5 HOH 197 1102 197 HOH HOH A . 
G 5 HOH 198 1103 198 HOH HOH A . 
G 5 HOH 199 1104 199 HOH HOH A . 
G 5 HOH 200 1105 200 HOH HOH A . 
G 5 HOH 201 1106 201 HOH HOH A . 
G 5 HOH 202 1107 202 HOH HOH A . 
G 5 HOH 203 1108 203 HOH HOH A . 
G 5 HOH 204 1109 204 HOH HOH A . 
G 5 HOH 205 1110 205 HOH HOH A . 
G 5 HOH 206 1111 206 HOH HOH A . 
G 5 HOH 207 1112 207 HOH HOH A . 
G 5 HOH 208 1113 208 HOH HOH A . 
G 5 HOH 209 1114 209 HOH HOH A . 
G 5 HOH 210 1115 210 HOH HOH A . 
G 5 HOH 211 1116 211 HOH HOH A . 
G 5 HOH 212 1117 212 HOH HOH A . 
G 5 HOH 213 1118 213 HOH HOH A . 
G 5 HOH 214 1119 214 HOH HOH A . 
G 5 HOH 215 1120 215 HOH HOH A . 
G 5 HOH 216 1121 216 HOH HOH A . 
G 5 HOH 217 1122 217 HOH HOH A . 
G 5 HOH 218 1123 218 HOH HOH A . 
G 5 HOH 219 1124 219 HOH HOH A . 
G 5 HOH 220 1125 220 HOH HOH A . 
G 5 HOH 221 1126 221 HOH HOH A . 
G 5 HOH 222 1127 222 HOH HOH A . 
G 5 HOH 223 1128 223 HOH HOH A . 
G 5 HOH 224 1129 224 HOH HOH A . 
G 5 HOH 225 1130 225 HOH HOH A . 
G 5 HOH 226 1131 226 HOH HOH A . 
G 5 HOH 227 1132 227 HOH HOH A . 
G 5 HOH 228 1133 228 HOH HOH A . 
G 5 HOH 229 1134 229 HOH HOH A . 
G 5 HOH 230 1135 230 HOH HOH A . 
G 5 HOH 231 1136 231 HOH HOH A . 
G 5 HOH 232 1137 232 HOH HOH A . 
G 5 HOH 233 1138 233 HOH HOH A . 
G 5 HOH 234 1139 234 HOH HOH A . 
G 5 HOH 235 1140 235 HOH HOH A . 
G 5 HOH 236 1141 236 HOH HOH A . 
G 5 HOH 237 1142 237 HOH HOH A . 
G 5 HOH 238 1143 238 HOH HOH A . 
G 5 HOH 239 1144 239 HOH HOH A . 
G 5 HOH 240 1145 240 HOH HOH A . 
G 5 HOH 241 1146 241 HOH HOH A . 
G 5 HOH 242 1147 242 HOH HOH A . 
# 
_pdbx_struct_assembly.id                   1 
_pdbx_struct_assembly.details              author_and_software_defined_assembly 
_pdbx_struct_assembly.method_details       PISA 
_pdbx_struct_assembly.oligomeric_details   monomeric 
_pdbx_struct_assembly.oligomeric_count     1 
# 
_pdbx_struct_assembly_gen.assembly_id       1 
_pdbx_struct_assembly_gen.oper_expression   1 
_pdbx_struct_assembly_gen.asym_id_list      A,B,C,D,E,F,G 
# 
_pdbx_struct_oper_list.id                   1 
_pdbx_struct_oper_list.type                 'identity operation' 
_pdbx_struct_oper_list.name                 1_555 
_pdbx_struct_oper_list.symmetry_operation   x,y,z 
_pdbx_struct_oper_list.matrix[1][1]         1.0000000000 
_pdbx_struct_oper_list.matrix[1][2]         0.0000000000 
_pdbx_struct_oper_list.matrix[1][3]         0.0000000000 
_pdbx_struct_oper_list.vector[1]            0.0000000000 
_pdbx_struct_oper_list.matrix[2][1]         0.0000000000 
_pdbx_struct_oper_list.matrix[2][2]         1.0000000000 
_pdbx_struct_oper_list.matrix[2][3]         0.0000000000 
_pdbx_struct_oper_list.vector[2]            0.0000000000 
_pdbx_struct_oper_list.matrix[3][1]         0.0000000000 
_pdbx_struct_oper_list.matrix[3][2]         0.0000000000 
_pdbx_struct_oper_list.matrix[3][3]         1.0000000000 
_pdbx_struct_oper_list.vector[3]            0.0000000000 
# 
loop_
_pdbx_audit_revision_history.ordinal 
_pdbx_audit_revision_history.data_content_type 
_pdbx_audit_revision_history.major_revision 
_pdbx_audit_revision_history.minor_revision 
_pdbx_audit_revision_history.revision_date 
1 'Structure model' 1 0 2008-11-11 
2 'Structure model' 1 1 2011-07-13 
3 'Structure model' 1 2 2021-10-20 
4 'Structure model' 1 3 2023-08-30 
# 
_pdbx_audit_revision_details.ordinal             1 
_pdbx_audit_revision_details.revision_ordinal    1 
_pdbx_audit_revision_details.data_content_type   'Structure model' 
_pdbx_audit_revision_details.provider            repository 
_pdbx_audit_revision_details.type                'Initial release' 
_pdbx_audit_revision_details.description         ? 
_pdbx_audit_revision_details.details             ? 
# 
loop_
_pdbx_audit_revision_group.ordinal 
_pdbx_audit_revision_group.revision_ordinal 
_pdbx_audit_revision_group.data_content_type 
_pdbx_audit_revision_group.group 
1 2 'Structure model' 'Version format compliance' 
2 3 'Structure model' 'Database references'       
3 3 'Structure model' 'Derived calculations'      
4 4 'Structure model' 'Data collection'           
5 4 'Structure model' 'Refinement description'    
# 
loop_
_pdbx_audit_revision_category.ordinal 
_pdbx_audit_revision_category.revision_ordinal 
_pdbx_audit_revision_category.data_content_type 
_pdbx_audit_revision_category.category 
1 3 'Structure model' database_2                    
2 3 'Structure model' struct_ref_seq_dif            
3 3 'Structure model' struct_site                   
4 4 'Structure model' chem_comp_atom                
5 4 'Structure model' chem_comp_bond                
6 4 'Structure model' pdbx_initial_refinement_model 
# 
loop_
_pdbx_audit_revision_item.ordinal 
_pdbx_audit_revision_item.revision_ordinal 
_pdbx_audit_revision_item.data_content_type 
_pdbx_audit_revision_item.item 
1 3 'Structure model' '_database_2.pdbx_DOI'                
2 3 'Structure model' '_database_2.pdbx_database_accession' 
3 3 'Structure model' '_struct_ref_seq_dif.details'         
4 3 'Structure model' '_struct_site.pdbx_auth_asym_id'      
5 3 'Structure model' '_struct_site.pdbx_auth_comp_id'      
6 3 'Structure model' '_struct_site.pdbx_auth_seq_id'       
# 
loop_
_software.name 
_software.classification 
_software.version 
_software.citation_id 
_software.pdbx_ordinal 
REFMAC   refinement        5.2.0019 ? 1 
HKL-2000 'data collection' .        ? 2 
HKL-2000 'data reduction'  .        ? 3 
HKL-2000 'data scaling'    .        ? 4 
AMoRE    phasing           .        ? 5 
# 
_pdbx_validate_torsion.id              1 
_pdbx_validate_torsion.PDB_model_num   1 
_pdbx_validate_torsion.auth_comp_id    ILE 
_pdbx_validate_torsion.auth_asym_id    A 
_pdbx_validate_torsion.auth_seq_id     29 
_pdbx_validate_torsion.PDB_ins_code    ? 
_pdbx_validate_torsion.label_alt_id    ? 
_pdbx_validate_torsion.phi             -102.22 
_pdbx_validate_torsion.psi             74.49 
# 
loop_
_chem_comp_atom.comp_id 
_chem_comp_atom.atom_id 
_chem_comp_atom.type_symbol 
_chem_comp_atom.pdbx_aromatic_flag 
_chem_comp_atom.pdbx_stereo_config 
_chem_comp_atom.pdbx_ordinal 
ALA N    N  N N 1   
ALA CA   C  N S 2   
ALA C    C  N N 3   
ALA O    O  N N 4   
ALA CB   C  N N 5   
ALA OXT  O  N N 6   
ALA H    H  N N 7   
ALA H2   H  N N 8   
ALA HA   H  N N 9   
ALA HB1  H  N N 10  
ALA HB2  H  N N 11  
ALA HB3  H  N N 12  
ALA HXT  H  N N 13  
ARG N    N  N N 14  
ARG CA   C  N S 15  
ARG C    C  N N 16  
ARG O    O  N N 17  
ARG CB   C  N N 18  
ARG CG   C  N N 19  
ARG CD   C  N N 20  
ARG NE   N  N N 21  
ARG CZ   C  N N 22  
ARG NH1  N  N N 23  
ARG NH2  N  N N 24  
ARG OXT  O  N N 25  
ARG H    H  N N 26  
ARG H2   H  N N 27  
ARG HA   H  N N 28  
ARG HB2  H  N N 29  
ARG HB3  H  N N 30  
ARG HG2  H  N N 31  
ARG HG3  H  N N 32  
ARG HD2  H  N N 33  
ARG HD3  H  N N 34  
ARG HE   H  N N 35  
ARG HH11 H  N N 36  
ARG HH12 H  N N 37  
ARG HH21 H  N N 38  
ARG HH22 H  N N 39  
ARG HXT  H  N N 40  
ASN N    N  N N 41  
ASN CA   C  N S 42  
ASN C    C  N N 43  
ASN O    O  N N 44  
ASN CB   C  N N 45  
ASN CG   C  N N 46  
ASN OD1  O  N N 47  
ASN ND2  N  N N 48  
ASN OXT  O  N N 49  
ASN H    H  N N 50  
ASN H2   H  N N 51  
ASN HA   H  N N 52  
ASN HB2  H  N N 53  
ASN HB3  H  N N 54  
ASN HD21 H  N N 55  
ASN HD22 H  N N 56  
ASN HXT  H  N N 57  
ASP N    N  N N 58  
ASP CA   C  N S 59  
ASP C    C  N N 60  
ASP O    O  N N 61  
ASP CB   C  N N 62  
ASP CG   C  N N 63  
ASP OD1  O  N N 64  
ASP OD2  O  N N 65  
ASP OXT  O  N N 66  
ASP H    H  N N 67  
ASP H2   H  N N 68  
ASP HA   H  N N 69  
ASP HB2  H  N N 70  
ASP HB3  H  N N 71  
ASP HD2  H  N N 72  
ASP HXT  H  N N 73  
BBF F6   F  N N 74  
BBF C6   C  Y N 75  
BBF C1   C  Y N 76  
BBF BR1  BR N N 77  
BBF C5   C  Y N 78  
BBF F5   F  N N 79  
BBF C4   C  Y N 80  
BBF F4   F  N N 81  
BBF C3   C  Y N 82  
BBF F3   F  N N 83  
BBF C2   C  Y N 84  
BBF F2   F  N N 85  
CYS N    N  N N 86  
CYS CA   C  N R 87  
CYS C    C  N N 88  
CYS O    O  N N 89  
CYS CB   C  N N 90  
CYS SG   S  N N 91  
CYS OXT  O  N N 92  
CYS H    H  N N 93  
CYS H2   H  N N 94  
CYS HA   H  N N 95  
CYS HB2  H  N N 96  
CYS HB3  H  N N 97  
CYS HG   H  N N 98  
CYS HXT  H  N N 99  
GLN N    N  N N 100 
GLN CA   C  N S 101 
GLN C    C  N N 102 
GLN O    O  N N 103 
GLN CB   C  N N 104 
GLN CG   C  N N 105 
GLN CD   C  N N 106 
GLN OE1  O  N N 107 
GLN NE2  N  N N 108 
GLN OXT  O  N N 109 
GLN H    H  N N 110 
GLN H2   H  N N 111 
GLN HA   H  N N 112 
GLN HB2  H  N N 113 
GLN HB3  H  N N 114 
GLN HG2  H  N N 115 
GLN HG3  H  N N 116 
GLN HE21 H  N N 117 
GLN HE22 H  N N 118 
GLN HXT  H  N N 119 
GLU N    N  N N 120 
GLU CA   C  N S 121 
GLU C    C  N N 122 
GLU O    O  N N 123 
GLU CB   C  N N 124 
GLU CG   C  N N 125 
GLU CD   C  N N 126 
GLU OE1  O  N N 127 
GLU OE2  O  N N 128 
GLU OXT  O  N N 129 
GLU H    H  N N 130 
GLU H2   H  N N 131 
GLU HA   H  N N 132 
GLU HB2  H  N N 133 
GLU HB3  H  N N 134 
GLU HG2  H  N N 135 
GLU HG3  H  N N 136 
GLU HE2  H  N N 137 
GLU HXT  H  N N 138 
GLY N    N  N N 139 
GLY CA   C  N N 140 
GLY C    C  N N 141 
GLY O    O  N N 142 
GLY OXT  O  N N 143 
GLY H    H  N N 144 
GLY H2   H  N N 145 
GLY HA2  H  N N 146 
GLY HA3  H  N N 147 
GLY HXT  H  N N 148 
HED C1   C  N N 149 
HED O1   O  N N 150 
HED C2   C  N N 151 
HED S3   S  N N 152 
HED S4   S  N N 153 
HED C5   C  N N 154 
HED C6   C  N N 155 
HED O6   O  N N 156 
HED H11  H  N N 157 
HED H12  H  N N 158 
HED HO1  H  N N 159 
HED H21  H  N N 160 
HED H22  H  N N 161 
HED H51  H  N N 162 
HED H52  H  N N 163 
HED H61  H  N N 164 
HED H62  H  N N 165 
HED HO6  H  N N 166 
HIS N    N  N N 167 
HIS CA   C  N S 168 
HIS C    C  N N 169 
HIS O    O  N N 170 
HIS CB   C  N N 171 
HIS CG   C  Y N 172 
HIS ND1  N  Y N 173 
HIS CD2  C  Y N 174 
HIS CE1  C  Y N 175 
HIS NE2  N  Y N 176 
HIS OXT  O  N N 177 
HIS H    H  N N 178 
HIS H2   H  N N 179 
HIS HA   H  N N 180 
HIS HB2  H  N N 181 
HIS HB3  H  N N 182 
HIS HD1  H  N N 183 
HIS HD2  H  N N 184 
HIS HE1  H  N N 185 
HIS HE2  H  N N 186 
HIS HXT  H  N N 187 
HOH O    O  N N 188 
HOH H1   H  N N 189 
HOH H2   H  N N 190 
ILE N    N  N N 191 
ILE CA   C  N S 192 
ILE C    C  N N 193 
ILE O    O  N N 194 
ILE CB   C  N S 195 
ILE CG1  C  N N 196 
ILE CG2  C  N N 197 
ILE CD1  C  N N 198 
ILE OXT  O  N N 199 
ILE H    H  N N 200 
ILE H2   H  N N 201 
ILE HA   H  N N 202 
ILE HB   H  N N 203 
ILE HG12 H  N N 204 
ILE HG13 H  N N 205 
ILE HG21 H  N N 206 
ILE HG22 H  N N 207 
ILE HG23 H  N N 208 
ILE HD11 H  N N 209 
ILE HD12 H  N N 210 
ILE HD13 H  N N 211 
ILE HXT  H  N N 212 
LEU N    N  N N 213 
LEU CA   C  N S 214 
LEU C    C  N N 215 
LEU O    O  N N 216 
LEU CB   C  N N 217 
LEU CG   C  N N 218 
LEU CD1  C  N N 219 
LEU CD2  C  N N 220 
LEU OXT  O  N N 221 
LEU H    H  N N 222 
LEU H2   H  N N 223 
LEU HA   H  N N 224 
LEU HB2  H  N N 225 
LEU HB3  H  N N 226 
LEU HG   H  N N 227 
LEU HD11 H  N N 228 
LEU HD12 H  N N 229 
LEU HD13 H  N N 230 
LEU HD21 H  N N 231 
LEU HD22 H  N N 232 
LEU HD23 H  N N 233 
LEU HXT  H  N N 234 
LYS N    N  N N 235 
LYS CA   C  N S 236 
LYS C    C  N N 237 
LYS O    O  N N 238 
LYS CB   C  N N 239 
LYS CG   C  N N 240 
LYS CD   C  N N 241 
LYS CE   C  N N 242 
LYS NZ   N  N N 243 
LYS OXT  O  N N 244 
LYS H    H  N N 245 
LYS H2   H  N N 246 
LYS HA   H  N N 247 
LYS HB2  H  N N 248 
LYS HB3  H  N N 249 
LYS HG2  H  N N 250 
LYS HG3  H  N N 251 
LYS HD2  H  N N 252 
LYS HD3  H  N N 253 
LYS HE2  H  N N 254 
LYS HE3  H  N N 255 
LYS HZ1  H  N N 256 
LYS HZ2  H  N N 257 
LYS HZ3  H  N N 258 
LYS HXT  H  N N 259 
MET N    N  N N 260 
MET CA   C  N S 261 
MET C    C  N N 262 
MET O    O  N N 263 
MET CB   C  N N 264 
MET CG   C  N N 265 
MET SD   S  N N 266 
MET CE   C  N N 267 
MET OXT  O  N N 268 
MET H    H  N N 269 
MET H2   H  N N 270 
MET HA   H  N N 271 
MET HB2  H  N N 272 
MET HB3  H  N N 273 
MET HG2  H  N N 274 
MET HG3  H  N N 275 
MET HE1  H  N N 276 
MET HE2  H  N N 277 
MET HE3  H  N N 278 
MET HXT  H  N N 279 
PHE N    N  N N 280 
PHE CA   C  N S 281 
PHE C    C  N N 282 
PHE O    O  N N 283 
PHE CB   C  N N 284 
PHE CG   C  Y N 285 
PHE CD1  C  Y N 286 
PHE CD2  C  Y N 287 
PHE CE1  C  Y N 288 
PHE CE2  C  Y N 289 
PHE CZ   C  Y N 290 
PHE OXT  O  N N 291 
PHE H    H  N N 292 
PHE H2   H  N N 293 
PHE HA   H  N N 294 
PHE HB2  H  N N 295 
PHE HB3  H  N N 296 
PHE HD1  H  N N 297 
PHE HD2  H  N N 298 
PHE HE1  H  N N 299 
PHE HE2  H  N N 300 
PHE HZ   H  N N 301 
PHE HXT  H  N N 302 
PO4 P    P  N N 303 
PO4 O1   O  N N 304 
PO4 O2   O  N N 305 
PO4 O3   O  N N 306 
PO4 O4   O  N N 307 
PRO N    N  N N 308 
PRO CA   C  N S 309 
PRO C    C  N N 310 
PRO O    O  N N 311 
PRO CB   C  N N 312 
PRO CG   C  N N 313 
PRO CD   C  N N 314 
PRO OXT  O  N N 315 
PRO H    H  N N 316 
PRO HA   H  N N 317 
PRO HB2  H  N N 318 
PRO HB3  H  N N 319 
PRO HG2  H  N N 320 
PRO HG3  H  N N 321 
PRO HD2  H  N N 322 
PRO HD3  H  N N 323 
PRO HXT  H  N N 324 
SER N    N  N N 325 
SER CA   C  N S 326 
SER C    C  N N 327 
SER O    O  N N 328 
SER CB   C  N N 329 
SER OG   O  N N 330 
SER OXT  O  N N 331 
SER H    H  N N 332 
SER H2   H  N N 333 
SER HA   H  N N 334 
SER HB2  H  N N 335 
SER HB3  H  N N 336 
SER HG   H  N N 337 
SER HXT  H  N N 338 
THR N    N  N N 339 
THR CA   C  N S 340 
THR C    C  N N 341 
THR O    O  N N 342 
THR CB   C  N R 343 
THR OG1  O  N N 344 
THR CG2  C  N N 345 
THR OXT  O  N N 346 
THR H    H  N N 347 
THR H2   H  N N 348 
THR HA   H  N N 349 
THR HB   H  N N 350 
THR HG1  H  N N 351 
THR HG21 H  N N 352 
THR HG22 H  N N 353 
THR HG23 H  N N 354 
THR HXT  H  N N 355 
TRP N    N  N N 356 
TRP CA   C  N S 357 
TRP C    C  N N 358 
TRP O    O  N N 359 
TRP CB   C  N N 360 
TRP CG   C  Y N 361 
TRP CD1  C  Y N 362 
TRP CD2  C  Y N 363 
TRP NE1  N  Y N 364 
TRP CE2  C  Y N 365 
TRP CE3  C  Y N 366 
TRP CZ2  C  Y N 367 
TRP CZ3  C  Y N 368 
TRP CH2  C  Y N 369 
TRP OXT  O  N N 370 
TRP H    H  N N 371 
TRP H2   H  N N 372 
TRP HA   H  N N 373 
TRP HB2  H  N N 374 
TRP HB3  H  N N 375 
TRP HD1  H  N N 376 
TRP HE1  H  N N 377 
TRP HE3  H  N N 378 
TRP HZ2  H  N N 379 
TRP HZ3  H  N N 380 
TRP HH2  H  N N 381 
TRP HXT  H  N N 382 
TYR N    N  N N 383 
TYR CA   C  N S 384 
TYR C    C  N N 385 
TYR O    O  N N 386 
TYR CB   C  N N 387 
TYR CG   C  Y N 388 
TYR CD1  C  Y N 389 
TYR CD2  C  Y N 390 
TYR CE1  C  Y N 391 
TYR CE2  C  Y N 392 
TYR CZ   C  Y N 393 
TYR OH   O  N N 394 
TYR OXT  O  N N 395 
TYR H    H  N N 396 
TYR H2   H  N N 397 
TYR HA   H  N N 398 
TYR HB2  H  N N 399 
TYR HB3  H  N N 400 
TYR HD1  H  N N 401 
TYR HD2  H  N N 402 
TYR HE1  H  N N 403 
TYR HE2  H  N N 404 
TYR HH   H  N N 405 
TYR HXT  H  N N 406 
VAL N    N  N N 407 
VAL CA   C  N S 408 
VAL C    C  N N 409 
VAL O    O  N N 410 
VAL CB   C  N N 411 
VAL CG1  C  N N 412 
VAL CG2  C  N N 413 
VAL OXT  O  N N 414 
VAL H    H  N N 415 
VAL H2   H  N N 416 
VAL HA   H  N N 417 
VAL HB   H  N N 418 
VAL HG11 H  N N 419 
VAL HG12 H  N N 420 
VAL HG13 H  N N 421 
VAL HG21 H  N N 422 
VAL HG22 H  N N 423 
VAL HG23 H  N N 424 
VAL HXT  H  N N 425 
# 
loop_
_chem_comp_bond.comp_id 
_chem_comp_bond.atom_id_1 
_chem_comp_bond.atom_id_2 
_chem_comp_bond.value_order 
_chem_comp_bond.pdbx_aromatic_flag 
_chem_comp_bond.pdbx_stereo_config 
_chem_comp_bond.pdbx_ordinal 
ALA N   CA   sing N N 1   
ALA N   H    sing N N 2   
ALA N   H2   sing N N 3   
ALA CA  C    sing N N 4   
ALA CA  CB   sing N N 5   
ALA CA  HA   sing N N 6   
ALA C   O    doub N N 7   
ALA C   OXT  sing N N 8   
ALA CB  HB1  sing N N 9   
ALA CB  HB2  sing N N 10  
ALA CB  HB3  sing N N 11  
ALA OXT HXT  sing N N 12  
ARG N   CA   sing N N 13  
ARG N   H    sing N N 14  
ARG N   H2   sing N N 15  
ARG CA  C    sing N N 16  
ARG CA  CB   sing N N 17  
ARG CA  HA   sing N N 18  
ARG C   O    doub N N 19  
ARG C   OXT  sing N N 20  
ARG CB  CG   sing N N 21  
ARG CB  HB2  sing N N 22  
ARG CB  HB3  sing N N 23  
ARG CG  CD   sing N N 24  
ARG CG  HG2  sing N N 25  
ARG CG  HG3  sing N N 26  
ARG CD  NE   sing N N 27  
ARG CD  HD2  sing N N 28  
ARG CD  HD3  sing N N 29  
ARG NE  CZ   sing N N 30  
ARG NE  HE   sing N N 31  
ARG CZ  NH1  sing N N 32  
ARG CZ  NH2  doub N N 33  
ARG NH1 HH11 sing N N 34  
ARG NH1 HH12 sing N N 35  
ARG NH2 HH21 sing N N 36  
ARG NH2 HH22 sing N N 37  
ARG OXT HXT  sing N N 38  
ASN N   CA   sing N N 39  
ASN N   H    sing N N 40  
ASN N   H2   sing N N 41  
ASN CA  C    sing N N 42  
ASN CA  CB   sing N N 43  
ASN CA  HA   sing N N 44  
ASN C   O    doub N N 45  
ASN C   OXT  sing N N 46  
ASN CB  CG   sing N N 47  
ASN CB  HB2  sing N N 48  
ASN CB  HB3  sing N N 49  
ASN CG  OD1  doub N N 50  
ASN CG  ND2  sing N N 51  
ASN ND2 HD21 sing N N 52  
ASN ND2 HD22 sing N N 53  
ASN OXT HXT  sing N N 54  
ASP N   CA   sing N N 55  
ASP N   H    sing N N 56  
ASP N   H2   sing N N 57  
ASP CA  C    sing N N 58  
ASP CA  CB   sing N N 59  
ASP CA  HA   sing N N 60  
ASP C   O    doub N N 61  
ASP C   OXT  sing N N 62  
ASP CB  CG   sing N N 63  
ASP CB  HB2  sing N N 64  
ASP CB  HB3  sing N N 65  
ASP CG  OD1  doub N N 66  
ASP CG  OD2  sing N N 67  
ASP OD2 HD2  sing N N 68  
ASP OXT HXT  sing N N 69  
BBF F6  C6   sing N N 70  
BBF C6  C1   doub Y N 71  
BBF C6  C5   sing Y N 72  
BBF C1  BR1  sing N N 73  
BBF C1  C2   sing Y N 74  
BBF C5  F5   sing N N 75  
BBF C5  C4   doub Y N 76  
BBF C4  F4   sing N N 77  
BBF C4  C3   sing Y N 78  
BBF C3  F3   sing N N 79  
BBF C3  C2   doub Y N 80  
BBF C2  F2   sing N N 81  
CYS N   CA   sing N N 82  
CYS N   H    sing N N 83  
CYS N   H2   sing N N 84  
CYS CA  C    sing N N 85  
CYS CA  CB   sing N N 86  
CYS CA  HA   sing N N 87  
CYS C   O    doub N N 88  
CYS C   OXT  sing N N 89  
CYS CB  SG   sing N N 90  
CYS CB  HB2  sing N N 91  
CYS CB  HB3  sing N N 92  
CYS SG  HG   sing N N 93  
CYS OXT HXT  sing N N 94  
GLN N   CA   sing N N 95  
GLN N   H    sing N N 96  
GLN N   H2   sing N N 97  
GLN CA  C    sing N N 98  
GLN CA  CB   sing N N 99  
GLN CA  HA   sing N N 100 
GLN C   O    doub N N 101 
GLN C   OXT  sing N N 102 
GLN CB  CG   sing N N 103 
GLN CB  HB2  sing N N 104 
GLN CB  HB3  sing N N 105 
GLN CG  CD   sing N N 106 
GLN CG  HG2  sing N N 107 
GLN CG  HG3  sing N N 108 
GLN CD  OE1  doub N N 109 
GLN CD  NE2  sing N N 110 
GLN NE2 HE21 sing N N 111 
GLN NE2 HE22 sing N N 112 
GLN OXT HXT  sing N N 113 
GLU N   CA   sing N N 114 
GLU N   H    sing N N 115 
GLU N   H2   sing N N 116 
GLU CA  C    sing N N 117 
GLU CA  CB   sing N N 118 
GLU CA  HA   sing N N 119 
GLU C   O    doub N N 120 
GLU C   OXT  sing N N 121 
GLU CB  CG   sing N N 122 
GLU CB  HB2  sing N N 123 
GLU CB  HB3  sing N N 124 
GLU CG  CD   sing N N 125 
GLU CG  HG2  sing N N 126 
GLU CG  HG3  sing N N 127 
GLU CD  OE1  doub N N 128 
GLU CD  OE2  sing N N 129 
GLU OE2 HE2  sing N N 130 
GLU OXT HXT  sing N N 131 
GLY N   CA   sing N N 132 
GLY N   H    sing N N 133 
GLY N   H2   sing N N 134 
GLY CA  C    sing N N 135 
GLY CA  HA2  sing N N 136 
GLY CA  HA3  sing N N 137 
GLY C   O    doub N N 138 
GLY C   OXT  sing N N 139 
GLY OXT HXT  sing N N 140 
HED C1  O1   sing N N 141 
HED C1  C2   sing N N 142 
HED C1  H11  sing N N 143 
HED C1  H12  sing N N 144 
HED O1  HO1  sing N N 145 
HED C2  S3   sing N N 146 
HED C2  H21  sing N N 147 
HED C2  H22  sing N N 148 
HED S3  S4   sing N N 149 
HED S4  C5   sing N N 150 
HED C5  C6   sing N N 151 
HED C5  H51  sing N N 152 
HED C5  H52  sing N N 153 
HED C6  O6   sing N N 154 
HED C6  H61  sing N N 155 
HED C6  H62  sing N N 156 
HED O6  HO6  sing N N 157 
HIS N   CA   sing N N 158 
HIS N   H    sing N N 159 
HIS N   H2   sing N N 160 
HIS CA  C    sing N N 161 
HIS CA  CB   sing N N 162 
HIS CA  HA   sing N N 163 
HIS C   O    doub N N 164 
HIS C   OXT  sing N N 165 
HIS CB  CG   sing N N 166 
HIS CB  HB2  sing N N 167 
HIS CB  HB3  sing N N 168 
HIS CG  ND1  sing Y N 169 
HIS CG  CD2  doub Y N 170 
HIS ND1 CE1  doub Y N 171 
HIS ND1 HD1  sing N N 172 
HIS CD2 NE2  sing Y N 173 
HIS CD2 HD2  sing N N 174 
HIS CE1 NE2  sing Y N 175 
HIS CE1 HE1  sing N N 176 
HIS NE2 HE2  sing N N 177 
HIS OXT HXT  sing N N 178 
HOH O   H1   sing N N 179 
HOH O   H2   sing N N 180 
ILE N   CA   sing N N 181 
ILE N   H    sing N N 182 
ILE N   H2   sing N N 183 
ILE CA  C    sing N N 184 
ILE CA  CB   sing N N 185 
ILE CA  HA   sing N N 186 
ILE C   O    doub N N 187 
ILE C   OXT  sing N N 188 
ILE CB  CG1  sing N N 189 
ILE CB  CG2  sing N N 190 
ILE CB  HB   sing N N 191 
ILE CG1 CD1  sing N N 192 
ILE CG1 HG12 sing N N 193 
ILE CG1 HG13 sing N N 194 
ILE CG2 HG21 sing N N 195 
ILE CG2 HG22 sing N N 196 
ILE CG2 HG23 sing N N 197 
ILE CD1 HD11 sing N N 198 
ILE CD1 HD12 sing N N 199 
ILE CD1 HD13 sing N N 200 
ILE OXT HXT  sing N N 201 
LEU N   CA   sing N N 202 
LEU N   H    sing N N 203 
LEU N   H2   sing N N 204 
LEU CA  C    sing N N 205 
LEU CA  CB   sing N N 206 
LEU CA  HA   sing N N 207 
LEU C   O    doub N N 208 
LEU C   OXT  sing N N 209 
LEU CB  CG   sing N N 210 
LEU CB  HB2  sing N N 211 
LEU CB  HB3  sing N N 212 
LEU CG  CD1  sing N N 213 
LEU CG  CD2  sing N N 214 
LEU CG  HG   sing N N 215 
LEU CD1 HD11 sing N N 216 
LEU CD1 HD12 sing N N 217 
LEU CD1 HD13 sing N N 218 
LEU CD2 HD21 sing N N 219 
LEU CD2 HD22 sing N N 220 
LEU CD2 HD23 sing N N 221 
LEU OXT HXT  sing N N 222 
LYS N   CA   sing N N 223 
LYS N   H    sing N N 224 
LYS N   H2   sing N N 225 
LYS CA  C    sing N N 226 
LYS CA  CB   sing N N 227 
LYS CA  HA   sing N N 228 
LYS C   O    doub N N 229 
LYS C   OXT  sing N N 230 
LYS CB  CG   sing N N 231 
LYS CB  HB2  sing N N 232 
LYS CB  HB3  sing N N 233 
LYS CG  CD   sing N N 234 
LYS CG  HG2  sing N N 235 
LYS CG  HG3  sing N N 236 
LYS CD  CE   sing N N 237 
LYS CD  HD2  sing N N 238 
LYS CD  HD3  sing N N 239 
LYS CE  NZ   sing N N 240 
LYS CE  HE2  sing N N 241 
LYS CE  HE3  sing N N 242 
LYS NZ  HZ1  sing N N 243 
LYS NZ  HZ2  sing N N 244 
LYS NZ  HZ3  sing N N 245 
LYS OXT HXT  sing N N 246 
MET N   CA   sing N N 247 
MET N   H    sing N N 248 
MET N   H2   sing N N 249 
MET CA  C    sing N N 250 
MET CA  CB   sing N N 251 
MET CA  HA   sing N N 252 
MET C   O    doub N N 253 
MET C   OXT  sing N N 254 
MET CB  CG   sing N N 255 
MET CB  HB2  sing N N 256 
MET CB  HB3  sing N N 257 
MET CG  SD   sing N N 258 
MET CG  HG2  sing N N 259 
MET CG  HG3  sing N N 260 
MET SD  CE   sing N N 261 
MET CE  HE1  sing N N 262 
MET CE  HE2  sing N N 263 
MET CE  HE3  sing N N 264 
MET OXT HXT  sing N N 265 
PHE N   CA   sing N N 266 
PHE N   H    sing N N 267 
PHE N   H2   sing N N 268 
PHE CA  C    sing N N 269 
PHE CA  CB   sing N N 270 
PHE CA  HA   sing N N 271 
PHE C   O    doub N N 272 
PHE C   OXT  sing N N 273 
PHE CB  CG   sing N N 274 
PHE CB  HB2  sing N N 275 
PHE CB  HB3  sing N N 276 
PHE CG  CD1  doub Y N 277 
PHE CG  CD2  sing Y N 278 
PHE CD1 CE1  sing Y N 279 
PHE CD1 HD1  sing N N 280 
PHE CD2 CE2  doub Y N 281 
PHE CD2 HD2  sing N N 282 
PHE CE1 CZ   doub Y N 283 
PHE CE1 HE1  sing N N 284 
PHE CE2 CZ   sing Y N 285 
PHE CE2 HE2  sing N N 286 
PHE CZ  HZ   sing N N 287 
PHE OXT HXT  sing N N 288 
PO4 P   O1   doub N N 289 
PO4 P   O2   sing N N 290 
PO4 P   O3   sing N N 291 
PO4 P   O4   sing N N 292 
PRO N   CA   sing N N 293 
PRO N   CD   sing N N 294 
PRO N   H    sing N N 295 
PRO CA  C    sing N N 296 
PRO CA  CB   sing N N 297 
PRO CA  HA   sing N N 298 
PRO C   O    doub N N 299 
PRO C   OXT  sing N N 300 
PRO CB  CG   sing N N 301 
PRO CB  HB2  sing N N 302 
PRO CB  HB3  sing N N 303 
PRO CG  CD   sing N N 304 
PRO CG  HG2  sing N N 305 
PRO CG  HG3  sing N N 306 
PRO CD  HD2  sing N N 307 
PRO CD  HD3  sing N N 308 
PRO OXT HXT  sing N N 309 
SER N   CA   sing N N 310 
SER N   H    sing N N 311 
SER N   H2   sing N N 312 
SER CA  C    sing N N 313 
SER CA  CB   sing N N 314 
SER CA  HA   sing N N 315 
SER C   O    doub N N 316 
SER C   OXT  sing N N 317 
SER CB  OG   sing N N 318 
SER CB  HB2  sing N N 319 
SER CB  HB3  sing N N 320 
SER OG  HG   sing N N 321 
SER OXT HXT  sing N N 322 
THR N   CA   sing N N 323 
THR N   H    sing N N 324 
THR N   H2   sing N N 325 
THR CA  C    sing N N 326 
THR CA  CB   sing N N 327 
THR CA  HA   sing N N 328 
THR C   O    doub N N 329 
THR C   OXT  sing N N 330 
THR CB  OG1  sing N N 331 
THR CB  CG2  sing N N 332 
THR CB  HB   sing N N 333 
THR OG1 HG1  sing N N 334 
THR CG2 HG21 sing N N 335 
THR CG2 HG22 sing N N 336 
THR CG2 HG23 sing N N 337 
THR OXT HXT  sing N N 338 
TRP N   CA   sing N N 339 
TRP N   H    sing N N 340 
TRP N   H2   sing N N 341 
TRP CA  C    sing N N 342 
TRP CA  CB   sing N N 343 
TRP CA  HA   sing N N 344 
TRP C   O    doub N N 345 
TRP C   OXT  sing N N 346 
TRP CB  CG   sing N N 347 
TRP CB  HB2  sing N N 348 
TRP CB  HB3  sing N N 349 
TRP CG  CD1  doub Y N 350 
TRP CG  CD2  sing Y N 351 
TRP CD1 NE1  sing Y N 352 
TRP CD1 HD1  sing N N 353 
TRP CD2 CE2  doub Y N 354 
TRP CD2 CE3  sing Y N 355 
TRP NE1 CE2  sing Y N 356 
TRP NE1 HE1  sing N N 357 
TRP CE2 CZ2  sing Y N 358 
TRP CE3 CZ3  doub Y N 359 
TRP CE3 HE3  sing N N 360 
TRP CZ2 CH2  doub Y N 361 
TRP CZ2 HZ2  sing N N 362 
TRP CZ3 CH2  sing Y N 363 
TRP CZ3 HZ3  sing N N 364 
TRP CH2 HH2  sing N N 365 
TRP OXT HXT  sing N N 366 
TYR N   CA   sing N N 367 
TYR N   H    sing N N 368 
TYR N   H2   sing N N 369 
TYR CA  C    sing N N 370 
TYR CA  CB   sing N N 371 
TYR CA  HA   sing N N 372 
TYR C   O    doub N N 373 
TYR C   OXT  sing N N 374 
TYR CB  CG   sing N N 375 
TYR CB  HB2  sing N N 376 
TYR CB  HB3  sing N N 377 
TYR CG  CD1  doub Y N 378 
TYR CG  CD2  sing Y N 379 
TYR CD1 CE1  sing Y N 380 
TYR CD1 HD1  sing N N 381 
TYR CD2 CE2  doub Y N 382 
TYR CD2 HD2  sing N N 383 
TYR CE1 CZ   doub Y N 384 
TYR CE1 HE1  sing N N 385 
TYR CE2 CZ   sing Y N 386 
TYR CE2 HE2  sing N N 387 
TYR CZ  OH   sing N N 388 
TYR OH  HH   sing N N 389 
TYR OXT HXT  sing N N 390 
VAL N   CA   sing N N 391 
VAL N   H    sing N N 392 
VAL N   H2   sing N N 393 
VAL CA  C    sing N N 394 
VAL CA  CB   sing N N 395 
VAL CA  HA   sing N N 396 
VAL C   O    doub N N 397 
VAL C   OXT  sing N N 398 
VAL CB  CG1  sing N N 399 
VAL CB  CG2  sing N N 400 
VAL CB  HB   sing N N 401 
VAL CG1 HG11 sing N N 402 
VAL CG1 HG12 sing N N 403 
VAL CG1 HG13 sing N N 404 
VAL CG2 HG21 sing N N 405 
VAL CG2 HG22 sing N N 406 
VAL CG2 HG23 sing N N 407 
VAL OXT HXT  sing N N 408 
# 
loop_
_pdbx_entity_nonpoly.entity_id 
_pdbx_entity_nonpoly.name 
_pdbx_entity_nonpoly.comp_id 
2 'PHOSPHATE ION'                      PO4 
3 1-bromo-2,3,4,5,6-pentafluorobenzene BBF 
4 '2-HYDROXYETHYL DISULFIDE'           HED 
5 water                                HOH 
# 
_pdbx_initial_refinement_model.id               1 
_pdbx_initial_refinement_model.entity_id_list   ? 
_pdbx_initial_refinement_model.type             'experimental model' 
_pdbx_initial_refinement_model.source_name      PDB 
_pdbx_initial_refinement_model.accession_code   3DMV 
_pdbx_initial_refinement_model.details          'PDB entry 3DMV' 
# 
